data_3TGQ
#
_entry.id   3TGQ
#
_cell.length_a   222.970
_cell.length_b   222.970
_cell.length_c   86.480
_cell.angle_alpha   90.00
_cell.angle_beta   90.00
_cell.angle_gamma   120.00
#
_symmetry.space_group_name_H-M   'P 65'
#
loop_
_entity.id
_entity.type
_entity.pdbx_description
1 polymer 'HIV-1 YU2 gp120'
2 non-polymer 2-acetamido-2-deoxy-beta-D-glucopyranose
3 water water
#
_entity_poly.entity_id   1
_entity_poly.type   'polypeptide(L)'
_entity_poly.pdbx_seq_one_letter_code
;VWKEATTTLFCASDAKAYDTEVHNVWATHACVPTDPNPQEVKLENVTENFNMWKNNMVEQMHEDIISLWDQSLKPCVKLT
GGSVITQACPKVSFEPIPIHYCAPAGFAILKCNDKKFNGTGPCTNVSTVQCTHGIRPVVSTQLLLNGSLAEEEIVIRSEN
FTNNAKTIIVQLNESVVINCTRPNNGGSGSGGDIRQAHCNLSKTQWENTLEQIAIKLKEQFGNNKTIIFNPSSGGDPEIV
THSFNCGGEFFYCNSTQLFTWNDTRKLNNTGRNITLPCRIKQIINMWQEVGKAMYAPPIRGQIRCSSNITGLLLTRDGGK
DTNGTEIFRPGGGDMRDNWRSELYKYKVVKIE
;
_entity_poly.pdbx_strand_id   A,B,C,D
#
# COMPACT_ATOMS: atom_id res chain seq x y z
N TRP A 2 -7.61 52.12 27.05
CA TRP A 2 -7.88 50.87 26.37
C TRP A 2 -7.84 49.67 27.32
N LYS A 3 -8.76 48.74 27.13
CA LYS A 3 -8.79 47.51 27.93
C LYS A 3 -8.67 46.26 27.07
N GLU A 4 -8.06 45.23 27.62
CA GLU A 4 -7.88 43.96 26.91
C GLU A 4 -9.18 43.15 26.88
N ALA A 5 -9.69 42.94 25.66
CA ALA A 5 -10.92 42.18 25.48
C ALA A 5 -10.70 41.01 24.54
N THR A 6 -11.65 40.07 24.55
CA THR A 6 -11.58 38.90 23.67
C THR A 6 -12.58 39.03 22.52
N THR A 7 -12.06 39.20 21.31
CA THR A 7 -12.90 39.39 20.14
C THR A 7 -12.67 38.32 19.09
N THR A 8 -13.33 38.45 17.95
CA THR A 8 -13.16 37.53 16.84
C THR A 8 -12.13 38.07 15.85
N LEU A 9 -10.90 37.58 15.97
CA LEU A 9 -9.82 38.03 15.10
C LEU A 9 -10.03 37.58 13.66
N PHE A 10 -9.38 38.26 12.73
CA PHE A 10 -9.37 37.84 11.33
C PHE A 10 -7.93 37.78 10.83
N CYS A 11 -7.60 36.70 10.13
CA CYS A 11 -6.24 36.50 9.66
C CYS A 11 -6.02 37.10 8.28
N ALA A 12 -4.79 37.56 8.03
CA ALA A 12 -4.42 38.09 6.72
C ALA A 12 -3.27 37.27 6.16
N SER A 13 -3.16 37.21 4.84
CA SER A 13 -2.14 36.38 4.21
C SER A 13 -1.86 36.80 2.77
N ASP A 14 -0.74 36.31 2.24
CA ASP A 14 -0.40 36.49 0.84
C ASP A 14 -0.55 35.17 0.10
N ALA A 15 -1.78 34.65 0.10
CA ALA A 15 -2.06 33.35 -0.50
C ALA A 15 -2.52 33.48 -1.95
N LYS A 16 -1.90 32.73 -2.84
CA LYS A 16 -2.29 32.71 -4.23
C LYS A 16 -3.42 31.70 -4.45
N ALA A 17 -4.45 32.14 -5.18
CA ALA A 17 -5.64 31.33 -5.39
C ALA A 17 -5.36 30.14 -6.32
N TYR A 18 -4.33 30.28 -7.15
CA TYR A 18 -3.99 29.22 -8.10
C TYR A 18 -3.13 28.13 -7.47
N ASP A 19 -2.44 28.46 -6.38
CA ASP A 19 -1.62 27.48 -5.70
C ASP A 19 -2.51 26.48 -4.96
N THR A 20 -2.29 25.20 -5.21
CA THR A 20 -3.09 24.15 -4.58
C THR A 20 -2.45 23.61 -3.31
N GLU A 21 -1.39 24.27 -2.86
CA GLU A 21 -0.79 23.96 -1.57
C GLU A 21 -1.81 24.34 -0.50
N VAL A 22 -2.09 23.39 0.40
CA VAL A 22 -3.21 23.49 1.33
C VAL A 22 -3.28 24.78 2.16
N HIS A 23 -2.13 25.33 2.54
CA HIS A 23 -2.11 26.57 3.31
C HIS A 23 -2.57 27.74 2.46
N ASN A 24 -2.11 27.78 1.22
CA ASN A 24 -2.54 28.80 0.28
C ASN A 24 -4.02 28.69 -0.04
N VAL A 25 -4.54 27.48 0.04
CA VAL A 25 -5.95 27.23 -0.23
C VAL A 25 -6.82 27.60 0.97
N TRP A 26 -6.34 27.26 2.16
CA TRP A 26 -7.05 27.60 3.40
C TRP A 26 -7.06 29.11 3.61
N ALA A 27 -5.96 29.76 3.26
CA ALA A 27 -5.83 31.20 3.47
C ALA A 27 -6.60 32.02 2.43
N THR A 28 -6.83 31.42 1.26
CA THR A 28 -7.67 32.06 0.26
C THR A 28 -9.14 31.83 0.57
N HIS A 29 -9.39 31.13 1.67
CA HIS A 29 -10.75 30.84 2.11
C HIS A 29 -11.07 31.51 3.43
N ALA A 30 -10.13 31.47 4.36
CA ALA A 30 -10.36 31.96 5.72
C ALA A 30 -9.61 33.25 6.04
N CYS A 31 -8.83 33.74 5.09
CA CYS A 31 -8.06 34.96 5.31
C CYS A 31 -8.33 36.06 4.29
N VAL A 32 -7.60 37.17 4.41
CA VAL A 32 -7.73 38.30 3.52
C VAL A 32 -6.36 38.77 3.04
N PRO A 33 -6.30 39.44 1.89
CA PRO A 33 -5.02 40.00 1.41
C PRO A 33 -4.46 41.02 2.39
N THR A 34 -3.16 40.90 2.69
CA THR A 34 -2.51 41.80 3.64
C THR A 34 -2.40 43.22 3.11
N ASP A 35 -2.09 44.15 3.99
CA ASP A 35 -1.89 45.54 3.62
C ASP A 35 -0.41 45.78 3.32
N PRO A 36 -0.09 46.23 2.09
CA PRO A 36 1.29 46.46 1.68
C PRO A 36 1.94 47.59 2.45
N ASN A 37 1.14 48.42 3.11
CA ASN A 37 1.65 49.52 3.91
C ASN A 37 0.97 49.60 5.28
N PRO A 38 1.34 48.70 6.20
CA PRO A 38 0.76 48.68 7.54
C PRO A 38 1.23 49.87 8.37
N GLN A 39 0.29 50.52 9.04
CA GLN A 39 0.61 51.73 9.81
C GLN A 39 0.86 51.42 11.29
N GLU A 40 2.13 51.18 11.62
CA GLU A 40 2.53 50.97 13.00
C GLU A 40 2.77 52.30 13.70
N VAL A 41 1.94 52.62 14.67
CA VAL A 41 2.05 53.89 15.39
C VAL A 41 2.62 53.70 16.80
N LYS A 42 3.82 54.22 17.03
CA LYS A 42 4.47 54.11 18.34
C LYS A 42 3.73 54.99 19.34
N LEU A 43 3.43 54.43 20.51
CA LEU A 43 2.73 55.15 21.55
C LEU A 43 3.70 55.92 22.45
N GLU A 44 3.44 57.20 22.63
CA GLU A 44 4.33 58.07 23.39
C GLU A 44 4.00 58.09 24.88
N ASN A 45 5.03 57.92 25.70
CA ASN A 45 4.91 58.02 27.16
C ASN A 45 3.94 57.02 27.77
N VAL A 46 3.78 55.86 27.12
CA VAL A 46 2.84 54.85 27.58
C VAL A 46 3.55 53.55 27.97
N THR A 47 3.16 53.00 29.12
CA THR A 47 3.67 51.70 29.57
C THR A 47 2.50 50.75 29.85
N GLU A 48 2.55 49.55 29.27
CA GLU A 48 1.45 48.61 29.34
C GLU A 48 1.90 47.26 29.91
N ASN A 49 0.95 46.51 30.44
CA ASN A 49 1.22 45.15 30.92
C ASN A 49 0.98 44.11 29.83
N PHE A 50 1.94 43.20 29.67
CA PHE A 50 1.80 42.11 28.73
C PHE A 50 1.89 40.76 29.42
N ASN A 51 1.13 39.79 28.92
CA ASN A 51 1.19 38.42 29.42
C ASN A 51 1.01 37.42 28.29
N MET A 52 2.12 36.85 27.84
CA MET A 52 2.11 35.88 26.75
C MET A 52 1.50 34.56 27.18
N TRP A 53 1.54 34.29 28.49
CA TRP A 53 1.09 33.00 29.01
C TRP A 53 -0.42 32.96 29.21
N LYS A 54 -1.07 34.10 29.05
CA LYS A 54 -2.53 34.18 29.15
C LYS A 54 -3.10 35.00 28.00
N ASN A 55 -2.50 34.86 26.82
CA ASN A 55 -2.95 35.58 25.64
C ASN A 55 -4.02 34.80 24.89
N ASN A 56 -5.09 35.49 24.50
CA ASN A 56 -6.20 34.86 23.80
C ASN A 56 -5.89 34.56 22.33
N MET A 57 -5.02 35.37 21.74
CA MET A 57 -4.66 35.22 20.33
C MET A 57 -3.97 33.89 20.08
N VAL A 58 -3.29 33.36 21.09
CA VAL A 58 -2.65 32.06 21.00
C VAL A 58 -3.73 30.99 20.82
N GLU A 59 -4.88 31.21 21.46
CA GLU A 59 -5.99 30.26 21.40
C GLU A 59 -6.65 30.28 20.03
N GLN A 60 -7.06 31.47 19.58
CA GLN A 60 -7.76 31.61 18.30
C GLN A 60 -6.89 31.19 17.13
N MET A 61 -5.58 31.38 17.25
CA MET A 61 -4.65 30.90 16.24
C MET A 61 -4.64 29.38 16.29
N HIS A 62 -4.54 28.84 17.49
CA HIS A 62 -4.47 27.40 17.70
C HIS A 62 -5.67 26.67 17.09
N GLU A 63 -6.86 27.21 17.33
CA GLU A 63 -8.08 26.62 16.77
C GLU A 63 -8.13 26.78 15.25
N ASP A 64 -7.50 27.84 14.74
CA ASP A 64 -7.43 28.06 13.31
C ASP A 64 -6.50 27.06 12.64
N ILE A 65 -5.41 26.74 13.32
CA ILE A 65 -4.46 25.75 12.80
C ILE A 65 -5.08 24.35 12.84
N ILE A 66 -5.81 24.07 13.91
CA ILE A 66 -6.53 22.80 14.03
C ILE A 66 -7.57 22.68 12.92
N SER A 67 -8.37 23.72 12.74
CA SER A 67 -9.38 23.74 11.70
C SER A 67 -8.73 23.66 10.32
N LEU A 68 -7.54 24.23 10.20
CA LEU A 68 -6.77 24.15 8.97
C LEU A 68 -6.42 22.70 8.65
N TRP A 69 -5.82 22.03 9.63
CA TRP A 69 -5.38 20.64 9.48
C TRP A 69 -6.54 19.67 9.24
N ASP A 70 -7.72 20.02 9.76
CA ASP A 70 -8.89 19.17 9.61
C ASP A 70 -9.49 19.26 8.21
N GLN A 71 -8.98 20.19 7.42
CA GLN A 71 -9.41 20.36 6.04
C GLN A 71 -8.25 20.06 5.10
N SER A 72 -7.03 20.13 5.64
CA SER A 72 -5.82 19.96 4.85
C SER A 72 -5.28 18.53 4.91
N LEU A 73 -4.80 18.13 6.08
CA LEU A 73 -4.26 16.79 6.24
C LEU A 73 -5.32 15.78 6.69
N LYS A 74 -5.92 15.11 5.71
CA LYS A 74 -6.94 14.10 5.99
C LYS A 74 -6.29 12.74 6.25
N PRO A 75 -6.39 12.26 7.50
CA PRO A 75 -5.81 10.96 7.87
C PRO A 75 -6.71 9.80 7.45
N CYS A 76 -6.09 8.66 7.13
CA CYS A 76 -6.83 7.47 6.71
C CYS A 76 -7.67 6.92 7.86
N VAL A 77 -7.09 6.95 9.06
CA VAL A 77 -7.77 6.50 10.27
C VAL A 77 -7.51 7.47 11.40
N LYS A 78 -8.57 8.02 11.98
CA LYS A 78 -8.45 8.87 13.15
C LYS A 78 -9.14 8.22 14.35
N LEU A 79 -8.39 8.05 15.43
CA LEU A 79 -8.91 7.34 16.60
C LEU A 79 -8.87 8.20 17.86
N THR A 80 -10.03 8.70 18.26
CA THR A 80 -10.17 9.40 19.53
C THR A 80 -10.95 8.52 20.51
N GLY A 81 -11.00 8.95 21.76
CA GLY A 81 -11.60 8.19 22.85
C GLY A 81 -12.82 7.34 22.53
N GLY A 82 -12.59 6.18 21.94
CA GLY A 82 -13.66 5.22 21.73
C GLY A 82 -14.36 5.32 20.39
N SER A 83 -14.11 6.40 19.66
CA SER A 83 -14.74 6.61 18.36
C SER A 83 -13.72 6.51 17.22
N VAL A 84 -14.14 5.93 16.10
CA VAL A 84 -13.25 5.70 14.96
C VAL A 84 -13.69 6.50 13.73
N ILE A 85 -12.77 7.28 13.17
CA ILE A 85 -13.07 8.05 11.97
C ILE A 85 -12.14 7.65 10.81
N THR A 86 -12.72 7.03 9.79
CA THR A 86 -11.95 6.63 8.62
C THR A 86 -12.44 7.38 7.38
N GLN A 87 -11.50 7.77 6.52
CA GLN A 87 -11.84 8.50 5.30
C GLN A 87 -10.70 8.43 4.30
N ALA A 88 -10.90 9.10 3.15
CA ALA A 88 -9.88 9.18 2.13
C ALA A 88 -8.68 9.98 2.63
N CYS A 89 -7.47 9.50 2.33
CA CYS A 89 -6.25 10.14 2.79
C CYS A 89 -5.30 10.46 1.65
N PRO A 90 -5.66 11.43 0.80
CA PRO A 90 -4.80 11.80 -0.32
C PRO A 90 -3.64 12.70 0.10
N LYS A 91 -2.45 12.41 -0.40
CA LYS A 91 -1.27 13.23 -0.11
C LYS A 91 -1.41 14.58 -0.80
N VAL A 92 -0.88 15.63 -0.18
CA VAL A 92 -0.98 16.97 -0.74
C VAL A 92 0.33 17.75 -0.59
N SER A 93 0.33 18.98 -1.11
CA SER A 93 1.46 19.88 -0.97
C SER A 93 1.39 20.57 0.38
N PHE A 94 2.44 20.43 1.17
CA PHE A 94 2.45 21.02 2.50
C PHE A 94 3.66 21.90 2.75
N GLU A 95 3.44 23.21 2.64
CA GLU A 95 4.48 24.20 2.90
C GLU A 95 3.87 25.43 3.55
N PRO A 96 4.08 25.58 4.88
CA PRO A 96 3.50 26.64 5.70
C PRO A 96 3.75 28.05 5.15
N ILE A 97 2.67 28.83 5.02
CA ILE A 97 2.78 30.21 4.57
C ILE A 97 2.58 31.15 5.75
N PRO A 98 3.23 32.33 5.72
CA PRO A 98 3.10 33.33 6.79
C PRO A 98 1.66 33.79 6.99
N ILE A 99 1.13 33.61 8.19
CA ILE A 99 -0.22 34.04 8.51
C ILE A 99 -0.20 35.28 9.41
N HIS A 100 -0.78 36.36 8.93
CA HIS A 100 -0.89 37.60 9.70
C HIS A 100 -2.21 37.64 10.44
N TYR A 101 -2.18 37.97 11.72
CA TYR A 101 -3.40 38.13 12.50
C TYR A 101 -3.66 39.60 12.81
N CYS A 102 -4.92 40.03 12.67
CA CYS A 102 -5.27 41.43 12.83
C CYS A 102 -6.47 41.63 13.74
N ALA A 103 -6.76 42.90 14.06
CA ALA A 103 -7.85 43.24 14.98
C ALA A 103 -9.02 43.90 14.25
N PRO A 104 -10.25 43.60 14.69
CA PRO A 104 -11.47 44.14 14.08
C PRO A 104 -11.70 45.61 14.47
N ALA A 105 -12.80 46.17 13.96
CA ALA A 105 -13.13 47.57 14.22
C ALA A 105 -13.49 47.81 15.69
N GLY A 106 -12.89 48.84 16.28
CA GLY A 106 -13.09 49.13 17.69
C GLY A 106 -11.99 48.49 18.52
N PHE A 107 -11.13 47.73 17.85
CA PHE A 107 -10.02 47.06 18.52
C PHE A 107 -8.69 47.37 17.84
N ALA A 108 -7.60 47.18 18.58
CA ALA A 108 -6.27 47.40 18.05
C ALA A 108 -5.27 46.48 18.73
N ILE A 109 -4.11 46.29 18.10
CA ILE A 109 -3.10 45.39 18.65
C ILE A 109 -1.90 46.16 19.17
N LEU A 110 -1.55 45.92 20.43
CA LEU A 110 -0.36 46.53 21.02
C LEU A 110 0.86 45.65 20.78
N LYS A 111 2.02 46.28 20.64
CA LYS A 111 3.26 45.56 20.37
C LYS A 111 4.40 46.09 21.23
N CYS A 112 4.96 45.22 22.08
CA CYS A 112 6.09 45.59 22.91
C CYS A 112 7.38 45.56 22.09
N ASN A 113 8.14 46.66 22.16
CA ASN A 113 9.36 46.78 21.38
C ASN A 113 10.63 46.76 22.24
N ASP A 114 10.49 46.33 23.50
CA ASP A 114 11.63 46.17 24.38
C ASP A 114 12.54 45.07 23.87
N LYS A 115 13.85 45.31 23.88
CA LYS A 115 14.82 44.37 23.33
C LYS A 115 15.20 43.27 24.32
N LYS A 116 14.70 43.37 25.55
CA LYS A 116 15.04 42.39 26.58
C LYS A 116 13.81 41.77 27.22
N PHE A 117 12.64 42.03 26.62
CA PHE A 117 11.36 41.59 27.17
C PHE A 117 11.32 40.09 27.47
N ASN A 118 11.03 39.75 28.72
CA ASN A 118 11.09 38.37 29.18
C ASN A 118 9.75 37.63 29.16
N GLY A 119 8.74 38.24 28.54
CA GLY A 119 7.44 37.60 28.40
C GLY A 119 6.35 38.23 29.24
N THR A 120 6.58 38.32 30.55
CA THR A 120 5.61 38.92 31.45
C THR A 120 6.15 40.21 32.06
N GLY A 121 5.22 41.10 32.44
CA GLY A 121 5.59 42.35 33.06
C GLY A 121 5.26 43.56 32.22
N PRO A 122 5.88 44.71 32.53
CA PRO A 122 5.67 45.99 31.85
C PRO A 122 6.56 46.17 30.63
N CYS A 123 6.25 47.19 29.83
CA CYS A 123 7.02 47.51 28.64
C CYS A 123 7.01 49.02 28.39
N THR A 124 8.16 49.58 28.08
CA THR A 124 8.29 51.03 27.92
C THR A 124 8.26 51.48 26.45
N ASN A 125 8.35 50.51 25.54
CA ASN A 125 8.32 50.81 24.11
C ASN A 125 7.16 50.10 23.41
N VAL A 126 6.02 50.77 23.35
CA VAL A 126 4.80 50.17 22.83
C VAL A 126 4.30 50.85 21.56
N SER A 127 3.92 50.05 20.57
CA SER A 127 3.35 50.57 19.33
C SER A 127 2.01 49.89 19.03
N THR A 128 1.28 50.42 18.06
CA THR A 128 0.01 49.82 17.66
C THR A 128 -0.09 49.51 16.17
N VAL A 129 0.08 48.25 15.82
CA VAL A 129 -0.04 47.79 14.44
C VAL A 129 -1.45 47.24 14.21
N GLN A 130 -1.88 47.22 12.96
CA GLN A 130 -3.20 46.69 12.64
C GLN A 130 -3.16 45.17 12.52
N CYS A 131 -2.10 44.66 11.91
CA CYS A 131 -1.96 43.22 11.71
C CYS A 131 -0.60 42.73 12.23
N THR A 132 -0.59 41.56 12.85
CA THR A 132 0.65 40.95 13.31
C THR A 132 1.48 40.49 12.11
N HIS A 133 2.77 40.26 12.34
CA HIS A 133 3.65 39.82 11.25
C HIS A 133 3.32 38.41 10.80
N GLY A 134 3.83 38.02 9.65
CA GLY A 134 3.53 36.72 9.07
C GLY A 134 4.09 35.58 9.91
N ILE A 135 3.19 34.89 10.61
CA ILE A 135 3.59 33.76 11.45
C ILE A 135 3.38 32.43 10.74
N ARG A 136 4.47 31.77 10.38
CA ARG A 136 4.40 30.44 9.79
C ARG A 136 3.99 29.44 10.85
N PRO A 137 2.81 28.83 10.69
CA PRO A 137 2.26 27.89 11.67
C PRO A 137 3.02 26.59 11.70
N VAL A 138 4.32 26.65 11.98
CA VAL A 138 5.16 25.46 11.97
C VAL A 138 4.92 24.57 13.18
N VAL A 139 4.40 23.37 12.92
CA VAL A 139 4.19 22.39 13.98
C VAL A 139 5.40 21.49 14.12
N SER A 140 6.10 21.60 15.25
CA SER A 140 7.30 20.83 15.50
C SER A 140 7.51 20.67 17.00
N THR A 141 8.44 19.80 17.37
CA THR A 141 8.76 19.58 18.78
C THR A 141 10.26 19.68 19.04
N GLN A 142 10.62 19.93 20.28
CA GLN A 142 12.00 20.10 20.70
C GLN A 142 12.71 21.33 20.10
N LEU A 143 12.55 21.51 18.79
CA LEU A 143 13.15 22.65 18.10
C LEU A 143 12.08 23.45 17.36
N LEU A 144 12.09 24.77 17.53
CA LEU A 144 11.20 25.65 16.78
C LEU A 144 11.80 25.90 15.40
N LEU A 145 10.95 26.08 14.40
CA LEU A 145 11.42 26.21 13.02
C LEU A 145 10.71 27.33 12.26
N ASN A 146 11.40 27.87 11.26
CA ASN A 146 10.87 28.92 10.38
C ASN A 146 10.22 30.08 11.14
N GLY A 147 10.80 30.47 12.27
CA GLY A 147 10.21 31.50 13.11
C GLY A 147 10.93 32.83 13.09
N SER A 148 10.61 33.68 14.07
CA SER A 148 11.23 35.00 14.16
C SER A 148 12.32 35.03 15.23
N LEU A 149 13.53 35.37 14.81
CA LEU A 149 14.67 35.44 15.72
C LEU A 149 14.56 36.66 16.64
N ALA A 150 15.25 36.58 17.78
CA ALA A 150 15.32 37.71 18.70
C ALA A 150 16.24 38.77 18.11
N GLU A 151 15.96 40.03 18.42
CA GLU A 151 16.71 41.14 17.85
C GLU A 151 18.11 41.29 18.44
N GLU A 152 18.22 41.07 19.75
CA GLU A 152 19.51 41.23 20.43
C GLU A 152 20.17 39.90 20.76
N GLU A 153 19.85 39.33 21.91
CA GLU A 153 20.47 38.10 22.37
C GLU A 153 19.44 36.98 22.52
N ILE A 154 19.89 35.84 23.06
CA ILE A 154 19.02 34.69 23.26
C ILE A 154 18.08 34.92 24.45
N VAL A 155 16.83 35.27 24.15
CA VAL A 155 15.87 35.59 25.20
C VAL A 155 15.07 34.36 25.64
N ILE A 156 15.58 33.65 26.65
CA ILE A 156 14.86 32.51 27.21
C ILE A 156 13.66 33.00 28.02
N ARG A 157 12.55 32.28 27.92
CA ARG A 157 11.32 32.68 28.60
C ARG A 157 10.57 31.50 29.21
N SER A 158 10.19 31.65 30.48
CA SER A 158 9.36 30.66 31.16
C SER A 158 8.28 31.34 31.98
N GLU A 159 7.21 30.61 32.26
CA GLU A 159 6.12 31.14 33.07
C GLU A 159 6.55 31.21 34.53
N ASN A 160 7.38 30.26 34.93
CA ASN A 160 7.87 30.18 36.30
C ASN A 160 9.16 29.35 36.31
N PHE A 161 10.30 30.02 36.32
CA PHE A 161 11.59 29.33 36.24
C PHE A 161 11.86 28.43 37.44
N THR A 162 11.39 28.84 38.62
CA THR A 162 11.53 28.02 39.81
C THR A 162 10.72 26.74 39.67
N ASN A 163 9.63 26.84 38.90
CA ASN A 163 8.82 25.68 38.56
C ASN A 163 9.47 24.88 37.43
N ASN A 164 9.91 23.67 37.75
CA ASN A 164 10.60 22.84 36.77
C ASN A 164 9.63 22.17 35.79
N ALA A 165 8.34 22.26 36.08
CA ALA A 165 7.32 21.67 35.22
C ALA A 165 6.91 22.63 34.11
N LYS A 166 7.42 23.86 34.16
CA LYS A 166 7.10 24.86 33.15
C LYS A 166 8.13 24.88 32.02
N THR A 167 7.64 24.92 30.79
CA THR A 167 8.50 24.91 29.62
C THR A 167 9.16 26.27 29.39
N ILE A 168 10.48 26.26 29.25
CA ILE A 168 11.22 27.48 28.93
C ILE A 168 11.37 27.60 27.41
N ILE A 169 10.70 28.60 26.84
CA ILE A 169 10.74 28.82 25.40
C ILE A 169 11.94 29.69 25.00
N VAL A 170 12.93 29.05 24.40
CA VAL A 170 14.16 29.73 24.00
C VAL A 170 14.01 30.41 22.65
N GLN A 171 14.34 31.70 22.59
CA GLN A 171 14.29 32.44 21.33
C GLN A 171 15.69 32.88 20.92
N LEU A 172 16.22 32.24 19.88
CA LEU A 172 17.59 32.49 19.43
C LEU A 172 17.72 33.83 18.71
N ASN A 173 18.93 34.37 18.69
CA ASN A 173 19.22 35.59 17.95
C ASN A 173 19.98 35.30 16.67
N GLU A 174 20.39 34.04 16.51
CA GLU A 174 21.00 33.55 15.28
C GLU A 174 20.43 32.18 14.95
N SER A 175 20.14 31.94 13.68
CA SER A 175 19.48 30.69 13.26
C SER A 175 20.48 29.63 12.81
N VAL A 176 20.09 28.37 12.95
CA VAL A 176 20.88 27.25 12.46
C VAL A 176 20.08 26.48 11.42
N VAL A 177 20.63 26.34 10.22
CA VAL A 177 19.93 25.68 9.13
C VAL A 177 20.12 24.17 9.15
N ILE A 178 19.03 23.44 9.26
CA ILE A 178 19.05 21.98 9.24
C ILE A 178 18.38 21.41 7.97
N ASN A 179 19.04 20.62 7.26
CA ASN A 179 18.54 20.11 5.98
C ASN A 179 18.09 18.68 6.14
N CYS A 180 16.82 18.46 5.98
CA CYS A 180 16.23 17.12 6.12
C CYS A 180 15.92 16.50 4.77
N THR A 181 16.22 15.21 4.62
CA THR A 181 16.13 14.57 3.30
C THR A 181 15.67 13.13 3.37
N ARG A 182 14.67 12.79 2.55
CA ARG A 182 14.31 11.41 2.31
C ARG A 182 14.88 11.04 0.96
N PRO A 183 16.05 10.38 0.95
CA PRO A 183 16.75 10.00 -0.29
C PRO A 183 15.84 9.22 -1.23
N ASN A 184 15.90 9.56 -2.52
CA ASN A 184 15.07 8.92 -3.53
C ASN A 184 15.21 7.40 -3.52
N ASN A 185 16.29 6.91 -4.12
CA ASN A 185 16.61 5.49 -4.14
C ASN A 185 15.50 4.61 -4.70
N GLY A 192 16.14 1.99 -0.75
CA GLY A 192 16.10 0.74 -0.02
C GLY A 192 15.01 0.74 1.05
N ASP A 193 14.96 1.81 1.84
CA ASP A 193 13.94 1.96 2.86
C ASP A 193 13.20 3.29 2.68
N ILE A 194 11.93 3.18 2.27
CA ILE A 194 11.13 4.35 1.93
C ILE A 194 10.72 5.20 3.13
N ARG A 195 10.96 4.67 4.33
CA ARG A 195 10.66 5.41 5.56
C ARG A 195 11.93 6.02 6.15
N GLN A 196 13.08 5.48 5.76
CA GLN A 196 14.36 5.96 6.28
C GLN A 196 14.73 7.31 5.69
N ALA A 197 15.06 8.26 6.57
CA ALA A 197 15.47 9.60 6.15
C ALA A 197 16.53 10.12 7.10
N HIS A 198 16.99 11.35 6.87
CA HIS A 198 18.00 11.96 7.73
C HIS A 198 18.00 13.49 7.60
N CYS A 199 18.76 14.14 8.49
CA CYS A 199 18.89 15.59 8.47
C CYS A 199 20.32 16.00 8.79
N ASN A 200 20.79 17.05 8.11
CA ASN A 200 22.15 17.54 8.34
C ASN A 200 22.21 18.99 8.80
N LEU A 201 23.05 19.25 9.78
CA LEU A 201 23.30 20.62 10.24
C LEU A 201 24.76 20.79 10.65
N SER A 202 25.20 22.03 10.75
CA SER A 202 26.59 22.32 11.11
C SER A 202 26.88 21.93 12.56
N LYS A 203 27.86 21.06 12.74
CA LYS A 203 28.21 20.54 14.06
C LYS A 203 28.80 21.61 14.96
N THR A 204 29.64 22.47 14.39
CA THR A 204 30.29 23.53 15.16
C THR A 204 29.35 24.69 15.44
N GLN A 205 28.50 24.99 14.45
CA GLN A 205 27.48 26.02 14.65
C GLN A 205 26.51 25.62 15.75
N TRP A 206 26.28 24.31 15.89
CA TRP A 206 25.32 23.82 16.89
C TRP A 206 25.90 23.83 18.30
N GLU A 207 27.19 23.54 18.43
CA GLU A 207 27.83 23.52 19.74
C GLU A 207 28.00 24.91 20.30
N ASN A 208 28.00 25.91 19.41
CA ASN A 208 28.04 27.30 19.85
C ASN A 208 26.70 27.74 20.43
N THR A 209 25.60 27.21 19.90
CA THR A 209 24.28 27.53 20.44
C THR A 209 24.11 26.96 21.84
N LEU A 210 24.49 25.70 22.01
CA LEU A 210 24.39 25.02 23.31
C LEU A 210 25.25 25.72 24.35
N GLU A 211 26.31 26.39 23.90
CA GLU A 211 27.20 27.11 24.79
C GLU A 211 26.64 28.48 25.17
N GLN A 212 26.08 29.18 24.19
CA GLN A 212 25.52 30.50 24.43
C GLN A 212 24.22 30.44 25.23
N ILE A 213 23.48 29.36 25.06
CA ILE A 213 22.27 29.14 25.84
C ILE A 213 22.61 28.85 27.30
N ALA A 214 23.66 28.04 27.50
CA ALA A 214 24.09 27.66 28.83
C ALA A 214 24.61 28.84 29.66
N ILE A 215 24.77 30.00 29.01
CA ILE A 215 25.16 31.21 29.71
C ILE A 215 23.91 31.95 30.19
N LYS A 216 22.88 31.98 29.34
CA LYS A 216 21.59 32.57 29.71
C LYS A 216 20.91 31.74 30.80
N LEU A 217 21.34 30.49 30.93
CA LEU A 217 20.81 29.61 31.96
C LEU A 217 21.56 29.78 33.28
N LYS A 218 22.73 30.39 33.20
CA LYS A 218 23.50 30.73 34.40
C LYS A 218 23.16 32.13 34.87
N GLU A 219 22.31 32.81 34.12
CA GLU A 219 21.84 34.15 34.47
C GLU A 219 20.46 34.08 35.09
N GLN A 220 19.88 32.88 35.14
CA GLN A 220 18.53 32.69 35.63
C GLN A 220 18.50 31.76 36.84
N PHE A 221 19.55 30.96 37.00
CA PHE A 221 19.61 30.01 38.11
C PHE A 221 20.87 30.15 38.96
N GLY A 222 21.74 31.09 38.58
CA GLY A 222 22.95 31.35 39.33
C GLY A 222 24.22 31.01 38.56
N ASN A 223 25.32 31.64 38.96
CA ASN A 223 26.61 31.42 38.29
C ASN A 223 27.43 30.33 38.94
N ASN A 224 26.87 29.71 39.98
CA ASN A 224 27.50 28.57 40.62
C ASN A 224 26.96 27.28 40.05
N LYS A 225 26.05 27.40 39.08
CA LYS A 225 25.40 26.24 38.44
C LYS A 225 26.19 25.71 37.26
N THR A 226 26.12 24.40 37.05
CA THR A 226 26.77 23.77 35.90
C THR A 226 25.70 23.25 34.96
N ILE A 227 25.53 23.93 33.82
CA ILE A 227 24.48 23.59 32.88
C ILE A 227 24.80 22.36 32.03
N ILE A 228 23.91 21.38 32.07
CA ILE A 228 24.07 20.15 31.30
C ILE A 228 22.83 19.85 30.46
N PHE A 229 23.04 19.44 29.22
CA PHE A 229 21.94 19.11 28.32
C PHE A 229 21.83 17.60 28.09
N ASN A 230 20.66 17.04 28.39
CA ASN A 230 20.42 15.62 28.21
C ASN A 230 19.22 15.36 27.30
N PRO A 231 19.16 14.16 26.68
CA PRO A 231 18.04 13.84 25.78
C PRO A 231 16.69 13.79 26.51
N SER A 232 15.63 13.50 25.75
CA SER A 232 14.30 13.38 26.33
C SER A 232 14.23 12.19 27.28
N SER A 233 13.55 12.38 28.41
CA SER A 233 13.41 11.32 29.40
C SER A 233 12.62 10.15 28.85
N GLY A 234 11.39 10.42 28.40
CA GLY A 234 10.53 9.39 27.86
C GLY A 234 9.18 9.94 27.45
N GLY A 235 8.33 9.06 26.94
CA GLY A 235 7.00 9.44 26.50
C GLY A 235 6.74 9.10 25.04
N ASP A 236 5.79 9.80 24.44
CA ASP A 236 5.47 9.61 23.03
C ASP A 236 6.64 10.08 22.17
N PRO A 237 6.87 9.39 21.03
CA PRO A 237 8.00 9.72 20.14
C PRO A 237 7.93 11.14 19.57
N GLU A 238 6.77 11.77 19.66
CA GLU A 238 6.62 13.14 19.22
C GLU A 238 7.47 14.09 20.06
N ILE A 239 7.55 13.82 21.35
CA ILE A 239 8.36 14.63 22.26
C ILE A 239 9.67 13.96 22.63
N VAL A 240 9.83 12.70 22.25
CA VAL A 240 11.06 11.97 22.47
C VAL A 240 12.07 12.31 21.37
N THR A 241 11.59 12.38 20.14
CA THR A 241 12.41 12.75 19.01
C THR A 241 12.05 14.16 18.54
N HIS A 242 12.83 14.71 17.62
CA HIS A 242 12.48 15.97 17.00
C HIS A 242 11.47 15.71 15.88
N SER A 243 10.19 15.72 16.24
CA SER A 243 9.14 15.47 15.27
C SER A 243 8.70 16.75 14.58
N PHE A 244 8.42 16.65 13.29
CA PHE A 244 7.93 17.77 12.51
C PHE A 244 7.28 17.28 11.23
N ASN A 245 6.92 18.22 10.35
CA ASN A 245 6.28 17.86 9.08
C ASN A 245 6.94 18.50 7.87
N CYS A 246 7.69 17.70 7.12
CA CYS A 246 8.37 18.18 5.93
C CYS A 246 7.82 17.53 4.67
N GLY A 247 7.29 18.34 3.76
CA GLY A 247 6.76 17.85 2.51
C GLY A 247 5.55 16.96 2.68
N GLY A 248 4.71 17.28 3.65
CA GLY A 248 3.50 16.52 3.91
C GLY A 248 3.78 15.21 4.61
N GLU A 249 5.02 15.01 5.04
CA GLU A 249 5.41 13.79 5.74
C GLU A 249 5.86 14.10 7.16
N PHE A 250 5.49 13.24 8.09
CA PHE A 250 5.83 13.43 9.50
C PHE A 250 7.16 12.79 9.84
N PHE A 251 8.18 13.61 9.99
CA PHE A 251 9.52 13.14 10.33
C PHE A 251 9.65 12.96 11.84
N TYR A 252 10.47 12.00 12.24
CA TYR A 252 10.73 11.75 13.65
C TYR A 252 12.24 11.65 13.89
N CYS A 253 12.92 12.78 13.82
CA CYS A 253 14.38 12.83 13.91
C CYS A 253 14.88 12.63 15.34
N ASN A 254 15.59 11.53 15.56
CA ASN A 254 16.23 11.25 16.84
C ASN A 254 17.28 12.30 17.14
N SER A 255 16.99 13.18 18.10
CA SER A 255 17.88 14.28 18.44
C SER A 255 18.74 13.97 19.67
N THR A 256 19.37 12.80 19.69
CA THR A 256 20.25 12.42 20.78
C THR A 256 21.55 13.19 20.70
N GLN A 257 22.06 13.36 19.49
CA GLN A 257 23.31 14.07 19.24
C GLN A 257 23.14 15.58 19.44
N LEU A 258 21.90 16.04 19.36
CA LEU A 258 21.60 17.46 19.57
C LEU A 258 21.55 17.81 21.06
N PHE A 259 21.24 16.82 21.89
CA PHE A 259 21.08 17.07 23.32
C PHE A 259 21.96 16.18 24.20
N THR A 260 23.25 16.19 23.91
CA THR A 260 24.25 15.57 24.78
C THR A 260 25.43 16.53 24.84
N TRP A 261 25.43 17.41 25.84
CA TRP A 261 26.38 18.51 25.88
C TRP A 261 26.87 18.86 27.28
N ASN A 262 28.13 19.31 27.34
CA ASN A 262 28.72 19.85 28.55
C ASN A 262 29.83 20.83 28.19
N ASP A 263 30.06 21.82 29.05
CA ASP A 263 31.07 22.84 28.78
C ASP A 263 32.49 22.27 28.80
N THR A 264 32.64 21.09 29.38
CA THR A 264 33.93 20.42 29.42
C THR A 264 34.05 19.39 28.30
N GLY A 271 34.34 14.99 12.94
CA GLY A 271 33.52 15.42 11.83
C GLY A 271 33.21 16.91 11.84
N ARG A 272 32.20 17.32 11.09
CA ARG A 272 31.80 18.72 11.04
C ARG A 272 30.30 18.84 10.76
N ASN A 273 29.68 17.70 10.44
CA ASN A 273 28.24 17.67 10.20
C ASN A 273 27.51 16.73 11.16
N ILE A 274 26.36 17.18 11.66
CA ILE A 274 25.52 16.35 12.51
C ILE A 274 24.40 15.72 11.70
N THR A 275 24.44 14.40 11.58
CA THR A 275 23.42 13.66 10.84
C THR A 275 22.44 12.98 11.78
N LEU A 276 21.19 13.46 11.78
CA LEU A 276 20.15 12.89 12.61
C LEU A 276 19.43 11.78 11.86
N PRO A 277 19.41 10.57 12.43
CA PRO A 277 18.65 9.47 11.84
C PRO A 277 17.14 9.74 11.96
N CYS A 278 16.46 9.79 10.82
CA CYS A 278 15.03 10.11 10.80
C CYS A 278 14.17 8.94 10.36
N ARG A 279 12.88 9.02 10.66
CA ARG A 279 11.93 7.97 10.29
C ARG A 279 10.58 8.56 9.92
N ILE A 280 10.16 8.35 8.67
CA ILE A 280 8.83 8.74 8.24
C ILE A 280 7.80 7.78 8.83
N LYS A 281 6.96 8.28 9.72
CA LYS A 281 5.97 7.45 10.39
C LYS A 281 4.57 7.66 9.83
N GLN A 282 3.81 6.57 9.71
CA GLN A 282 2.43 6.65 9.25
C GLN A 282 1.49 6.99 10.39
N ILE A 283 1.68 6.34 11.54
CA ILE A 283 0.82 6.56 12.70
C ILE A 283 1.31 7.73 13.54
N ILE A 284 0.45 8.72 13.74
CA ILE A 284 0.84 9.93 14.45
C ILE A 284 -0.02 10.11 15.68
N ASN A 285 0.60 10.52 16.78
CA ASN A 285 -0.12 10.96 17.97
C ASN A 285 -0.53 12.42 17.78
N MET A 286 -1.82 12.65 17.55
CA MET A 286 -2.33 13.98 17.22
C MET A 286 -2.03 15.02 18.30
N TRP A 287 -1.87 16.27 17.87
CA TRP A 287 -1.59 17.37 18.77
C TRP A 287 -2.85 18.21 19.00
N GLN A 288 -3.77 18.17 18.03
CA GLN A 288 -5.03 18.90 18.15
C GLN A 288 -5.80 18.41 19.37
N GLU A 289 -5.87 17.09 19.50
CA GLU A 289 -6.56 16.46 20.63
C GLU A 289 -5.88 15.13 20.96
N VAL A 290 -6.30 14.52 22.06
CA VAL A 290 -5.74 13.24 22.47
C VAL A 290 -6.26 12.10 21.58
N GLY A 291 -5.33 11.43 20.89
CA GLY A 291 -5.71 10.35 20.01
C GLY A 291 -4.61 9.97 19.04
N LYS A 292 -4.96 9.14 18.06
CA LYS A 292 -4.00 8.67 17.07
C LYS A 292 -4.54 8.81 15.66
N ALA A 293 -3.64 9.07 14.70
CA ALA A 293 -4.03 9.27 13.31
C ALA A 293 -3.15 8.46 12.37
N MET A 294 -3.75 7.97 11.29
CA MET A 294 -3.02 7.18 10.31
C MET A 294 -3.05 7.83 8.93
N TYR A 295 -1.88 7.91 8.30
CA TYR A 295 -1.77 8.46 6.96
C TYR A 295 -1.17 7.44 6.00
N ALA A 296 -1.35 7.68 4.71
CA ALA A 296 -0.85 6.80 3.67
C ALA A 296 0.67 6.66 3.73
N PRO A 297 1.22 5.55 3.19
CA PRO A 297 2.67 5.35 3.12
C PRO A 297 3.35 6.52 2.39
N PRO A 298 4.60 6.83 2.78
CA PRO A 298 5.37 7.94 2.22
C PRO A 298 5.41 7.96 0.69
N ILE A 299 5.44 9.16 0.12
CA ILE A 299 5.38 9.32 -1.33
C ILE A 299 6.69 8.94 -2.03
N ARG A 300 6.71 9.12 -3.35
CA ARG A 300 7.88 8.77 -4.14
C ARG A 300 8.76 9.98 -4.46
N GLY A 301 10.00 9.71 -4.83
CA GLY A 301 10.95 10.77 -5.12
C GLY A 301 11.66 11.24 -3.88
N GLN A 302 12.28 12.40 -3.96
CA GLN A 302 13.00 12.97 -2.82
C GLN A 302 12.16 14.03 -2.10
N ILE A 303 11.91 13.78 -0.82
CA ILE A 303 11.22 14.75 0.03
C ILE A 303 12.27 15.52 0.82
N ARG A 304 12.29 16.84 0.62
CA ARG A 304 13.36 17.64 1.20
C ARG A 304 12.93 19.09 1.38
N CYS A 305 13.30 19.67 2.51
CA CYS A 305 13.02 21.09 2.77
C CYS A 305 13.96 21.68 3.82
N SER A 306 14.66 22.75 3.46
CA SER A 306 15.58 23.40 4.39
C SER A 306 14.84 24.27 5.39
N SER A 307 15.15 24.09 6.68
CA SER A 307 14.47 24.82 7.74
C SER A 307 15.42 25.60 8.64
N ASN A 308 14.91 26.67 9.25
CA ASN A 308 15.70 27.51 10.14
C ASN A 308 15.31 27.33 11.59
N ILE A 309 16.22 26.76 12.39
CA ILE A 309 15.99 26.59 13.82
C ILE A 309 16.13 27.93 14.53
N THR A 310 15.00 28.60 14.76
CA THR A 310 15.02 29.94 15.35
C THR A 310 14.70 29.94 16.84
N GLY A 311 14.31 28.79 17.37
CA GLY A 311 13.95 28.68 18.77
C GLY A 311 13.93 27.26 19.30
N LEU A 312 13.78 27.14 20.62
CA LEU A 312 13.77 25.83 21.27
C LEU A 312 12.61 25.67 22.27
N LEU A 313 12.41 24.44 22.72
CA LEU A 313 11.42 24.13 23.75
C LEU A 313 11.99 23.10 24.71
N LEU A 314 12.65 23.57 25.77
CA LEU A 314 13.27 22.68 26.74
C LEU A 314 12.49 22.65 28.05
N THR A 315 12.96 21.83 28.99
CA THR A 315 12.41 21.79 30.34
C THR A 315 13.55 21.62 31.33
N ARG A 316 13.24 21.78 32.62
CA ARG A 316 14.23 21.59 33.67
C ARG A 316 13.81 20.47 34.61
N ASP A 317 14.78 19.69 35.07
CA ASP A 317 14.50 18.59 35.99
C ASP A 317 14.24 19.12 37.40
N GLY A 318 15.28 19.66 38.02
CA GLY A 318 15.17 20.19 39.36
C GLY A 318 14.99 19.10 40.40
N GLY A 319 14.21 19.40 41.43
CA GLY A 319 13.96 18.44 42.50
C GLY A 319 15.18 18.20 43.38
N ASN A 323 21.31 19.55 43.47
CA ASN A 323 21.86 20.85 43.83
C ASN A 323 23.16 21.16 43.10
N GLY A 324 23.23 22.33 42.49
CA GLY A 324 24.42 22.74 41.76
C GLY A 324 24.35 22.40 40.28
N THR A 325 24.09 21.12 39.99
CA THR A 325 24.02 20.66 38.61
C THR A 325 22.60 20.73 38.06
N GLU A 326 22.40 21.53 37.02
CA GLU A 326 21.09 21.67 36.40
C GLU A 326 21.05 20.96 35.06
N ILE A 327 20.12 20.02 34.92
CA ILE A 327 19.96 19.26 33.69
C ILE A 327 18.75 19.74 32.89
N PHE A 328 18.97 20.02 31.61
CA PHE A 328 17.90 20.49 30.74
C PHE A 328 17.67 19.54 29.57
N ARG A 329 16.42 19.15 29.38
CA ARG A 329 16.05 18.18 28.35
C ARG A 329 15.05 18.81 27.38
N PRO A 330 15.02 18.31 26.13
CA PRO A 330 14.08 18.85 25.14
C PRO A 330 12.64 18.54 25.51
N GLY A 331 11.75 19.52 25.36
CA GLY A 331 10.35 19.34 25.68
C GLY A 331 9.45 19.40 24.47
N GLY A 332 8.33 20.09 24.61
CA GLY A 332 7.37 20.23 23.52
C GLY A 332 6.06 19.53 23.85
N GLY A 333 5.18 19.42 22.85
CA GLY A 333 3.90 18.78 23.04
C GLY A 333 2.74 19.74 22.86
N ASP A 334 2.72 20.80 23.66
CA ASP A 334 1.67 21.80 23.59
C ASP A 334 2.00 22.81 22.49
N MET A 335 1.27 22.73 21.38
CA MET A 335 1.54 23.59 20.22
C MET A 335 1.16 25.05 20.47
N ARG A 336 0.56 25.32 21.62
CA ARG A 336 0.32 26.70 22.03
C ARG A 336 1.66 27.38 22.31
N ASP A 337 2.61 26.63 22.86
CA ASP A 337 3.96 27.12 23.08
C ASP A 337 4.59 27.55 21.77
N ASN A 338 4.27 26.84 20.70
CA ASN A 338 4.74 27.21 19.37
C ASN A 338 4.21 28.58 18.92
N TRP A 339 2.96 28.88 19.27
CA TRP A 339 2.37 30.14 18.89
C TRP A 339 2.84 31.29 19.79
N ARG A 340 3.09 30.98 21.06
CA ARG A 340 3.49 32.00 22.03
C ARG A 340 4.85 32.62 21.72
N SER A 341 5.76 31.82 21.18
CA SER A 341 7.09 32.29 20.81
C SER A 341 7.04 33.31 19.67
N GLU A 342 5.87 33.41 19.03
CA GLU A 342 5.66 34.39 17.98
C GLU A 342 4.64 35.43 18.43
N LEU A 343 3.69 35.00 19.25
CA LEU A 343 2.62 35.88 19.72
C LEU A 343 2.82 36.35 21.17
N TYR A 344 4.08 36.64 21.54
CA TYR A 344 4.36 37.12 22.88
C TYR A 344 4.37 38.64 22.96
N LYS A 345 4.91 39.28 21.91
CA LYS A 345 5.02 40.73 21.87
C LYS A 345 3.75 41.38 21.32
N TYR A 346 2.60 40.84 21.70
CA TYR A 346 1.33 41.33 21.19
C TYR A 346 0.19 41.16 22.21
N LYS A 347 -0.87 41.95 22.02
CA LYS A 347 -2.10 41.81 22.78
C LYS A 347 -3.24 42.57 22.10
N VAL A 348 -4.47 42.16 22.34
CA VAL A 348 -5.63 42.86 21.79
C VAL A 348 -6.25 43.80 22.81
N VAL A 349 -6.47 45.05 22.41
CA VAL A 349 -7.12 46.02 23.27
C VAL A 349 -8.32 46.65 22.56
N LYS A 350 -9.32 47.04 23.34
CA LYS A 350 -10.50 47.69 22.79
C LYS A 350 -10.40 49.20 22.94
N ILE A 351 -10.43 49.90 21.81
CA ILE A 351 -10.34 51.36 21.82
C ILE A 351 -11.69 51.98 22.16
N GLU A 352 -11.91 52.22 23.45
CA GLU A 352 -13.12 52.85 23.96
C GLU A 352 -14.39 52.05 23.65
N TRP B 2 9.58 -13.74 -36.00
CA TRP B 2 8.88 -12.56 -35.49
C TRP B 2 9.08 -11.35 -36.41
N LYS B 3 8.03 -10.57 -36.58
CA LYS B 3 8.09 -9.35 -37.38
C LYS B 3 7.70 -8.12 -36.57
N GLU B 4 8.30 -6.97 -36.91
CA GLU B 4 8.01 -5.72 -36.22
C GLU B 4 6.68 -5.13 -36.67
N ALA B 5 5.74 -5.03 -35.74
CA ALA B 5 4.42 -4.48 -36.03
C ALA B 5 4.10 -3.31 -35.11
N THR B 6 3.09 -2.53 -35.49
CA THR B 6 2.65 -1.40 -34.69
C THR B 6 1.34 -1.71 -33.98
N THR B 7 1.41 -1.83 -32.65
CA THR B 7 0.24 -2.18 -31.86
C THR B 7 -0.10 -1.11 -30.82
N THR B 8 -1.10 -1.39 -30.01
CA THR B 8 -1.49 -0.48 -28.93
C THR B 8 -0.82 -0.88 -27.62
N LEU B 9 0.29 -0.21 -27.30
CA LEU B 9 1.04 -0.50 -26.09
C LEU B 9 0.25 -0.12 -24.84
N PHE B 10 0.62 -0.73 -23.71
CA PHE B 10 0.05 -0.35 -22.43
C PHE B 10 1.19 -0.08 -21.44
N CYS B 11 1.07 1.02 -20.71
CA CYS B 11 2.12 1.42 -19.77
C CYS B 11 1.91 0.83 -18.38
N ALA B 12 3.01 0.55 -17.71
CA ALA B 12 2.98 0.06 -16.33
C ALA B 12 3.71 1.03 -15.42
N SER B 13 3.32 1.06 -14.15
CA SER B 13 3.91 2.02 -13.22
C SER B 13 3.71 1.62 -11.76
N ASP B 14 4.46 2.27 -10.88
CA ASP B 14 4.31 2.10 -9.44
C ASP B 14 3.68 3.36 -8.86
N ALA B 15 2.47 3.68 -9.31
CA ALA B 15 1.80 4.90 -8.89
C ALA B 15 0.87 4.66 -7.71
N LYS B 16 1.00 5.48 -6.68
CA LYS B 16 0.14 5.40 -5.52
C LYS B 16 -1.13 6.21 -5.75
N ALA B 17 -2.27 5.59 -5.44
CA ALA B 17 -3.57 6.22 -5.69
C ALA B 17 -3.83 7.39 -4.76
N TYR B 18 -3.17 7.40 -3.61
CA TYR B 18 -3.37 8.47 -2.64
C TYR B 18 -2.52 9.70 -2.95
N ASP B 19 -1.44 9.51 -3.70
CA ASP B 19 -0.59 10.63 -4.08
C ASP B 19 -1.29 11.49 -5.12
N THR B 20 -1.39 12.79 -4.84
CA THR B 20 -2.05 13.72 -5.75
C THR B 20 -1.08 14.38 -6.72
N GLU B 21 0.15 13.90 -6.74
CA GLU B 21 1.12 14.34 -7.73
C GLU B 21 0.64 13.84 -9.09
N VAL B 22 0.55 14.75 -10.05
CA VAL B 22 -0.13 14.50 -11.33
C VAL B 22 0.31 13.24 -12.08
N HIS B 23 1.59 12.90 -12.00
CA HIS B 23 2.08 11.69 -12.68
C HIS B 23 1.52 10.45 -12.01
N ASN B 24 1.52 10.44 -10.69
CA ASN B 24 0.93 9.35 -9.93
C ASN B 24 -0.56 9.21 -10.18
N VAL B 25 -1.20 10.33 -10.47
CA VAL B 25 -2.63 10.35 -10.74
C VAL B 25 -2.94 9.88 -12.16
N TRP B 26 -2.12 10.31 -13.11
CA TRP B 26 -2.27 9.91 -14.51
C TRP B 26 -1.97 8.42 -14.67
N ALA B 27 -0.99 7.94 -13.91
CA ALA B 27 -0.56 6.55 -14.02
C ALA B 27 -1.51 5.59 -13.30
N THR B 28 -2.25 6.11 -12.32
CA THR B 28 -3.29 5.32 -11.66
C THR B 28 -4.56 5.32 -12.50
N HIS B 29 -4.50 6.00 -13.64
CA HIS B 29 -5.64 6.11 -14.54
C HIS B 29 -5.35 5.42 -15.87
N ALA B 30 -4.14 5.64 -16.40
CA ALA B 30 -3.79 5.15 -17.73
C ALA B 30 -2.79 4.00 -17.72
N CYS B 31 -2.34 3.60 -16.54
CA CYS B 31 -1.35 2.53 -16.43
C CYS B 31 -1.81 1.38 -15.53
N VAL B 32 -0.93 0.42 -15.35
CA VAL B 32 -1.21 -0.76 -14.54
C VAL B 32 -0.03 -1.01 -13.58
N PRO B 33 -0.29 -1.71 -12.47
CA PRO B 33 0.80 -2.08 -11.55
C PRO B 33 1.84 -2.96 -12.22
N THR B 34 3.11 -2.63 -12.03
CA THR B 34 4.20 -3.39 -12.65
C THR B 34 4.32 -4.80 -12.08
N ASP B 35 5.07 -5.64 -12.76
CA ASP B 35 5.34 -7.00 -12.28
C ASP B 35 6.62 -7.00 -11.47
N PRO B 36 6.54 -7.44 -10.21
CA PRO B 36 7.70 -7.45 -9.31
C PRO B 36 8.77 -8.46 -9.76
N ASN B 37 8.38 -9.37 -10.64
CA ASN B 37 9.32 -10.36 -11.17
C ASN B 37 9.20 -10.51 -12.68
N PRO B 38 9.73 -9.53 -13.43
CA PRO B 38 9.69 -9.56 -14.90
C PRO B 38 10.60 -10.65 -15.45
N GLN B 39 10.08 -11.43 -16.41
CA GLN B 39 10.83 -12.54 -16.97
C GLN B 39 11.55 -12.16 -18.26
N GLU B 40 12.80 -11.72 -18.13
CA GLU B 40 13.64 -11.40 -19.28
C GLU B 40 14.33 -12.67 -19.79
N VAL B 41 13.97 -13.08 -21.00
CA VAL B 41 14.52 -14.29 -21.59
C VAL B 41 15.52 -13.97 -22.69
N LYS B 42 16.78 -14.29 -22.46
CA LYS B 42 17.82 -14.05 -23.45
C LYS B 42 17.66 -15.01 -24.63
N LEU B 43 17.72 -14.46 -25.84
CA LEU B 43 17.56 -15.26 -27.04
C LEU B 43 18.90 -15.84 -27.50
N GLU B 44 18.93 -17.15 -27.72
CA GLU B 44 20.16 -17.84 -28.08
C GLU B 44 20.39 -17.88 -29.59
N ASN B 45 21.60 -17.52 -30.00
CA ASN B 45 22.03 -17.61 -31.39
C ASN B 45 21.21 -16.75 -32.35
N VAL B 46 20.65 -15.65 -31.83
CA VAL B 46 19.80 -14.79 -32.63
C VAL B 46 20.38 -13.38 -32.78
N THR B 47 20.36 -12.86 -34.00
CA THR B 47 20.79 -11.48 -34.27
C THR B 47 19.68 -10.73 -35.00
N GLU B 48 19.32 -9.56 -34.46
CA GLU B 48 18.19 -8.79 -34.96
C GLU B 48 18.59 -7.37 -35.37
N ASN B 49 17.79 -6.76 -36.23
CA ASN B 49 18.00 -5.37 -36.63
C ASN B 49 17.22 -4.40 -35.74
N PHE B 50 17.92 -3.36 -35.27
CA PHE B 50 17.27 -2.33 -34.47
C PHE B 50 17.39 -0.96 -35.12
N ASN B 51 16.37 -0.14 -34.96
CA ASN B 51 16.39 1.23 -35.45
C ASN B 51 15.66 2.16 -34.50
N MET B 52 16.43 2.88 -33.69
CA MET B 52 15.88 3.80 -32.70
C MET B 52 15.27 5.03 -33.37
N TRP B 53 15.73 5.33 -34.58
CA TRP B 53 15.31 6.55 -35.27
C TRP B 53 13.98 6.37 -36.01
N LYS B 54 13.51 5.13 -36.06
CA LYS B 54 12.22 4.83 -36.66
C LYS B 54 11.40 3.90 -35.78
N ASN B 55 11.51 4.10 -34.47
CA ASN B 55 10.78 3.28 -33.50
C ASN B 55 9.40 3.87 -33.22
N ASN B 56 8.39 3.00 -33.22
CA ASN B 56 7.02 3.44 -32.99
C ASN B 56 6.72 3.73 -31.52
N MET B 57 7.44 3.06 -30.63
CA MET B 57 7.23 3.23 -29.19
C MET B 57 7.57 4.64 -28.74
N VAL B 58 8.47 5.29 -29.47
CA VAL B 58 8.82 6.68 -29.19
C VAL B 58 7.61 7.56 -29.45
N GLU B 59 6.82 7.18 -30.45
CA GLU B 59 5.62 7.94 -30.82
C GLU B 59 4.52 7.78 -29.78
N GLN B 60 4.17 6.53 -29.47
CA GLN B 60 3.09 6.25 -28.53
C GLN B 60 3.40 6.76 -27.13
N MET B 61 4.68 6.79 -26.77
CA MET B 61 5.09 7.38 -25.51
C MET B 61 4.89 8.88 -25.59
N HIS B 62 5.32 9.47 -26.70
CA HIS B 62 5.24 10.90 -26.91
C HIS B 62 3.81 11.42 -26.79
N GLU B 63 2.87 10.71 -27.42
CA GLU B 63 1.47 11.08 -27.37
C GLU B 63 0.90 10.88 -25.97
N ASP B 64 1.45 9.92 -25.25
CA ASP B 64 1.03 9.66 -23.87
C ASP B 64 1.49 10.78 -22.94
N ILE B 65 2.69 11.30 -23.19
CA ILE B 65 3.22 12.40 -22.40
C ILE B 65 2.46 13.68 -22.70
N ILE B 66 2.13 13.88 -23.97
CA ILE B 66 1.31 15.02 -24.38
C ILE B 66 -0.07 14.95 -23.73
N SER B 67 -0.71 13.79 -23.81
CA SER B 67 -2.01 13.58 -23.20
C SER B 67 -1.93 13.73 -21.69
N LEU B 68 -0.78 13.36 -21.13
CA LEU B 68 -0.54 13.51 -19.70
C LEU B 68 -0.55 14.99 -19.33
N TRP B 69 0.25 15.77 -20.04
CA TRP B 69 0.38 17.20 -19.79
C TRP B 69 -0.92 17.98 -20.02
N ASP B 70 -1.76 17.47 -20.92
CA ASP B 70 -3.03 18.12 -21.23
C ASP B 70 -4.06 17.90 -20.13
N GLN B 71 -3.74 17.03 -19.19
CA GLN B 71 -4.61 16.76 -18.05
C GLN B 71 -3.93 17.22 -16.77
N SER B 72 -2.61 17.35 -16.82
CA SER B 72 -1.81 17.68 -15.65
C SER B 72 -1.52 19.18 -15.56
N LEU B 73 -0.71 19.68 -16.48
CA LEU B 73 -0.35 21.10 -16.49
C LEU B 73 -1.33 21.94 -17.32
N LYS B 74 -2.34 22.49 -16.64
CA LYS B 74 -3.33 23.33 -17.30
C LYS B 74 -2.85 24.77 -17.36
N PRO B 75 -2.56 25.28 -18.57
CA PRO B 75 -2.10 26.65 -18.74
C PRO B 75 -3.26 27.65 -18.72
N CYS B 76 -2.99 28.85 -18.24
CA CYS B 76 -4.00 29.91 -18.14
C CYS B 76 -4.44 30.35 -19.54
N VAL B 77 -3.48 30.45 -20.44
CA VAL B 77 -3.73 30.82 -21.83
C VAL B 77 -2.93 29.93 -22.76
N LYS B 78 -3.61 29.24 -23.67
CA LYS B 78 -2.94 28.46 -24.69
C LYS B 78 -3.24 29.02 -26.07
N LEU B 79 -2.19 29.34 -26.82
CA LEU B 79 -2.36 29.98 -28.12
C LEU B 79 -1.73 29.18 -29.25
N THR B 80 -2.58 28.52 -30.03
CA THR B 80 -2.13 27.84 -31.24
C THR B 80 -2.64 28.60 -32.46
N GLY B 81 -2.18 28.20 -33.64
CA GLY B 81 -2.47 28.88 -34.89
C GLY B 81 -3.84 29.52 -35.04
N GLY B 82 -4.00 30.70 -34.47
CA GLY B 82 -5.20 31.49 -34.67
C GLY B 82 -6.32 31.24 -33.68
N SER B 83 -6.18 30.19 -32.87
CA SER B 83 -7.20 29.86 -31.88
C SER B 83 -6.69 30.08 -30.46
N VAL B 84 -7.57 30.54 -29.58
CA VAL B 84 -7.20 30.87 -28.21
C VAL B 84 -7.92 29.99 -27.20
N ILE B 85 -7.17 29.35 -26.31
CA ILE B 85 -7.74 28.51 -25.28
C ILE B 85 -7.37 29.01 -23.89
N THR B 86 -8.37 29.52 -23.15
CA THR B 86 -8.15 30.00 -21.79
C THR B 86 -8.93 29.15 -20.79
N GLN B 87 -8.33 28.89 -19.64
CA GLN B 87 -8.96 28.08 -18.61
C GLN B 87 -8.30 28.29 -17.26
N ALA B 88 -8.77 27.56 -16.26
CA ALA B 88 -8.20 27.61 -14.92
C ALA B 88 -6.78 27.02 -14.93
N CYS B 89 -5.86 27.69 -14.23
CA CYS B 89 -4.48 27.25 -14.20
C CYS B 89 -3.96 27.06 -12.78
N PRO B 90 -4.45 26.02 -12.09
CA PRO B 90 -4.01 25.76 -10.72
C PRO B 90 -2.65 25.06 -10.67
N LYS B 91 -1.77 25.53 -9.79
CA LYS B 91 -0.46 24.91 -9.60
C LYS B 91 -0.63 23.53 -8.98
N VAL B 92 0.25 22.59 -9.32
CA VAL B 92 0.17 21.24 -8.79
C VAL B 92 1.54 20.67 -8.43
N SER B 93 1.53 19.45 -7.92
CA SER B 93 2.77 18.74 -7.60
C SER B 93 3.29 18.08 -8.86
N PHE B 94 4.53 18.40 -9.22
CA PHE B 94 5.11 17.87 -10.45
C PHE B 94 6.45 17.18 -10.21
N GLU B 95 6.42 15.85 -10.15
CA GLU B 95 7.62 15.05 -9.99
C GLU B 95 7.49 13.76 -10.78
N PRO B 96 8.19 13.68 -11.92
CA PRO B 96 8.11 12.56 -12.87
C PRO B 96 8.36 11.20 -12.23
N ILE B 97 7.44 10.26 -12.47
CA ILE B 97 7.60 8.90 -11.97
C ILE B 97 7.98 7.97 -13.12
N PRO B 98 8.75 6.91 -12.82
CA PRO B 98 9.18 5.94 -13.83
C PRO B 98 7.99 5.26 -14.51
N ILE B 99 7.92 5.39 -15.84
CA ILE B 99 6.86 4.75 -16.61
C ILE B 99 7.40 3.57 -17.40
N HIS B 100 6.85 2.38 -17.13
CA HIS B 100 7.23 1.18 -17.84
C HIS B 100 6.28 0.95 -19.01
N TYR B 101 6.83 0.66 -20.19
CA TYR B 101 6.01 0.33 -21.35
C TYR B 101 6.11 -1.15 -21.69
N CYS B 102 4.97 -1.77 -21.99
CA CYS B 102 4.93 -3.21 -22.22
C CYS B 102 4.18 -3.58 -23.51
N ALA B 103 4.24 -4.85 -23.87
CA ALA B 103 3.61 -5.33 -25.10
C ALA B 103 2.38 -6.19 -24.83
N PRO B 104 1.36 -6.07 -25.69
CA PRO B 104 0.10 -6.82 -25.55
C PRO B 104 0.24 -8.29 -25.95
N ALA B 105 -0.85 -9.04 -25.85
CA ALA B 105 -0.85 -10.46 -26.18
C ALA B 105 -0.61 -10.71 -27.66
N GLY B 106 0.32 -11.62 -27.96
CA GLY B 106 0.69 -11.90 -29.33
C GLY B 106 1.90 -11.08 -29.73
N PHE B 107 2.34 -10.21 -28.83
CA PHE B 107 3.48 -9.35 -29.07
C PHE B 107 4.51 -9.47 -27.95
N ALA B 108 5.75 -9.09 -28.25
CA ALA B 108 6.82 -9.12 -27.26
C ALA B 108 7.84 -8.03 -27.57
N ILE B 109 8.65 -7.68 -26.57
CA ILE B 109 9.64 -6.63 -26.74
C ILE B 109 11.06 -7.19 -26.77
N LEU B 110 11.79 -6.85 -27.82
CA LEU B 110 13.19 -7.26 -27.93
C LEU B 110 14.09 -6.20 -27.29
N LYS B 111 15.20 -6.65 -26.73
CA LYS B 111 16.13 -5.75 -26.05
C LYS B 111 17.58 -6.06 -26.42
N CYS B 112 18.26 -5.10 -27.02
CA CYS B 112 19.66 -5.27 -27.39
C CYS B 112 20.55 -5.06 -26.15
N ASN B 113 21.43 -6.02 -25.91
CA ASN B 113 22.30 -5.96 -24.74
C ASN B 113 23.77 -5.72 -25.09
N ASP B 114 24.03 -5.29 -26.32
CA ASP B 114 25.37 -4.93 -26.74
C ASP B 114 25.85 -3.71 -25.96
N LYS B 115 27.09 -3.75 -25.50
CA LYS B 115 27.64 -2.69 -24.66
C LYS B 115 28.17 -1.51 -25.48
N LYS B 116 28.19 -1.65 -26.80
CA LYS B 116 28.72 -0.62 -27.68
C LYS B 116 27.72 -0.18 -28.74
N PHE B 117 26.47 -0.62 -28.59
CA PHE B 117 25.42 -0.37 -29.58
C PHE B 117 25.26 1.11 -29.92
N ASN B 118 25.38 1.43 -31.20
CA ASN B 118 25.39 2.82 -31.65
C ASN B 118 24.05 3.34 -32.14
N GLY B 119 22.99 2.57 -31.91
CA GLY B 119 21.65 2.99 -32.27
C GLY B 119 21.05 2.21 -33.42
N THR B 120 21.74 2.21 -34.56
CA THR B 120 21.27 1.49 -35.73
C THR B 120 22.18 0.30 -36.07
N GLY B 121 21.61 -0.70 -36.72
CA GLY B 121 22.37 -1.87 -37.13
C GLY B 121 21.95 -3.15 -36.42
N PRO B 122 22.81 -4.16 -36.45
CA PRO B 122 22.57 -5.48 -35.86
C PRO B 122 22.96 -5.56 -34.40
N CYS B 123 22.55 -6.63 -33.73
CA CYS B 123 22.89 -6.86 -32.32
C CYS B 123 23.01 -8.36 -32.05
N THR B 124 24.06 -8.74 -31.33
CA THR B 124 24.33 -10.16 -31.09
C THR B 124 23.84 -10.64 -29.73
N ASN B 125 23.46 -9.70 -28.87
CA ASN B 125 22.95 -10.04 -27.54
C ASN B 125 21.53 -9.54 -27.33
N VAL B 126 20.55 -10.38 -27.67
CA VAL B 126 19.15 -9.98 -27.64
C VAL B 126 18.35 -10.77 -26.61
N SER B 127 17.50 -10.07 -25.86
CA SER B 127 16.61 -10.70 -24.88
C SER B 127 15.18 -10.26 -25.11
N THR B 128 14.23 -10.91 -24.45
CA THR B 128 12.83 -10.53 -24.57
C THR B 128 12.15 -10.29 -23.21
N VAL B 129 11.98 -9.02 -22.87
CA VAL B 129 11.30 -8.63 -21.64
C VAL B 129 9.85 -8.31 -21.96
N GLN B 130 8.98 -8.39 -20.95
CA GLN B 130 7.57 -8.08 -21.14
C GLN B 130 7.34 -6.58 -21.07
N CYS B 131 8.00 -5.93 -20.13
CA CYS B 131 7.85 -4.49 -19.93
C CYS B 131 9.20 -3.78 -19.94
N THR B 132 9.24 -2.60 -20.55
CA THR B 132 10.47 -1.80 -20.54
C THR B 132 10.72 -1.26 -19.14
N HIS B 133 11.95 -0.81 -18.90
CA HIS B 133 12.31 -0.28 -17.59
C HIS B 133 11.62 1.06 -17.33
N GLY B 134 11.60 1.49 -16.08
CA GLY B 134 10.92 2.71 -15.70
C GLY B 134 11.55 3.95 -16.30
N ILE B 135 10.88 4.51 -17.30
CA ILE B 135 11.38 5.71 -17.97
C ILE B 135 10.72 6.96 -17.43
N ARG B 136 11.49 7.77 -16.71
CA ARG B 136 11.01 9.07 -16.23
C ARG B 136 10.86 10.02 -17.41
N PRO B 137 9.61 10.43 -17.70
CA PRO B 137 9.32 11.30 -18.85
C PRO B 137 9.82 12.72 -18.64
N VAL B 138 11.13 12.87 -18.43
CA VAL B 138 11.72 14.16 -18.15
C VAL B 138 11.80 15.04 -19.40
N VAL B 139 11.05 16.14 -19.39
CA VAL B 139 11.07 17.09 -20.48
C VAL B 139 12.10 18.18 -20.19
N SER B 140 13.16 18.21 -20.99
CA SER B 140 14.24 19.17 -20.82
C SER B 140 14.95 19.40 -22.14
N THR B 141 15.81 20.42 -22.18
CA THR B 141 16.57 20.72 -23.38
C THR B 141 18.06 20.86 -23.08
N GLN B 142 18.88 20.70 -24.11
CA GLN B 142 20.35 20.77 -23.99
C GLN B 142 20.95 19.66 -23.12
N LEU B 143 20.36 19.41 -21.96
CA LEU B 143 20.84 18.36 -21.07
C LEU B 143 19.72 17.38 -20.74
N LEU B 144 20.00 16.08 -20.86
CA LEU B 144 19.05 15.06 -20.45
C LEU B 144 19.14 14.85 -18.94
N LEU B 145 18.01 14.53 -18.31
CA LEU B 145 17.97 14.43 -16.85
C LEU B 145 17.22 13.20 -16.36
N ASN B 146 17.57 12.75 -15.16
CA ASN B 146 16.93 11.60 -14.50
C ASN B 146 16.78 10.36 -15.41
N GLY B 147 17.79 10.11 -16.23
CA GLY B 147 17.71 9.03 -17.21
C GLY B 147 18.58 7.82 -16.89
N SER B 148 18.78 6.96 -17.88
CA SER B 148 19.57 5.75 -17.71
C SER B 148 20.96 5.93 -18.31
N LEU B 149 21.98 5.77 -17.47
CA LEU B 149 23.37 5.90 -17.91
C LEU B 149 23.80 4.72 -18.76
N ALA B 150 24.82 4.92 -19.58
CA ALA B 150 25.39 3.84 -20.37
C ALA B 150 26.20 2.92 -19.47
N GLU B 151 26.24 1.63 -19.81
CA GLU B 151 26.90 0.65 -18.97
C GLU B 151 28.42 0.74 -19.02
N GLU B 152 28.97 1.01 -20.20
CA GLU B 152 30.42 1.07 -20.36
C GLU B 152 30.95 2.50 -20.46
N GLU B 153 30.97 3.04 -21.68
CA GLU B 153 31.51 4.37 -21.92
C GLU B 153 30.45 5.31 -22.46
N ILE B 154 30.88 6.51 -22.85
CA ILE B 154 29.98 7.52 -23.39
C ILE B 154 29.58 7.17 -24.82
N VAL B 155 28.38 6.65 -24.99
CA VAL B 155 27.92 6.20 -26.30
C VAL B 155 27.16 7.30 -27.04
N ILE B 156 27.88 8.11 -27.82
CA ILE B 156 27.24 9.14 -28.64
C ILE B 156 26.51 8.49 -29.81
N ARG B 157 25.33 9.03 -30.14
CA ARG B 157 24.52 8.46 -31.20
C ARG B 157 23.86 9.52 -32.08
N SER B 158 23.99 9.35 -33.39
CA SER B 158 23.32 10.22 -34.35
C SER B 158 22.74 9.40 -35.50
N GLU B 159 21.74 9.96 -36.16
CA GLU B 159 21.11 9.29 -37.29
C GLU B 159 22.04 9.33 -38.49
N ASN B 160 22.81 10.39 -38.60
CA ASN B 160 23.74 10.60 -39.70
C ASN B 160 24.80 11.62 -39.27
N PHE B 161 25.96 11.13 -38.85
CA PHE B 161 27.01 12.01 -38.33
C PHE B 161 27.55 12.99 -39.38
N THR B 162 27.60 12.54 -40.63
CA THR B 162 28.04 13.40 -41.72
C THR B 162 27.03 14.53 -41.92
N ASN B 163 25.78 14.25 -41.59
CA ASN B 163 24.74 15.26 -41.61
C ASN B 163 24.80 16.11 -40.34
N ASN B 164 25.14 17.38 -40.51
CA ASN B 164 25.27 18.28 -39.38
C ASN B 164 23.93 18.77 -38.83
N ALA B 165 22.86 18.49 -39.57
CA ALA B 165 21.52 18.88 -39.17
C ALA B 165 20.89 17.84 -38.23
N LYS B 166 21.58 16.72 -38.06
CA LYS B 166 21.07 15.64 -37.21
C LYS B 166 21.61 15.75 -35.79
N THR B 167 20.72 15.60 -34.82
CA THR B 167 21.08 15.72 -33.41
C THR B 167 21.82 14.48 -32.91
N ILE B 168 22.98 14.69 -32.31
CA ILE B 168 23.73 13.59 -31.70
C ILE B 168 23.34 13.44 -30.24
N ILE B 169 22.68 12.34 -29.91
CA ILE B 169 22.23 12.09 -28.55
C ILE B 169 23.32 11.42 -27.72
N VAL B 170 23.92 12.18 -26.82
CA VAL B 170 25.01 11.68 -25.99
C VAL B 170 24.48 10.95 -24.76
N GLN B 171 24.96 9.74 -24.54
CA GLN B 171 24.58 8.95 -23.37
C GLN B 171 25.79 8.74 -22.46
N LEU B 172 25.80 9.43 -21.33
CA LEU B 172 26.94 9.37 -20.40
C LEU B 172 27.01 8.05 -19.65
N ASN B 173 28.20 7.70 -19.16
CA ASN B 173 28.38 6.52 -18.33
C ASN B 173 28.57 6.90 -16.87
N GLU B 174 28.70 8.19 -16.63
CA GLU B 174 28.73 8.74 -15.27
C GLU B 174 27.88 10.00 -15.21
N SER B 175 27.10 10.15 -14.14
CA SER B 175 26.17 11.27 -14.02
C SER B 175 26.76 12.46 -13.27
N VAL B 176 26.25 13.65 -13.58
CA VAL B 176 26.63 14.87 -12.88
C VAL B 176 25.39 15.48 -12.23
N VAL B 177 25.46 15.67 -10.91
CA VAL B 177 24.31 16.17 -10.16
C VAL B 177 24.26 17.70 -10.15
N ILE B 178 23.16 18.25 -10.68
CA ILE B 178 22.96 19.70 -10.70
C ILE B 178 21.80 20.10 -9.77
N ASN B 179 22.08 20.98 -8.81
CA ASN B 179 21.05 21.35 -7.85
C ASN B 179 20.44 22.72 -8.10
N CYS B 180 19.19 22.73 -8.57
CA CYS B 180 18.49 23.96 -8.96
C CYS B 180 17.62 24.50 -7.82
N THR B 181 17.64 25.81 -7.62
CA THR B 181 16.99 26.38 -6.45
C THR B 181 16.35 27.74 -6.73
N ARG B 182 15.10 27.89 -6.33
CA ARG B 182 14.46 29.20 -6.29
C ARG B 182 14.43 29.62 -4.83
N PRO B 183 15.40 30.45 -4.42
CA PRO B 183 15.53 30.90 -3.03
C PRO B 183 14.24 31.49 -2.50
N ASN B 184 13.89 31.15 -1.26
CA ASN B 184 12.65 31.61 -0.64
C ASN B 184 12.55 33.13 -0.64
N ASN B 185 13.25 33.77 0.29
CA ASN B 185 13.32 35.23 0.37
C ASN B 185 11.95 35.90 0.47
N GLY B 192 13.57 38.70 -3.06
CA GLY B 192 13.59 39.94 -3.81
C GLY B 192 12.97 39.80 -5.18
N ASP B 193 13.38 38.77 -5.90
CA ASP B 193 12.85 38.48 -7.23
C ASP B 193 12.30 37.06 -7.28
N ILE B 194 10.98 36.95 -7.36
CA ILE B 194 10.30 35.66 -7.29
C ILE B 194 10.50 34.80 -8.54
N ARG B 195 11.06 35.38 -9.58
CA ARG B 195 11.34 34.63 -10.81
C ARG B 195 12.81 34.25 -10.89
N GLN B 196 13.64 34.95 -10.13
CA GLN B 196 15.08 34.69 -10.13
C GLN B 196 15.43 33.40 -9.41
N ALA B 197 16.19 32.54 -10.07
CA ALA B 197 16.63 31.28 -9.50
C ALA B 197 18.03 30.95 -9.99
N HIS B 198 18.56 29.80 -9.56
CA HIS B 198 19.89 29.38 -9.98
C HIS B 198 20.09 27.87 -9.82
N CYS B 199 21.19 27.37 -10.34
CA CYS B 199 21.54 25.97 -10.23
C CYS B 199 23.03 25.78 -10.00
N ASN B 200 23.39 24.81 -9.18
CA ASN B 200 24.79 24.54 -8.87
C ASN B 200 25.23 23.13 -9.24
N LEU B 201 26.41 23.02 -9.84
CA LEU B 201 27.02 21.73 -10.14
C LEU B 201 28.54 21.80 -10.00
N SER B 202 29.18 20.64 -9.88
CA SER B 202 30.62 20.58 -9.71
C SER B 202 31.34 21.06 -10.96
N LYS B 203 32.18 22.08 -10.80
CA LYS B 203 32.90 22.68 -11.92
C LYS B 203 33.93 21.73 -12.52
N THR B 204 34.64 21.01 -11.66
CA THR B 204 35.68 20.08 -12.12
C THR B 204 35.09 18.80 -12.67
N GLN B 205 34.00 18.33 -12.05
CA GLN B 205 33.29 17.17 -12.56
C GLN B 205 32.74 17.45 -13.96
N TRP B 206 32.37 18.70 -14.22
CA TRP B 206 31.78 19.07 -15.50
C TRP B 206 32.81 19.19 -16.62
N GLU B 207 34.01 19.67 -16.27
CA GLU B 207 35.06 19.84 -17.26
C GLU B 207 35.65 18.50 -17.67
N ASN B 208 35.48 17.49 -16.83
CA ASN B 208 35.89 16.13 -17.17
C ASN B 208 34.94 15.51 -18.19
N THR B 209 33.65 15.85 -18.11
CA THR B 209 32.68 15.34 -19.07
C THR B 209 32.94 15.91 -20.46
N LEU B 210 33.16 17.22 -20.52
CA LEU B 210 33.42 17.91 -21.79
C LEU B 210 34.71 17.38 -22.43
N GLU B 211 35.62 16.88 -21.60
CA GLU B 211 36.88 16.33 -22.09
C GLU B 211 36.70 14.90 -22.61
N GLN B 212 35.95 14.09 -21.87
CA GLN B 212 35.72 12.70 -22.24
C GLN B 212 34.82 12.59 -23.47
N ILE B 213 33.91 13.55 -23.62
CA ILE B 213 33.03 13.59 -24.79
C ILE B 213 33.83 13.96 -26.03
N ALA B 214 34.74 14.92 -25.86
CA ALA B 214 35.56 15.41 -26.96
C ALA B 214 36.53 14.35 -27.50
N ILE B 215 36.61 13.21 -26.81
CA ILE B 215 37.41 12.09 -27.28
C ILE B 215 36.55 11.19 -28.16
N LYS B 216 35.31 10.97 -27.74
CA LYS B 216 34.35 10.21 -28.53
C LYS B 216 33.99 10.94 -29.82
N LEU B 217 34.22 12.24 -29.82
CA LEU B 217 33.97 13.06 -31.01
C LEU B 217 35.17 13.05 -31.95
N LYS B 218 36.32 12.62 -31.44
CA LYS B 218 37.50 12.45 -32.27
C LYS B 218 37.58 11.02 -32.78
N GLU B 219 36.63 10.19 -32.38
CA GLU B 219 36.54 8.81 -32.83
C GLU B 219 35.48 8.68 -33.91
N GLN B 220 34.79 9.78 -34.19
CA GLN B 220 33.69 9.77 -35.14
C GLN B 220 33.96 10.72 -36.32
N PHE B 221 34.86 11.67 -36.12
CA PHE B 221 35.16 12.65 -37.14
C PHE B 221 36.65 12.73 -37.48
N GLY B 222 37.46 11.93 -36.78
CA GLY B 222 38.88 11.89 -37.04
C GLY B 222 39.71 12.38 -35.88
N ASN B 223 40.97 11.95 -35.82
CA ASN B 223 41.87 12.35 -34.75
C ASN B 223 42.69 13.58 -35.10
N ASN B 224 42.46 14.12 -36.29
CA ASN B 224 43.09 15.38 -36.69
C ASN B 224 42.18 16.56 -36.39
N LYS B 225 41.02 16.26 -35.80
CA LYS B 225 40.02 17.27 -35.50
C LYS B 225 40.24 17.88 -34.12
N THR B 226 39.91 19.17 -34.00
CA THR B 226 39.97 19.87 -32.71
C THR B 226 38.56 20.19 -32.22
N ILE B 227 38.11 19.46 -31.21
CA ILE B 227 36.74 19.60 -30.72
C ILE B 227 36.54 20.84 -29.85
N ILE B 228 35.58 21.68 -30.24
CA ILE B 228 35.27 22.90 -29.50
C ILE B 228 33.78 22.96 -29.18
N PHE B 229 33.46 23.38 -27.96
CA PHE B 229 32.08 23.51 -27.53
C PHE B 229 31.66 24.97 -27.40
N ASN B 230 30.60 25.35 -28.11
CA ASN B 230 30.09 26.71 -28.08
C ASN B 230 28.62 26.76 -27.67
N PRO B 231 28.15 27.91 -27.16
CA PRO B 231 26.75 28.02 -26.73
C PRO B 231 25.76 27.89 -27.90
N SER B 232 24.47 27.99 -27.59
CA SER B 232 23.43 27.92 -28.61
C SER B 232 23.53 29.10 -29.56
N SER B 233 23.35 28.84 -30.85
CA SER B 233 23.41 29.90 -31.86
C SER B 233 22.29 30.91 -31.67
N GLY B 234 21.06 30.43 -31.69
CA GLY B 234 19.90 31.30 -31.52
C GLY B 234 18.60 30.54 -31.60
N GLY B 235 17.49 31.27 -31.46
CA GLY B 235 16.17 30.67 -31.53
C GLY B 235 15.36 30.92 -30.27
N ASP B 236 14.37 30.07 -30.04
CA ASP B 236 13.54 30.17 -28.84
C ASP B 236 14.37 29.86 -27.59
N PRO B 237 14.08 30.54 -26.48
CA PRO B 237 14.84 30.37 -25.24
C PRO B 237 14.79 28.95 -24.69
N GLU B 238 13.85 28.15 -25.17
CA GLU B 238 13.76 26.75 -24.76
C GLU B 238 15.00 25.98 -25.21
N ILE B 239 15.50 26.30 -26.40
CA ILE B 239 16.70 25.64 -26.92
C ILE B 239 17.94 26.52 -26.82
N VAL B 240 17.74 27.78 -26.44
CA VAL B 240 18.85 28.70 -26.22
C VAL B 240 19.43 28.49 -24.83
N THR B 241 18.55 28.32 -23.85
CA THR B 241 18.96 28.04 -22.49
C THR B 241 18.67 26.58 -22.15
N HIS B 242 19.14 26.13 -20.99
CA HIS B 242 18.79 24.82 -20.49
C HIS B 242 17.42 24.88 -19.82
N SER B 243 16.38 24.69 -20.62
CA SER B 243 15.02 24.75 -20.10
C SER B 243 14.56 23.39 -19.58
N PHE B 244 13.83 23.41 -18.47
CA PHE B 244 13.27 22.20 -17.89
C PHE B 244 12.12 22.55 -16.95
N ASN B 245 11.62 21.55 -16.23
CA ASN B 245 10.52 21.77 -15.30
C ASN B 245 10.80 21.20 -13.90
N CYS B 246 11.08 22.09 -12.96
CA CYS B 246 11.36 21.69 -11.59
C CYS B 246 10.29 22.22 -10.63
N GLY B 247 9.61 21.30 -9.96
CA GLY B 247 8.58 21.68 -8.99
C GLY B 247 7.39 22.36 -9.61
N GLY B 248 7.02 21.93 -10.81
CA GLY B 248 5.89 22.51 -11.51
C GLY B 248 6.19 23.87 -12.12
N GLU B 249 7.46 24.27 -12.07
CA GLU B 249 7.88 25.55 -12.62
C GLU B 249 8.86 25.35 -13.77
N PHE B 250 8.72 26.18 -14.81
CA PHE B 250 9.57 26.07 -15.98
C PHE B 250 10.82 26.94 -15.85
N PHE B 251 11.94 26.28 -15.58
CA PHE B 251 13.22 26.96 -15.43
C PHE B 251 13.86 27.20 -16.80
N TYR B 252 14.61 28.29 -16.90
CA TYR B 252 15.33 28.62 -18.12
C TYR B 252 16.77 28.96 -17.82
N CYS B 253 17.55 27.94 -17.47
CA CYS B 253 18.93 28.12 -17.03
C CYS B 253 19.88 28.44 -18.18
N ASN B 254 20.43 29.66 -18.17
CA ASN B 254 21.44 30.05 -19.13
C ASN B 254 22.69 29.19 -19.00
N SER B 255 22.90 28.31 -19.97
CA SER B 255 24.02 27.38 -19.93
C SER B 255 25.20 27.84 -20.78
N THR B 256 25.59 29.10 -20.61
CA THR B 256 26.74 29.64 -21.33
C THR B 256 28.03 29.08 -20.75
N GLN B 257 28.08 28.96 -19.43
CA GLN B 257 29.26 28.45 -18.73
C GLN B 257 29.41 26.94 -18.93
N LEU B 258 28.31 26.28 -19.30
CA LEU B 258 28.34 24.84 -19.55
C LEU B 258 28.89 24.53 -20.94
N PHE B 259 28.75 25.48 -21.86
CA PHE B 259 29.15 25.25 -23.24
C PHE B 259 30.14 26.29 -23.76
N THR B 260 31.23 26.47 -23.03
CA THR B 260 32.36 27.26 -23.50
C THR B 260 33.62 26.50 -23.10
N TRP B 261 34.11 25.65 -24.00
CA TRP B 261 35.18 24.72 -23.66
C TRP B 261 36.19 24.49 -24.77
N ASN B 262 37.43 24.25 -24.36
CA ASN B 262 38.50 23.83 -25.27
C ASN B 262 39.55 23.03 -24.50
N ASP B 263 40.21 22.11 -25.19
CA ASP B 263 41.20 21.26 -24.54
C ASP B 263 42.43 22.04 -24.06
N THR B 264 42.60 23.25 -24.59
CA THR B 264 43.70 24.11 -24.18
C THR B 264 43.24 25.12 -23.12
N GLY B 271 37.26 29.07 -8.84
CA GLY B 271 36.17 28.49 -8.08
C GLY B 271 36.14 26.98 -8.17
N ARG B 272 34.99 26.39 -7.84
CA ARG B 272 34.83 24.95 -7.88
C ARG B 272 33.37 24.58 -8.14
N ASN B 273 32.50 25.59 -8.11
CA ASN B 273 31.09 25.41 -8.41
C ASN B 273 30.63 26.24 -9.60
N ILE B 274 29.81 25.64 -10.46
CA ILE B 274 29.21 26.35 -11.59
C ILE B 274 27.79 26.77 -11.25
N THR B 275 27.59 28.09 -11.17
CA THR B 275 26.27 28.64 -10.88
C THR B 275 25.60 29.18 -12.13
N LEU B 276 24.53 28.51 -12.56
CA LEU B 276 23.78 28.93 -13.73
C LEU B 276 22.67 29.89 -13.33
N PRO B 277 22.68 31.10 -13.90
CA PRO B 277 21.58 32.06 -13.66
C PRO B 277 20.28 31.56 -14.29
N CYS B 278 19.25 31.37 -13.49
CA CYS B 278 17.99 30.82 -13.97
C CYS B 278 16.85 31.84 -13.90
N ARG B 279 15.79 31.56 -14.65
CA ARG B 279 14.63 32.44 -14.69
C ARG B 279 13.33 31.63 -14.80
N ILE B 280 12.47 31.75 -13.80
CA ILE B 280 11.14 31.14 -13.88
C ILE B 280 10.27 31.95 -14.82
N LYS B 281 9.90 31.34 -15.94
CA LYS B 281 9.09 32.03 -16.95
C LYS B 281 7.63 31.58 -16.93
N GLN B 282 6.73 32.54 -17.13
CA GLN B 282 5.31 32.23 -17.18
C GLN B 282 4.89 31.79 -18.59
N ILE B 283 5.38 32.50 -19.60
CA ILE B 283 5.06 32.17 -20.99
C ILE B 283 5.99 31.11 -21.56
N ILE B 284 5.42 30.00 -22.02
CA ILE B 284 6.23 28.89 -22.50
C ILE B 284 5.92 28.61 -23.96
N ASN B 285 6.96 28.34 -24.75
CA ASN B 285 6.78 27.81 -26.10
C ASN B 285 6.56 26.32 -26.03
N MET B 286 5.33 25.88 -26.27
CA MET B 286 4.95 24.48 -26.12
C MET B 286 5.77 23.52 -26.97
N TRP B 287 5.95 22.30 -26.47
CA TRP B 287 6.70 21.29 -27.18
C TRP B 287 5.77 20.26 -27.82
N GLN B 288 4.57 20.13 -27.26
CA GLN B 288 3.56 19.22 -27.80
C GLN B 288 3.21 19.63 -29.22
N GLU B 289 3.00 20.92 -29.42
CA GLU B 289 2.68 21.47 -30.73
C GLU B 289 3.22 22.89 -30.84
N VAL B 290 3.13 23.46 -32.04
CA VAL B 290 3.60 24.82 -32.25
C VAL B 290 2.63 25.84 -31.65
N GLY B 291 3.12 26.62 -30.70
CA GLY B 291 2.28 27.62 -30.04
C GLY B 291 2.88 28.13 -28.75
N LYS B 292 2.09 28.88 -27.99
CA LYS B 292 2.54 29.45 -26.73
C LYS B 292 1.55 29.19 -25.61
N ALA B 293 2.07 29.04 -24.39
CA ALA B 293 1.24 28.75 -23.23
C ALA B 293 1.58 29.66 -22.06
N MET B 294 0.56 30.03 -21.28
CA MET B 294 0.75 30.89 -20.12
C MET B 294 0.33 30.20 -18.83
N TYR B 295 1.20 30.29 -17.83
CA TYR B 295 0.89 29.73 -16.52
C TYR B 295 0.93 30.81 -15.44
N ALA B 296 0.35 30.50 -14.29
CA ALA B 296 0.29 31.42 -13.17
C ALA B 296 1.69 31.80 -12.68
N PRO B 297 1.82 32.96 -12.01
CA PRO B 297 3.10 33.37 -11.43
C PRO B 297 3.65 32.33 -10.47
N PRO B 298 4.98 32.22 -10.37
CA PRO B 298 5.67 31.22 -9.54
C PRO B 298 5.15 31.17 -8.10
N ILE B 299 5.17 29.98 -7.51
CA ILE B 299 4.60 29.77 -6.18
C ILE B 299 5.49 30.33 -5.07
N ARG B 300 5.06 30.12 -3.83
CA ARG B 300 5.80 30.62 -2.67
C ARG B 300 6.67 29.56 -2.02
N GLY B 301 7.65 30.00 -1.23
CA GLY B 301 8.58 29.11 -0.58
C GLY B 301 9.76 28.78 -1.48
N GLN B 302 10.48 27.72 -1.14
CA GLN B 302 11.64 27.31 -1.93
C GLN B 302 11.29 26.16 -2.87
N ILE B 303 11.48 26.40 -4.17
CA ILE B 303 11.31 25.36 -5.17
C ILE B 303 12.68 24.79 -5.50
N ARG B 304 12.84 23.48 -5.27
CA ARG B 304 14.15 22.86 -5.39
C ARG B 304 14.05 21.37 -5.67
N CYS B 305 14.88 20.87 -6.58
CA CYS B 305 14.94 19.45 -6.87
C CYS B 305 16.28 19.04 -7.51
N SER B 306 16.96 18.08 -6.88
CA SER B 306 18.25 17.61 -7.38
C SER B 306 18.06 16.67 -8.56
N SER B 307 18.77 16.93 -9.66
CA SER B 307 18.65 16.13 -10.86
C SER B 307 19.97 15.53 -11.34
N ASN B 308 19.88 14.42 -12.05
CA ASN B 308 21.07 13.74 -12.57
C ASN B 308 21.21 13.90 -14.09
N ILE B 309 22.24 14.62 -14.51
CA ILE B 309 22.52 14.79 -15.93
C ILE B 309 23.12 13.51 -16.50
N THR B 310 22.27 12.68 -17.10
CA THR B 310 22.70 11.37 -17.60
C THR B 310 22.94 11.37 -19.11
N GLY B 311 22.60 12.46 -19.78
CA GLY B 311 22.76 12.54 -21.22
C GLY B 311 22.72 13.95 -21.77
N LEU B 312 23.03 14.10 -23.05
CA LEU B 312 23.05 15.40 -23.71
C LEU B 312 22.33 15.39 -25.05
N LEU B 313 22.11 16.60 -25.58
CA LEU B 313 21.53 16.77 -26.91
C LEU B 313 22.25 17.92 -27.63
N LEU B 314 23.30 17.58 -28.36
CA LEU B 314 24.08 18.59 -29.08
C LEU B 314 23.83 18.52 -30.58
N THR B 315 24.48 19.43 -31.31
CA THR B 315 24.45 19.42 -32.76
C THR B 315 25.84 19.81 -33.29
N ARG B 316 26.04 19.63 -34.59
CA ARG B 316 27.30 19.99 -35.22
C ARG B 316 27.08 21.07 -36.28
N ASP B 317 28.01 22.01 -36.39
CA ASP B 317 27.92 23.07 -37.38
C ASP B 317 28.27 22.55 -38.77
N GLY B 318 29.54 22.18 -38.95
CA GLY B 318 30.01 21.68 -40.23
C GLY B 318 30.05 22.76 -41.30
N GLY B 319 29.75 22.37 -42.53
CA GLY B 319 29.75 23.31 -43.64
C GLY B 319 31.16 23.75 -44.03
N ASN B 323 37.03 23.39 -41.86
CA ASN B 323 37.87 22.21 -41.96
C ASN B 323 38.85 22.09 -40.79
N GLY B 324 38.88 20.92 -40.16
CA GLY B 324 39.78 20.68 -39.04
C GLY B 324 39.12 20.97 -37.71
N THR B 325 38.57 22.17 -37.56
CA THR B 325 37.95 22.58 -36.31
C THR B 325 36.45 22.28 -36.32
N GLU B 326 36.02 21.43 -35.39
CA GLU B 326 34.61 21.06 -35.28
C GLU B 326 33.97 21.74 -34.07
N ILE B 327 32.92 22.51 -34.32
CA ILE B 327 32.21 23.20 -33.24
C ILE B 327 30.89 22.52 -32.91
N PHE B 328 30.67 22.23 -31.64
CA PHE B 328 29.44 21.58 -31.19
C PHE B 328 28.67 22.46 -30.22
N ARG B 329 27.38 22.64 -30.51
CA ARG B 329 26.52 23.50 -29.71
C ARG B 329 25.35 22.69 -29.14
N PRO B 330 24.79 23.15 -28.01
CA PRO B 330 23.65 22.44 -27.42
C PRO B 330 22.41 22.54 -28.29
N GLY B 331 21.70 21.43 -28.44
CA GLY B 331 20.50 21.40 -29.25
C GLY B 331 19.24 21.16 -28.43
N GLY B 332 18.36 20.30 -28.95
CA GLY B 332 17.11 20.00 -28.29
C GLY B 332 15.92 20.48 -29.09
N GLY B 333 14.74 20.43 -28.47
CA GLY B 333 13.52 20.86 -29.13
C GLY B 333 12.54 19.73 -29.35
N ASP B 334 12.98 18.71 -30.09
CA ASP B 334 12.15 17.54 -30.35
C ASP B 334 12.21 16.58 -29.18
N MET B 335 11.14 16.51 -28.42
CA MET B 335 11.08 15.68 -27.21
C MET B 335 11.06 14.18 -27.53
N ARG B 336 10.96 13.85 -28.81
CA ARG B 336 11.09 12.47 -29.24
C ARG B 336 12.53 12.01 -29.00
N ASP B 337 13.47 12.93 -29.20
CA ASP B 337 14.88 12.67 -28.91
C ASP B 337 15.08 12.33 -27.44
N ASN B 338 14.25 12.89 -26.57
CA ASN B 338 14.28 12.58 -25.14
C ASN B 338 13.85 11.15 -24.88
N TRP B 339 12.88 10.66 -25.65
CA TRP B 339 12.39 9.30 -25.47
C TRP B 339 13.32 8.25 -26.10
N ARG B 340 13.94 8.61 -27.21
CA ARG B 340 14.81 7.69 -27.94
C ARG B 340 16.07 7.28 -27.13
N SER B 341 16.59 8.20 -26.31
CA SER B 341 17.77 7.95 -25.48
C SER B 341 17.45 6.93 -24.42
N GLU B 342 16.16 6.63 -24.23
CA GLU B 342 15.73 5.60 -23.30
C GLU B 342 15.11 4.42 -24.04
N LEU B 343 14.48 4.71 -25.18
CA LEU B 343 13.81 3.70 -25.98
C LEU B 343 14.59 3.31 -27.23
N TYR B 344 15.91 3.22 -27.11
CA TYR B 344 16.73 2.83 -28.25
C TYR B 344 17.02 1.32 -28.27
N LYS B 345 17.23 0.76 -27.08
CA LYS B 345 17.54 -0.66 -26.95
C LYS B 345 16.28 -1.51 -26.88
N TYR B 346 15.28 -1.15 -27.67
CA TYR B 346 13.99 -1.85 -27.64
C TYR B 346 13.29 -1.84 -29.00
N LYS B 347 12.37 -2.79 -29.19
CA LYS B 347 11.49 -2.81 -30.35
C LYS B 347 10.33 -3.76 -30.09
N VAL B 348 9.21 -3.55 -30.78
CA VAL B 348 8.05 -4.42 -30.66
C VAL B 348 8.00 -5.42 -31.81
N VAL B 349 7.85 -6.70 -31.47
CA VAL B 349 7.71 -7.74 -32.48
C VAL B 349 6.46 -8.57 -32.23
N LYS B 350 5.87 -9.09 -33.31
CA LYS B 350 4.69 -9.93 -33.20
C LYS B 350 5.07 -11.41 -33.26
N ILE B 351 4.75 -12.13 -32.19
CA ILE B 351 5.06 -13.56 -32.12
C ILE B 351 4.03 -14.36 -32.92
N GLU B 352 4.35 -14.60 -34.19
CA GLU B 352 3.51 -15.40 -35.08
C GLU B 352 2.11 -14.82 -35.28
N TRP C 2 10.59 -38.50 -14.17
CA TRP C 2 9.75 -37.55 -13.46
C TRP C 2 10.17 -36.11 -13.73
N LYS C 3 9.19 -35.22 -13.87
CA LYS C 3 9.46 -33.80 -14.08
C LYS C 3 8.81 -32.94 -13.00
N GLU C 4 9.46 -31.82 -12.68
CA GLU C 4 8.95 -30.91 -11.65
C GLU C 4 7.79 -30.07 -12.19
N ALA C 5 6.62 -30.25 -11.59
CA ALA C 5 5.44 -29.50 -12.00
C ALA C 5 4.82 -28.75 -10.82
N THR C 6 3.94 -27.81 -11.12
CA THR C 6 3.27 -27.03 -10.09
C THR C 6 1.81 -27.47 -9.96
N THR C 7 1.50 -28.08 -8.82
CA THR C 7 0.15 -28.61 -8.58
C THR C 7 -0.48 -27.99 -7.35
N THR C 8 -1.67 -28.47 -7.01
CA THR C 8 -2.38 -28.01 -5.81
C THR C 8 -2.10 -28.94 -4.64
N LEU C 9 -1.16 -28.54 -3.79
CA LEU C 9 -0.79 -29.34 -2.64
C LEU C 9 -1.90 -29.40 -1.61
N PHE C 10 -1.86 -30.42 -0.76
CA PHE C 10 -2.78 -30.52 0.36
C PHE C 10 -1.99 -30.75 1.65
N CYS C 11 -2.35 -30.00 2.70
CA CYS C 11 -1.62 -30.09 3.95
C CYS C 11 -2.20 -31.15 4.88
N ALA C 12 -1.33 -31.77 5.68
CA ALA C 12 -1.75 -32.74 6.68
C ALA C 12 -1.34 -32.25 8.07
N SER C 13 -2.08 -32.67 9.08
CA SER C 13 -1.82 -32.20 10.45
C SER C 13 -2.41 -33.11 11.52
N ASP C 14 -1.96 -32.92 12.74
CA ASP C 14 -2.52 -33.61 13.90
C ASP C 14 -3.32 -32.62 14.74
N ALA C 15 -4.35 -32.04 14.13
CA ALA C 15 -5.16 -31.02 14.79
C ALA C 15 -6.38 -31.61 15.47
N LYS C 16 -6.56 -31.26 16.74
CA LYS C 16 -7.73 -31.69 17.50
C LYS C 16 -8.90 -30.76 17.25
N ALA C 17 -10.06 -31.33 16.97
CA ALA C 17 -11.25 -30.55 16.63
C ALA C 17 -11.80 -29.80 17.84
N TYR C 18 -11.50 -30.28 19.04
CA TYR C 18 -12.00 -29.66 20.26
C TYR C 18 -11.13 -28.48 20.70
N ASP C 19 -9.88 -28.47 20.27
CA ASP C 19 -8.97 -27.37 20.61
C ASP C 19 -9.37 -26.12 19.84
N THR C 20 -9.58 -25.02 20.56
CA THR C 20 -9.97 -23.76 19.94
C THR C 20 -8.78 -22.86 19.62
N GLU C 21 -7.58 -23.42 19.76
CA GLU C 21 -6.38 -22.72 19.31
C GLU C 21 -6.44 -22.63 17.80
N VAL C 22 -6.26 -21.40 17.28
CA VAL C 22 -6.54 -21.08 15.89
C VAL C 22 -5.88 -21.99 14.84
N HIS C 23 -4.67 -22.45 15.13
CA HIS C 23 -3.96 -23.35 14.21
C HIS C 23 -4.66 -24.70 14.15
N ASN C 24 -5.05 -25.21 15.31
CA ASN C 24 -5.79 -26.46 15.37
C ASN C 24 -7.15 -26.35 14.68
N VAL C 25 -7.71 -25.15 14.70
CA VAL C 25 -9.01 -24.90 14.08
C VAL C 25 -8.87 -24.76 12.57
N TRP C 26 -7.83 -24.07 12.12
CA TRP C 26 -7.56 -23.90 10.70
C TRP C 26 -7.18 -25.23 10.06
N ALA C 27 -6.45 -26.06 10.80
CA ALA C 27 -5.98 -27.33 10.28
C ALA C 27 -7.07 -28.39 10.27
N THR C 28 -8.07 -28.23 11.14
CA THR C 28 -9.23 -29.11 11.13
C THR C 28 -10.22 -28.67 10.05
N HIS C 29 -9.84 -27.62 9.32
CA HIS C 29 -10.67 -27.09 8.25
C HIS C 29 -9.99 -27.23 6.90
N ALA C 30 -8.70 -26.94 6.85
CA ALA C 30 -7.96 -26.89 5.59
C ALA C 30 -6.98 -28.06 5.42
N CYS C 31 -6.88 -28.92 6.43
CA CYS C 31 -5.94 -30.03 6.38
C CYS C 31 -6.60 -31.39 6.58
N VAL C 32 -5.78 -32.43 6.60
CA VAL C 32 -6.24 -33.80 6.79
C VAL C 32 -5.40 -34.50 7.85
N PRO C 33 -5.95 -35.54 8.49
CA PRO C 33 -5.16 -36.32 9.45
C PRO C 33 -3.95 -36.98 8.80
N THR C 34 -2.79 -36.87 9.44
CA THR C 34 -1.55 -37.42 8.90
C THR C 34 -1.57 -38.94 8.89
N ASP C 35 -0.62 -39.53 8.16
CA ASP C 35 -0.47 -40.98 8.12
C ASP C 35 0.52 -41.41 9.18
N PRO C 36 0.09 -42.28 10.11
CA PRO C 36 0.94 -42.76 11.20
C PRO C 36 2.10 -43.60 10.71
N ASN C 37 2.03 -44.07 9.48
CA ASN C 37 3.10 -44.86 8.88
C ASN C 37 3.43 -44.41 7.45
N PRO C 38 4.12 -43.26 7.33
CA PRO C 38 4.51 -42.73 6.02
C PRO C 38 5.56 -43.61 5.35
N GLN C 39 5.37 -43.91 4.07
CA GLN C 39 6.28 -44.78 3.35
C GLN C 39 7.34 -44.00 2.56
N GLU C 40 8.47 -43.77 3.19
CA GLU C 40 9.60 -43.11 2.54
C GLU C 40 10.44 -44.14 1.78
N VAL C 41 10.45 -44.02 0.46
CA VAL C 41 11.18 -44.97 -0.39
C VAL C 41 12.45 -44.34 -0.95
N LYS C 42 13.60 -44.84 -0.52
CA LYS C 42 14.88 -44.34 -1.00
C LYS C 42 15.08 -44.74 -2.45
N LEU C 43 15.47 -43.78 -3.29
CA LEU C 43 15.69 -44.05 -4.71
C LEU C 43 17.12 -44.52 -4.98
N GLU C 44 17.24 -45.65 -5.67
CA GLU C 44 18.55 -46.26 -5.92
C GLU C 44 19.20 -45.73 -7.19
N ASN C 45 20.47 -45.37 -7.08
CA ASN C 45 21.29 -44.94 -8.21
C ASN C 45 20.76 -43.71 -8.94
N VAL C 46 20.04 -42.86 -8.21
CA VAL C 46 19.43 -41.67 -8.81
C VAL C 46 20.00 -40.37 -8.23
N THR C 47 20.32 -39.43 -9.10
CA THR C 47 20.76 -38.10 -8.70
C THR C 47 19.89 -37.02 -9.34
N GLU C 48 19.38 -36.12 -8.50
CA GLU C 48 18.41 -35.13 -8.96
C GLU C 48 18.88 -33.71 -8.65
N ASN C 49 18.35 -32.73 -9.39
CA ASN C 49 18.62 -31.32 -9.13
C ASN C 49 17.60 -30.71 -8.18
N PHE C 50 18.10 -29.99 -7.17
CA PHE C 50 17.23 -29.29 -6.24
C PHE C 50 17.50 -27.79 -6.25
N ASN C 51 16.44 -27.00 -6.06
CA ASN C 51 16.57 -25.56 -5.95
C ASN C 51 15.57 -25.00 -4.95
N MET C 52 16.05 -24.72 -3.74
CA MET C 52 15.22 -24.19 -2.67
C MET C 52 14.79 -22.76 -2.94
N TRP C 53 15.58 -22.05 -3.75
CA TRP C 53 15.34 -20.63 -4.01
C TRP C 53 14.30 -20.41 -5.09
N LYS C 54 13.89 -21.48 -5.75
CA LYS C 54 12.84 -21.41 -6.76
C LYS C 54 11.82 -22.53 -6.57
N ASN C 55 11.54 -22.86 -5.31
CA ASN C 55 10.59 -23.92 -4.98
C ASN C 55 9.17 -23.36 -4.88
N ASN C 56 8.22 -24.06 -5.50
CA ASN C 56 6.82 -23.62 -5.51
C ASN C 56 6.11 -23.89 -4.18
N MET C 57 6.56 -24.91 -3.47
CA MET C 57 5.95 -25.29 -2.20
C MET C 57 6.10 -24.19 -1.15
N VAL C 58 7.16 -23.40 -1.28
CA VAL C 58 7.37 -22.26 -0.40
C VAL C 58 6.27 -21.24 -0.61
N GLU C 59 5.81 -21.12 -1.86
CA GLU C 59 4.75 -20.19 -2.22
C GLU C 59 3.40 -20.63 -1.68
N GLN C 60 3.01 -21.86 -1.99
CA GLN C 60 1.71 -22.39 -1.57
C GLN C 60 1.59 -22.48 -0.05
N MET C 61 2.71 -22.71 0.62
CA MET C 61 2.72 -22.68 2.07
C MET C 61 2.52 -21.25 2.54
N HIS C 62 3.24 -20.33 1.92
CA HIS C 62 3.18 -18.92 2.27
C HIS C 62 1.77 -18.36 2.17
N GLU C 63 1.08 -18.69 1.09
CA GLU C 63 -0.30 -18.24 0.89
C GLU C 63 -1.25 -18.91 1.90
N ASP C 64 -0.91 -20.12 2.30
CA ASP C 64 -1.70 -20.84 3.29
C ASP C 64 -1.55 -20.21 4.68
N ILE C 65 -0.34 -19.75 4.98
CA ILE C 65 -0.09 -19.09 6.26
C ILE C 65 -0.78 -17.72 6.29
N ILE C 66 -0.73 -17.03 5.16
CA ILE C 66 -1.42 -15.74 5.02
C ILE C 66 -2.92 -15.93 5.19
N SER C 67 -3.48 -16.91 4.48
CA SER C 67 -4.90 -17.22 4.58
C SER C 67 -5.26 -17.68 5.98
N LEU C 68 -4.31 -18.34 6.65
CA LEU C 68 -4.50 -18.75 8.03
C LEU C 68 -4.65 -17.53 8.93
N TRP C 69 -3.70 -16.61 8.83
CA TRP C 69 -3.69 -15.40 9.65
C TRP C 69 -4.89 -14.50 9.39
N ASP C 70 -5.41 -14.54 8.17
CA ASP C 70 -6.56 -13.71 7.81
C ASP C 70 -7.87 -14.24 8.40
N GLN C 71 -7.80 -15.43 8.98
CA GLN C 71 -8.95 -16.03 9.63
C GLN C 71 -8.68 -16.15 11.13
N SER C 72 -7.41 -16.14 11.48
CA SER C 72 -6.99 -16.36 12.87
C SER C 72 -6.78 -15.05 13.62
N LEU C 73 -5.74 -14.30 13.24
CA LEU C 73 -5.45 -13.02 13.88
C LEU C 73 -6.17 -11.85 13.21
N LYS C 74 -7.33 -11.51 13.73
CA LYS C 74 -8.12 -10.39 13.22
C LYS C 74 -7.68 -9.08 13.86
N PRO C 75 -7.07 -8.18 13.07
CA PRO C 75 -6.61 -6.89 13.59
C PRO C 75 -7.76 -5.88 13.68
N CYS C 76 -7.66 -4.98 14.66
CA CYS C 76 -8.68 -3.96 14.87
C CYS C 76 -8.71 -2.98 13.70
N VAL C 77 -7.53 -2.63 13.21
CA VAL C 77 -7.39 -1.73 12.06
C VAL C 77 -6.34 -2.27 11.12
N LYS C 78 -6.71 -2.49 9.86
CA LYS C 78 -5.75 -2.89 8.84
C LYS C 78 -5.66 -1.81 7.77
N LEU C 79 -4.44 -1.33 7.52
CA LEU C 79 -4.24 -0.22 6.60
C LEU C 79 -3.29 -0.59 5.46
N THR C 80 -3.87 -0.82 4.28
CA THR C 80 -3.07 -1.02 3.08
C THR C 80 -3.20 0.22 2.18
N GLY C 81 -2.30 0.33 1.20
CA GLY C 81 -2.13 1.54 0.40
C GLY C 81 -3.36 2.31 -0.03
N GLY C 82 -3.99 3.01 0.91
CA GLY C 82 -5.10 3.89 0.63
C GLY C 82 -6.45 3.40 1.12
N SER C 83 -6.53 2.13 1.45
CA SER C 83 -7.78 1.53 1.91
C SER C 83 -7.71 1.15 3.39
N VAL C 84 -8.82 1.32 4.09
CA VAL C 84 -8.87 1.06 5.52
C VAL C 84 -9.84 -0.07 5.87
N ILE C 85 -9.35 -1.06 6.61
CA ILE C 85 -10.17 -2.18 7.04
C ILE C 85 -10.24 -2.28 8.55
N THR C 86 -11.41 -2.01 9.12
CA THR C 86 -11.61 -2.11 10.56
C THR C 86 -12.63 -3.20 10.89
N GLN C 87 -12.37 -3.93 11.97
CA GLN C 87 -13.25 -5.02 12.38
C GLN C 87 -13.01 -5.40 13.83
N ALA C 88 -13.74 -6.41 14.30
CA ALA C 88 -13.56 -6.92 15.65
C ALA C 88 -12.20 -7.59 15.80
N CYS C 89 -11.54 -7.32 16.92
CA CYS C 89 -10.21 -7.87 17.16
C CYS C 89 -10.11 -8.64 18.48
N PRO C 90 -10.76 -9.82 18.54
CA PRO C 90 -10.72 -10.61 19.76
C PRO C 90 -9.42 -11.40 19.91
N LYS C 91 -8.84 -11.39 21.11
CA LYS C 91 -7.63 -12.15 21.38
C LYS C 91 -7.94 -13.64 21.35
N VAL C 92 -6.97 -14.43 20.92
CA VAL C 92 -7.16 -15.88 20.83
C VAL C 92 -5.94 -16.67 21.29
N SER C 93 -6.07 -17.99 21.28
CA SER C 93 -4.95 -18.87 21.62
C SER C 93 -4.07 -19.04 20.39
N PHE C 94 -2.78 -18.72 20.54
CA PHE C 94 -1.87 -18.80 19.41
C PHE C 94 -0.64 -19.64 19.72
N GLU C 95 -0.65 -20.88 19.24
CA GLU C 95 0.47 -21.79 19.41
C GLU C 95 0.60 -22.66 18.16
N PRO C 96 1.61 -22.36 17.33
CA PRO C 96 1.84 -23.03 16.03
C PRO C 96 1.93 -24.54 16.14
N ILE C 97 1.15 -25.24 15.30
CA ILE C 97 1.18 -26.69 15.24
C ILE C 97 1.91 -27.14 13.98
N PRO C 98 2.58 -28.30 14.05
CA PRO C 98 3.30 -28.85 12.89
C PRO C 98 2.39 -29.09 11.69
N ILE C 99 2.69 -28.47 10.57
CA ILE C 99 1.91 -28.66 9.35
C ILE C 99 2.69 -29.49 8.34
N HIS C 100 2.12 -30.64 7.96
CA HIS C 100 2.72 -31.51 6.96
C HIS C 100 2.16 -31.19 5.59
N TYR C 101 3.03 -31.05 4.60
CA TYR C 101 2.59 -30.84 3.21
C TYR C 101 2.82 -32.09 2.37
N CYS C 102 1.84 -32.43 1.54
CA CYS C 102 1.91 -33.66 0.77
C CYS C 102 1.57 -33.45 -0.70
N ALA C 103 1.74 -34.48 -1.51
CA ALA C 103 1.53 -34.40 -2.95
C ALA C 103 0.28 -35.18 -3.39
N PRO C 104 -0.45 -34.64 -4.39
CA PRO C 104 -1.67 -35.28 -4.90
C PRO C 104 -1.38 -36.50 -5.78
N ALA C 105 -2.43 -37.12 -6.29
CA ALA C 105 -2.30 -38.31 -7.13
C ALA C 105 -1.64 -37.98 -8.47
N GLY C 106 -0.64 -38.78 -8.83
CA GLY C 106 0.12 -38.55 -10.04
C GLY C 106 1.37 -37.76 -9.74
N PHE C 107 1.50 -37.34 -8.48
CA PHE C 107 2.65 -36.56 -8.05
C PHE C 107 3.31 -37.20 -6.83
N ALA C 108 4.57 -36.85 -6.60
CA ALA C 108 5.32 -37.35 -5.46
C ALA C 108 6.35 -36.32 -5.02
N ILE C 109 6.82 -36.44 -3.78
CA ILE C 109 7.79 -35.50 -3.24
C ILE C 109 9.18 -36.14 -3.09
N LEU C 110 10.18 -35.48 -3.69
CA LEU C 110 11.56 -35.95 -3.55
C LEU C 110 12.21 -35.31 -2.33
N LYS C 111 13.12 -36.03 -1.70
CA LYS C 111 13.80 -35.55 -0.50
C LYS C 111 15.29 -35.83 -0.56
N CYS C 112 16.09 -34.76 -0.52
CA CYS C 112 17.54 -34.91 -0.52
C CYS C 112 18.02 -35.27 0.88
N ASN C 113 18.83 -36.33 0.97
CA ASN C 113 19.33 -36.80 2.25
C ASN C 113 20.82 -36.58 2.45
N ASP C 114 21.41 -35.74 1.61
CA ASP C 114 22.82 -35.36 1.76
C ASP C 114 23.02 -34.57 3.04
N LYS C 115 24.08 -34.91 3.78
CA LYS C 115 24.32 -34.30 5.07
C LYS C 115 25.04 -32.95 4.97
N LYS C 116 25.44 -32.58 3.76
CA LYS C 116 26.18 -31.34 3.54
C LYS C 116 25.51 -30.44 2.51
N PHE C 117 24.29 -30.79 2.11
CA PHE C 117 23.56 -30.09 1.06
C PHE C 117 23.46 -28.59 1.30
N ASN C 118 24.01 -27.79 0.31
CA ASN C 118 24.08 -26.35 0.50
C ASN C 118 22.84 -25.60 0.00
N GLY C 119 21.83 -26.29 -0.50
CA GLY C 119 20.64 -25.63 -1.02
C GLY C 119 20.41 -25.85 -2.51
N THR C 120 21.41 -25.49 -3.31
CA THR C 120 21.31 -25.65 -4.76
C THR C 120 22.31 -26.70 -5.26
N GLY C 121 21.98 -27.31 -6.39
CA GLY C 121 22.86 -28.30 -7.00
C GLY C 121 22.28 -29.71 -6.99
N PRO C 122 23.14 -30.71 -7.18
CA PRO C 122 22.77 -32.13 -7.24
C PRO C 122 22.74 -32.79 -5.88
N CYS C 123 22.17 -34.00 -5.82
CA CYS C 123 22.09 -34.77 -4.59
C CYS C 123 22.17 -36.27 -4.91
N THR C 124 22.98 -36.99 -4.13
CA THR C 124 23.21 -38.41 -4.39
C THR C 124 22.36 -39.33 -3.53
N ASN C 125 21.72 -38.77 -2.51
CA ASN C 125 20.86 -39.54 -1.61
C ASN C 125 19.42 -39.04 -1.63
N VAL C 126 18.61 -39.58 -2.52
CA VAL C 126 17.25 -39.10 -2.73
C VAL C 126 16.20 -40.15 -2.36
N SER C 127 15.16 -39.72 -1.65
CA SER C 127 14.05 -40.59 -1.29
C SER C 127 12.73 -39.96 -1.71
N THR C 128 11.65 -40.75 -1.65
CA THR C 128 10.32 -40.22 -1.99
C THR C 128 9.28 -40.45 -0.89
N VAL C 129 8.99 -39.40 -0.14
CA VAL C 129 7.97 -39.44 0.91
C VAL C 129 6.66 -38.90 0.35
N GLN C 130 5.55 -39.29 0.96
CA GLN C 130 4.24 -38.80 0.53
C GLN C 130 3.95 -37.43 1.12
N CYS C 131 4.31 -37.24 2.39
CA CYS C 131 4.06 -35.98 3.08
C CYS C 131 5.34 -35.45 3.73
N THR C 132 5.53 -34.13 3.66
CA THR C 132 6.67 -33.50 4.31
C THR C 132 6.50 -33.56 5.83
N HIS C 133 7.59 -33.36 6.56
CA HIS C 133 7.55 -33.40 8.02
C HIS C 133 6.77 -32.21 8.56
N GLY C 134 6.40 -32.30 9.84
CA GLY C 134 5.60 -31.25 10.47
C GLY C 134 6.35 -29.94 10.59
N ILE C 135 5.98 -28.98 9.75
CA ILE C 135 6.61 -27.67 9.76
C ILE C 135 5.79 -26.66 10.56
N ARG C 136 6.32 -26.26 11.71
CA ARG C 136 5.67 -25.22 12.51
C ARG C 136 5.84 -23.87 11.81
N PRO C 137 4.72 -23.27 11.38
CA PRO C 137 4.75 -22.01 10.62
C PRO C 137 5.14 -20.82 11.50
N VAL C 138 6.32 -20.89 12.10
CA VAL C 138 6.77 -19.85 13.02
C VAL C 138 7.18 -18.58 12.29
N VAL C 139 6.43 -17.51 12.52
CA VAL C 139 6.75 -16.21 11.94
C VAL C 139 7.62 -15.42 12.91
N SER C 140 8.87 -15.19 12.50
CA SER C 140 9.82 -14.46 13.32
C SER C 140 10.88 -13.81 12.45
N THR C 141 11.69 -12.93 13.06
CA THR C 141 12.75 -12.26 12.32
C THR C 141 14.09 -12.38 13.07
N GLN C 142 15.18 -12.22 12.32
CA GLN C 142 16.54 -12.33 12.85
C GLN C 142 16.91 -13.74 13.34
N LEU C 143 16.01 -14.36 14.11
CA LEU C 143 16.24 -15.71 14.61
C LEU C 143 15.09 -16.63 14.20
N LEU C 144 15.43 -17.80 13.67
CA LEU C 144 14.42 -18.81 13.36
C LEU C 144 14.08 -19.59 14.64
N LEU C 145 12.84 -20.03 14.75
CA LEU C 145 12.37 -20.67 15.99
C LEU C 145 11.55 -21.92 15.72
N ASN C 146 11.58 -22.83 16.66
CA ASN C 146 10.79 -24.07 16.62
C ASN C 146 10.91 -24.89 15.33
N GLY C 147 12.13 -24.87 14.78
CA GLY C 147 12.36 -25.48 13.48
C GLY C 147 13.13 -26.79 13.53
N SER C 148 13.63 -27.22 12.37
CA SER C 148 14.38 -28.47 12.27
C SER C 148 15.88 -28.21 12.19
N LEU C 149 16.62 -28.76 13.15
CA LEU C 149 18.07 -28.61 13.20
C LEU C 149 18.76 -29.40 12.11
N ALA C 150 19.97 -28.99 11.75
CA ALA C 150 20.77 -29.74 10.79
C ALA C 150 21.30 -31.00 11.44
N GLU C 151 21.48 -32.05 10.65
CA GLU C 151 21.89 -33.35 11.18
C GLU C 151 23.36 -33.38 11.59
N GLU C 152 24.22 -32.73 10.81
CA GLU C 152 25.66 -32.74 11.09
C GLU C 152 26.14 -31.43 11.71
N GLU C 153 26.50 -30.48 10.85
CA GLU C 153 27.06 -29.21 11.32
C GLU C 153 26.18 -28.03 10.92
N ILE C 154 26.66 -26.82 11.17
CA ILE C 154 25.93 -25.61 10.85
C ILE C 154 25.98 -25.34 9.35
N VAL C 155 24.88 -25.66 8.65
CA VAL C 155 24.84 -25.52 7.21
C VAL C 155 24.29 -24.16 6.78
N ILE C 156 25.18 -23.19 6.61
CA ILE C 156 24.79 -21.88 6.12
C ILE C 156 24.44 -21.95 4.63
N ARG C 157 23.40 -21.22 4.23
CA ARG C 157 22.93 -21.27 2.84
C ARG C 157 22.53 -19.90 2.31
N SER C 158 23.05 -19.56 1.13
CA SER C 158 22.66 -18.33 0.44
C SER C 158 22.45 -18.60 -1.03
N GLU C 159 21.67 -17.75 -1.68
CA GLU C 159 21.41 -17.87 -3.12
C GLU C 159 22.65 -17.46 -3.90
N ASN C 160 23.38 -16.49 -3.36
CA ASN C 160 24.60 -15.98 -3.99
C ASN C 160 25.45 -15.30 -2.93
N PHE C 161 26.45 -16.01 -2.42
CA PHE C 161 27.28 -15.50 -1.33
C PHE C 161 28.07 -14.26 -1.72
N THR C 162 28.51 -14.19 -2.99
CA THR C 162 29.22 -13.02 -3.48
C THR C 162 28.27 -11.81 -3.49
N ASN C 163 26.98 -12.09 -3.65
CA ASN C 163 25.96 -11.05 -3.57
C ASN C 163 25.64 -10.76 -2.11
N ASN C 164 25.98 -9.56 -1.67
CA ASN C 164 25.77 -9.16 -0.28
C ASN C 164 24.31 -8.81 0.02
N ALA C 165 23.51 -8.70 -1.03
CA ALA C 165 22.09 -8.37 -0.88
C ALA C 165 21.25 -9.62 -0.65
N LYS C 166 21.88 -10.79 -0.75
CA LYS C 166 21.18 -12.06 -0.57
C LYS C 166 21.29 -12.55 0.87
N THR C 167 20.15 -12.97 1.43
CA THR C 167 20.10 -13.44 2.81
C THR C 167 20.69 -14.84 2.96
N ILE C 168 21.63 -14.98 3.89
CA ILE C 168 22.20 -16.28 4.21
C ILE C 168 21.41 -16.95 5.32
N ILE C 169 20.70 -18.03 4.99
CA ILE C 169 19.89 -18.73 5.97
C ILE C 169 20.71 -19.77 6.74
N VAL C 170 21.00 -19.46 7.99
CA VAL C 170 21.81 -20.34 8.83
C VAL C 170 20.98 -21.44 9.47
N GLN C 171 21.41 -22.68 9.31
CA GLN C 171 20.73 -23.81 9.93
C GLN C 171 21.63 -24.47 10.98
N LEU C 172 21.29 -24.28 12.24
CA LEU C 172 22.11 -24.77 13.35
C LEU C 172 21.99 -26.29 13.51
N ASN C 173 23.01 -26.89 14.12
CA ASN C 173 22.97 -28.32 14.45
C ASN C 173 22.72 -28.54 15.93
N GLU C 174 22.74 -27.45 16.70
CA GLU C 174 22.37 -27.48 18.10
C GLU C 174 21.50 -26.26 18.42
N SER C 175 20.45 -26.46 19.21
CA SER C 175 19.49 -25.39 19.48
C SER C 175 19.80 -24.65 20.78
N VAL C 176 19.37 -23.39 20.83
CA VAL C 176 19.51 -22.56 22.03
C VAL C 176 18.12 -22.14 22.50
N VAL C 177 17.79 -22.48 23.74
CA VAL C 177 16.47 -22.20 24.28
C VAL C 177 16.38 -20.80 24.87
N ILE C 178 15.47 -19.99 24.33
CA ILE C 178 15.24 -18.63 24.82
C ILE C 178 13.86 -18.51 25.48
N ASN C 179 13.83 -18.09 26.74
CA ASN C 179 12.55 -18.03 27.45
C ASN C 179 11.99 -16.61 27.59
N CYS C 180 10.93 -16.31 26.84
CA CYS C 180 10.35 -14.97 26.79
C CYS C 180 9.17 -14.83 27.75
N THR C 181 9.10 -13.71 28.45
CA THR C 181 8.12 -13.56 29.52
C THR C 181 7.57 -12.15 29.65
N ARG C 182 6.24 -12.05 29.70
CA ARG C 182 5.58 -10.81 30.08
C ARG C 182 5.12 -10.98 31.52
N PRO C 183 5.91 -10.46 32.48
CA PRO C 183 5.63 -10.58 33.90
C PRO C 183 4.22 -10.12 34.25
N ASN C 184 3.54 -10.88 35.10
CA ASN C 184 2.16 -10.58 35.48
C ASN C 184 2.02 -9.17 36.05
N ASN C 185 2.41 -9.01 37.31
CA ASN C 185 2.41 -7.70 37.97
C ASN C 185 1.06 -7.00 37.94
N GLY C 192 3.56 -3.23 36.38
CA GLY C 192 3.76 -1.80 36.24
C GLY C 192 3.57 -1.34 34.80
N ASP C 193 4.20 -2.06 33.88
CA ASP C 193 4.07 -1.77 32.45
C ASP C 193 3.60 -3.00 31.71
N ILE C 194 2.36 -2.95 31.22
CA ILE C 194 1.72 -4.10 30.59
C ILE C 194 2.29 -4.44 29.21
N ARG C 195 3.12 -3.55 28.68
CA ARG C 195 3.77 -3.79 27.39
C ARG C 195 5.20 -4.26 27.57
N GLN C 196 5.76 -3.98 28.74
CA GLN C 196 7.14 -4.34 29.02
C GLN C 196 7.30 -5.84 29.26
N ALA C 197 8.24 -6.44 28.54
CA ALA C 197 8.54 -7.86 28.67
C ALA C 197 10.03 -8.11 28.51
N HIS C 198 10.43 -9.37 28.57
CA HIS C 198 11.84 -9.72 28.40
C HIS C 198 12.02 -11.19 28.01
N CYS C 199 13.24 -11.54 27.66
CA CYS C 199 13.57 -12.92 27.30
C CYS C 199 14.96 -13.30 27.84
N ASN C 200 15.08 -14.55 28.28
CA ASN C 200 16.34 -15.04 28.82
C ASN C 200 16.90 -16.23 28.07
N LEU C 201 18.21 -16.22 27.83
CA LEU C 201 18.90 -17.34 27.23
C LEU C 201 20.32 -17.47 27.80
N SER C 202 20.93 -18.64 27.62
CA SER C 202 22.26 -18.88 28.15
C SER C 202 23.31 -18.03 27.43
N LYS C 203 24.04 -17.23 28.20
CA LYS C 203 25.03 -16.31 27.65
C LYS C 203 26.22 -17.04 27.04
N THR C 204 26.68 -18.10 27.72
CA THR C 204 27.81 -18.87 27.24
C THR C 204 27.43 -19.78 26.09
N GLN C 205 26.22 -20.34 26.13
CA GLN C 205 25.73 -21.17 25.04
C GLN C 205 25.58 -20.36 23.75
N TRP C 206 25.30 -19.06 23.92
CA TRP C 206 25.10 -18.16 22.79
C TRP C 206 26.41 -17.73 22.13
N GLU C 207 27.43 -17.51 22.93
CA GLU C 207 28.71 -17.08 22.43
C GLU C 207 29.43 -18.22 21.71
N ASN C 208 29.04 -19.45 22.00
CA ASN C 208 29.60 -20.60 21.30
C ASN C 208 28.99 -20.69 19.90
N THR C 209 27.74 -20.27 19.75
CA THR C 209 27.08 -20.30 18.44
C THR C 209 27.71 -19.28 17.53
N LEU C 210 27.88 -18.07 18.04
CA LEU C 210 28.50 -16.98 17.28
C LEU C 210 29.93 -17.33 16.85
N GLU C 211 30.58 -18.19 17.63
CA GLU C 211 31.93 -18.62 17.32
C GLU C 211 31.95 -19.73 16.28
N GLN C 212 31.04 -20.68 16.40
CA GLN C 212 30.97 -21.80 15.45
C GLN C 212 30.46 -21.35 14.09
N ILE C 213 29.60 -20.34 14.08
CA ILE C 213 29.10 -19.77 12.83
C ILE C 213 30.21 -19.02 12.11
N ALA C 214 31.01 -18.29 12.87
CA ALA C 214 32.11 -17.49 12.33
C ALA C 214 33.22 -18.35 11.71
N ILE C 215 33.12 -19.66 11.89
CA ILE C 215 34.05 -20.58 11.26
C ILE C 215 33.51 -21.01 9.90
N LYS C 216 32.20 -21.26 9.84
CA LYS C 216 31.53 -21.57 8.58
C LYS C 216 31.54 -20.36 7.64
N LEU C 217 31.73 -19.19 8.21
CA LEU C 217 31.81 -17.96 7.43
C LEU C 217 33.23 -17.72 6.91
N LYS C 218 34.19 -18.41 7.51
CA LYS C 218 35.57 -18.36 7.04
C LYS C 218 35.83 -19.49 6.05
N GLU C 219 34.81 -20.32 5.83
CA GLU C 219 34.90 -21.41 4.86
C GLU C 219 34.21 -21.01 3.56
N GLN C 220 33.60 -19.84 3.56
CA GLN C 220 32.82 -19.38 2.42
C GLN C 220 33.39 -18.08 1.83
N PHE C 221 34.17 -17.37 2.64
CA PHE C 221 34.73 -16.09 2.20
C PHE C 221 36.25 -16.04 2.34
N GLY C 222 36.84 -17.10 2.88
CA GLY C 222 38.28 -17.17 3.01
C GLY C 222 38.73 -17.24 4.46
N ASN C 223 39.92 -17.77 4.68
CA ASN C 223 40.47 -17.90 6.03
C ASN C 223 41.33 -16.71 6.43
N ASN C 224 41.43 -15.73 5.54
CA ASN C 224 42.12 -14.47 5.84
C ASN C 224 41.12 -13.43 6.32
N LYS C 225 39.86 -13.83 6.41
CA LYS C 225 38.79 -12.92 6.79
C LYS C 225 38.58 -12.90 8.30
N THR C 226 38.21 -11.74 8.82
CA THR C 226 37.86 -11.59 10.23
C THR C 226 36.37 -11.35 10.41
N ILE C 227 35.66 -12.37 10.89
CA ILE C 227 34.20 -12.30 11.00
C ILE C 227 33.73 -11.48 12.19
N ILE C 228 32.90 -10.48 11.92
CA ILE C 228 32.36 -9.61 12.96
C ILE C 228 30.84 -9.54 12.86
N PHE C 229 30.17 -9.59 14.00
CA PHE C 229 28.71 -9.51 14.05
C PHE C 229 28.24 -8.18 14.62
N ASN C 230 27.43 -7.47 13.85
CA ASN C 230 26.89 -6.17 14.27
C ASN C 230 25.37 -6.16 14.25
N PRO C 231 24.74 -5.25 15.02
CA PRO C 231 23.27 -5.18 15.05
C PRO C 231 22.67 -4.77 13.71
N SER C 232 21.34 -4.69 13.66
CA SER C 232 20.64 -4.27 12.46
C SER C 232 20.98 -2.82 12.11
N SER C 233 21.18 -2.54 10.82
CA SER C 233 21.51 -1.20 10.36
C SER C 233 20.36 -0.24 10.62
N GLY C 234 19.19 -0.56 10.08
CA GLY C 234 18.02 0.29 10.26
C GLY C 234 16.81 -0.27 9.52
N GLY C 235 15.69 0.44 9.62
CA GLY C 235 14.46 0.03 8.97
C GLY C 235 13.32 -0.14 9.95
N ASP C 236 12.32 -0.92 9.55
CA ASP C 236 11.18 -1.22 10.41
C ASP C 236 11.63 -2.05 11.61
N PRO C 237 11.00 -1.82 12.78
CA PRO C 237 11.39 -2.51 14.01
C PRO C 237 11.21 -4.03 13.92
N GLU C 238 10.48 -4.50 12.92
CA GLU C 238 10.31 -5.94 12.71
C GLU C 238 11.64 -6.59 12.36
N ILE C 239 12.46 -5.89 11.58
CA ILE C 239 13.77 -6.40 11.18
C ILE C 239 14.90 -5.74 11.96
N VAL C 240 14.58 -4.71 12.73
CA VAL C 240 15.55 -4.04 13.59
C VAL C 240 15.71 -4.82 14.89
N THR C 241 14.58 -5.28 15.44
CA THR C 241 14.60 -6.10 16.64
C THR C 241 14.26 -7.54 16.29
N HIS C 242 14.38 -8.43 17.26
CA HIS C 242 13.94 -9.81 17.08
C HIS C 242 12.43 -9.88 17.32
N SER C 243 11.67 -9.65 16.26
CA SER C 243 10.22 -9.67 16.36
C SER C 243 9.67 -11.08 16.17
N PHE C 244 8.65 -11.42 16.94
CA PHE C 244 7.98 -12.70 16.83
C PHE C 244 6.60 -12.64 17.47
N ASN C 245 5.93 -13.79 17.57
CA ASN C 245 4.61 -13.85 18.17
C ASN C 245 4.48 -14.92 19.25
N CYS C 246 4.46 -14.49 20.50
CA CYS C 246 4.34 -15.41 21.63
C CYS C 246 3.03 -15.19 22.39
N GLY C 247 2.20 -16.23 22.43
CA GLY C 247 0.93 -16.17 23.14
C GLY C 247 -0.05 -15.19 22.53
N GLY C 248 -0.04 -15.09 21.21
CA GLY C 248 -0.93 -14.19 20.50
C GLY C 248 -0.52 -12.73 20.60
N GLU C 249 0.67 -12.50 21.14
CA GLU C 249 1.21 -11.15 21.28
C GLU C 249 2.48 -10.97 20.46
N PHE C 250 2.63 -9.81 19.84
CA PHE C 250 3.78 -9.54 19.00
C PHE C 250 4.91 -8.91 19.80
N PHE C 251 5.93 -9.72 20.07
CA PHE C 251 7.09 -9.26 20.83
C PHE C 251 8.09 -8.57 19.91
N TYR C 252 8.80 -7.59 20.44
CA TYR C 252 9.85 -6.90 19.70
C TYR C 252 11.13 -6.84 20.50
N CYS C 253 11.80 -7.98 20.61
CA CYS C 253 12.99 -8.09 21.45
C CYS C 253 14.23 -7.45 20.83
N ASN C 254 14.71 -6.39 21.47
CA ASN C 254 15.95 -5.74 21.07
C ASN C 254 17.13 -6.70 21.18
N SER C 255 17.64 -7.15 20.04
CA SER C 255 18.72 -8.13 20.02
C SER C 255 20.08 -7.49 19.78
N THR C 256 20.37 -6.43 20.53
CA THR C 256 21.67 -5.76 20.43
C THR C 256 22.75 -6.62 21.07
N GLN C 257 22.42 -7.24 22.20
CA GLN C 257 23.35 -8.08 22.93
C GLN C 257 23.60 -9.40 22.21
N LEU C 258 22.67 -9.77 21.33
CA LEU C 258 22.81 -11.00 20.55
C LEU C 258 23.74 -10.81 19.35
N PHE C 259 23.84 -9.56 18.89
CA PHE C 259 24.64 -9.28 17.70
C PHE C 259 25.71 -8.22 17.91
N THR C 260 26.53 -8.43 18.93
CA THR C 260 27.74 -7.63 19.13
C THR C 260 28.85 -8.60 19.54
N TRP C 261 29.60 -9.06 18.54
CA TRP C 261 30.54 -10.15 18.77
C TRP C 261 31.84 -10.03 17.98
N ASN C 262 32.92 -10.52 18.59
CA ASN C 262 34.21 -10.66 17.92
C ASN C 262 35.01 -11.77 18.58
N ASP C 263 35.87 -12.43 17.80
CA ASP C 263 36.65 -13.55 18.30
C ASP C 263 37.67 -13.11 19.36
N THR C 264 37.95 -11.83 19.42
CA THR C 264 38.86 -11.28 20.42
C THR C 264 38.10 -10.72 21.62
N GLY C 271 28.15 -12.01 34.06
CA GLY C 271 26.90 -12.73 34.21
C GLY C 271 26.94 -14.08 33.52
N ARG C 272 25.76 -14.65 33.26
CA ARG C 272 25.65 -15.95 32.62
C ARG C 272 24.33 -16.05 31.85
N ASN C 273 23.48 -15.05 32.03
CA ASN C 273 22.21 -14.98 31.31
C ASN C 273 22.09 -13.72 30.46
N ILE C 274 21.57 -13.87 29.25
CA ILE C 274 21.31 -12.74 28.37
C ILE C 274 19.84 -12.34 28.45
N THR C 275 19.59 -11.15 28.97
CA THR C 275 18.24 -10.64 29.08
C THR C 275 17.93 -9.59 28.00
N LEU C 276 17.05 -9.95 27.09
CA LEU C 276 16.66 -9.05 26.01
C LEU C 276 15.46 -8.23 26.43
N PRO C 277 15.59 -6.89 26.41
CA PRO C 277 14.46 -6.01 26.69
C PRO C 277 13.41 -6.11 25.57
N CYS C 278 12.19 -6.49 25.93
CA CYS C 278 11.14 -6.70 24.94
C CYS C 278 10.00 -5.69 25.08
N ARG C 279 9.20 -5.55 24.03
CA ARG C 279 8.08 -4.63 24.02
C ARG C 279 6.90 -5.21 23.24
N ILE C 280 5.77 -5.41 23.93
CA ILE C 280 4.55 -5.83 23.26
C ILE C 280 3.96 -4.64 22.51
N LYS C 281 3.93 -4.75 21.18
CA LYS C 281 3.45 -3.64 20.34
C LYS C 281 2.05 -3.92 19.80
N GLN C 282 1.23 -2.89 19.75
CA GLN C 282 -0.11 -3.02 19.18
C GLN C 282 -0.08 -2.86 17.66
N ILE C 283 0.67 -1.87 17.18
CA ILE C 283 0.77 -1.61 15.74
C ILE C 283 1.86 -2.44 15.12
N ILE C 284 1.47 -3.25 14.15
CA ILE C 284 2.40 -4.14 13.47
C ILE C 284 2.53 -3.83 11.96
N ASN C 285 3.76 -3.87 11.47
CA ASN C 285 4.00 -3.82 10.04
C ASN C 285 3.79 -5.20 9.45
N MET C 286 2.69 -5.39 8.73
CA MET C 286 2.33 -6.70 8.21
C MET C 286 3.39 -7.33 7.32
N TRP C 287 3.44 -8.66 7.31
CA TRP C 287 4.40 -9.40 6.50
C TRP C 287 3.71 -10.01 5.29
N GLN C 288 2.40 -10.24 5.39
CA GLN C 288 1.62 -10.78 4.29
C GLN C 288 1.69 -9.83 3.10
N GLU C 289 1.50 -8.55 3.37
CA GLU C 289 1.56 -7.52 2.35
C GLU C 289 2.06 -6.21 2.96
N VAL C 290 2.32 -5.22 2.11
CA VAL C 290 2.79 -3.93 2.59
C VAL C 290 1.66 -3.15 3.24
N GLY C 291 1.83 -2.83 4.51
CA GLY C 291 0.82 -2.09 5.25
C GLY C 291 1.00 -2.17 6.76
N LYS C 292 0.01 -1.70 7.49
CA LYS C 292 0.06 -1.69 8.94
C LYS C 292 -1.20 -2.28 9.56
N ALA C 293 -1.06 -2.92 10.72
CA ALA C 293 -2.18 -3.56 11.39
C ALA C 293 -2.21 -3.20 12.88
N MET C 294 -3.41 -3.07 13.42
CA MET C 294 -3.58 -2.73 14.83
C MET C 294 -4.34 -3.82 15.57
N TYR C 295 -3.82 -4.19 16.74
CA TYR C 295 -4.47 -5.19 17.57
C TYR C 295 -4.76 -4.61 18.95
N ALA C 296 -5.66 -5.29 19.68
CA ALA C 296 -6.05 -4.86 21.02
C ALA C 296 -4.86 -4.82 21.98
N PRO C 297 -4.97 -4.02 23.05
CA PRO C 297 -3.91 -3.97 24.07
C PRO C 297 -3.64 -5.36 24.65
N PRO C 298 -2.38 -5.62 25.07
CA PRO C 298 -1.94 -6.91 25.61
C PRO C 298 -2.85 -7.46 26.70
N ILE C 299 -2.98 -8.78 26.75
CA ILE C 299 -3.90 -9.44 27.68
C ILE C 299 -3.38 -9.43 29.12
N ARG C 300 -4.14 -10.06 30.01
CA ARG C 300 -3.79 -10.11 31.43
C ARG C 300 -3.10 -11.41 31.82
N GLY C 301 -2.42 -11.38 32.96
CA GLY C 301 -1.69 -12.54 33.43
C GLY C 301 -0.30 -12.60 32.84
N GLN C 302 0.33 -13.77 32.93
CA GLN C 302 1.67 -13.96 32.39
C GLN C 302 1.64 -14.62 31.02
N ILE C 303 2.20 -13.93 30.02
CA ILE C 303 2.35 -14.48 28.68
C ILE C 303 3.76 -15.01 28.55
N ARG C 304 3.89 -16.30 28.28
CA ARG C 304 5.19 -16.95 28.30
C ARG C 304 5.22 -18.21 27.45
N CYS C 305 6.29 -18.38 26.68
CA CYS C 305 6.46 -19.60 25.87
C CYS C 305 7.94 -19.84 25.53
N SER C 306 8.44 -21.01 25.90
CA SER C 306 9.83 -21.38 25.62
C SER C 306 10.01 -21.78 24.17
N SER C 307 11.01 -21.19 23.50
CA SER C 307 11.25 -21.46 22.08
C SER C 307 12.67 -21.94 21.81
N ASN C 308 12.83 -22.69 20.71
CA ASN C 308 14.13 -23.22 20.33
C ASN C 308 14.69 -22.52 19.09
N ILE C 309 15.78 -21.77 19.29
CA ILE C 309 16.45 -21.11 18.18
C ILE C 309 17.22 -22.12 17.35
N THR C 310 16.61 -22.57 16.26
CA THR C 310 17.20 -23.62 15.43
C THR C 310 17.86 -23.07 14.17
N GLY C 311 17.69 -21.78 13.91
CA GLY C 311 18.26 -21.17 12.72
C GLY C 311 18.35 -19.66 12.79
N LEU C 312 19.01 -19.07 11.80
CA LEU C 312 19.18 -17.62 11.74
C LEU C 312 18.88 -17.04 10.37
N LEU C 313 18.79 -15.71 10.31
CA LEU C 313 18.63 -14.99 9.05
C LEU C 313 19.48 -13.73 9.06
N LEU C 314 20.71 -13.85 8.58
CA LEU C 314 21.65 -12.73 8.56
C LEU C 314 21.83 -12.18 7.16
N THR C 315 22.64 -11.13 7.04
CA THR C 315 23.05 -10.59 5.76
C THR C 315 24.51 -10.17 5.82
N ARG C 316 25.08 -9.83 4.66
CA ARG C 316 26.46 -9.38 4.61
C ARG C 316 26.53 -7.96 4.04
N ASP C 317 27.42 -7.14 4.57
CA ASP C 317 27.60 -5.78 4.09
C ASP C 317 28.35 -5.76 2.76
N GLY C 318 29.62 -6.14 2.80
CA GLY C 318 30.45 -6.15 1.62
C GLY C 318 30.77 -4.75 1.11
N GLY C 319 30.85 -4.61 -0.20
CA GLY C 319 31.15 -3.33 -0.82
C GLY C 319 32.59 -2.90 -0.60
N ASN C 323 37.60 -4.59 2.79
CA ASN C 323 38.46 -5.73 2.47
C ASN C 323 39.07 -6.36 3.71
N GLY C 324 38.93 -7.67 3.81
CA GLY C 324 39.48 -8.41 4.94
C GLY C 324 38.47 -8.59 6.06
N THR C 325 37.87 -7.49 6.50
CA THR C 325 36.89 -7.54 7.58
C THR C 325 35.47 -7.67 7.05
N GLU C 326 34.81 -8.78 7.42
CA GLU C 326 33.44 -9.03 6.98
C GLU C 326 32.46 -8.82 8.13
N ILE C 327 31.51 -7.92 7.93
CA ILE C 327 30.51 -7.62 8.95
C ILE C 327 29.17 -8.25 8.60
N PHE C 328 28.60 -8.98 9.55
CA PHE C 328 27.31 -9.65 9.35
C PHE C 328 26.26 -9.14 10.33
N ARG C 329 25.11 -8.75 9.80
CA ARG C 329 24.02 -8.18 10.60
C ARG C 329 22.77 -9.03 10.46
N PRO C 330 21.89 -9.00 11.48
CA PRO C 330 20.65 -9.78 11.42
C PRO C 330 19.71 -9.25 10.34
N GLY C 331 19.11 -10.14 9.58
CA GLY C 331 18.18 -9.75 8.53
C GLY C 331 16.75 -10.17 8.80
N GLY C 332 16.08 -10.68 7.77
CA GLY C 332 14.71 -11.10 7.89
C GLY C 332 13.78 -10.25 7.05
N GLY C 333 12.48 -10.41 7.24
CA GLY C 333 11.49 -9.65 6.49
C GLY C 333 10.65 -10.53 5.59
N ASP C 334 11.31 -11.22 4.67
CA ASP C 334 10.62 -12.12 3.75
C ASP C 334 10.37 -13.47 4.41
N MET C 335 9.11 -13.72 4.77
CA MET C 335 8.74 -14.95 5.48
C MET C 335 8.84 -16.19 4.61
N ARG C 336 9.12 -16.00 3.33
CA ARG C 336 9.43 -17.11 2.44
C ARG C 336 10.73 -17.77 2.88
N ASP C 337 11.68 -16.94 3.32
CA ASP C 337 12.94 -17.43 3.86
C ASP C 337 12.70 -18.35 5.06
N ASN C 338 11.67 -18.04 5.84
CA ASN C 338 11.28 -18.87 6.96
C ASN C 338 10.82 -20.27 6.51
N TRP C 339 10.13 -20.32 5.37
CA TRP C 339 9.64 -21.59 4.87
C TRP C 339 10.74 -22.39 4.16
N ARG C 340 11.67 -21.68 3.53
CA ARG C 340 12.74 -22.32 2.77
C ARG C 340 13.71 -23.11 3.65
N SER C 341 13.95 -22.62 4.86
CA SER C 341 14.83 -23.29 5.81
C SER C 341 14.25 -24.64 6.26
N GLU C 342 12.98 -24.86 5.95
CA GLU C 342 12.32 -26.14 6.25
C GLU C 342 11.98 -26.86 4.95
N LEU C 343 11.68 -26.10 3.90
CA LEU C 343 11.30 -26.67 2.62
C LEU C 343 12.42 -26.63 1.58
N TYR C 344 13.66 -26.88 2.02
CA TYR C 344 14.78 -26.87 1.09
C TYR C 344 15.10 -28.27 0.57
N LYS C 345 14.97 -29.27 1.44
CA LYS C 345 15.27 -30.65 1.09
C LYS C 345 14.06 -31.34 0.47
N TYR C 346 13.32 -30.62 -0.36
CA TYR C 346 12.11 -31.16 -0.97
C TYR C 346 11.81 -30.56 -2.35
N LYS C 347 11.02 -31.29 -3.13
CA LYS C 347 10.51 -30.78 -4.41
C LYS C 347 9.34 -31.66 -4.88
N VAL C 348 8.48 -31.09 -5.70
CA VAL C 348 7.35 -31.84 -6.26
C VAL C 348 7.66 -32.31 -7.67
N VAL C 349 7.46 -33.60 -7.91
CA VAL C 349 7.64 -34.16 -9.25
C VAL C 349 6.38 -34.91 -9.71
N LYS C 350 6.15 -34.92 -11.01
CA LYS C 350 5.01 -35.62 -11.57
C LYS C 350 5.43 -37.00 -12.09
N ILE C 351 4.83 -38.04 -11.53
CA ILE C 351 5.14 -39.41 -11.94
C ILE C 351 4.41 -39.76 -13.24
N GLU C 352 5.08 -39.52 -14.37
CA GLU C 352 4.57 -39.83 -15.69
C GLU C 352 3.27 -39.10 -16.03
N TRP D 2 -25.13 -49.58 2.98
CA TRP D 2 -24.64 -48.21 3.06
C TRP D 2 -25.41 -47.40 4.09
N LYS D 3 -24.70 -46.55 4.83
CA LYS D 3 -25.32 -45.67 5.81
C LYS D 3 -25.04 -44.21 5.52
N GLU D 4 -25.99 -43.34 5.89
CA GLU D 4 -25.85 -41.91 5.67
C GLU D 4 -24.92 -41.28 6.69
N ALA D 5 -23.80 -40.74 6.22
CA ALA D 5 -22.83 -40.09 7.10
C ALA D 5 -22.56 -38.66 6.66
N THR D 6 -21.95 -37.89 7.55
CA THR D 6 -21.60 -36.50 7.26
C THR D 6 -20.10 -36.35 7.01
N THR D 7 -19.74 -36.06 5.76
CA THR D 7 -18.34 -35.94 5.39
C THR D 7 -18.01 -34.56 4.83
N THR D 8 -16.78 -34.39 4.39
CA THR D 8 -16.35 -33.14 3.78
C THR D 8 -16.47 -33.22 2.26
N LEU D 9 -17.56 -32.66 1.74
CA LEU D 9 -17.82 -32.68 0.31
C LEU D 9 -16.82 -31.80 -0.44
N PHE D 10 -16.67 -32.08 -1.75
CA PHE D 10 -15.87 -31.23 -2.61
C PHE D 10 -16.68 -30.85 -3.84
N CYS D 11 -16.64 -29.57 -4.20
CA CYS D 11 -17.43 -29.07 -5.31
C CYS D 11 -16.68 -29.15 -6.63
N ALA D 12 -17.42 -29.38 -7.72
CA ALA D 12 -16.86 -29.41 -9.06
C ALA D 12 -17.52 -28.32 -9.91
N SER D 13 -16.79 -27.82 -10.90
CA SER D 13 -17.29 -26.74 -11.72
C SER D 13 -16.59 -26.62 -13.06
N ASP D 14 -17.19 -25.86 -13.97
CA ASP D 14 -16.57 -25.53 -15.25
C ASP D 14 -16.15 -24.07 -15.25
N ALA D 15 -15.27 -23.72 -14.33
CA ALA D 15 -14.84 -22.33 -14.18
C ALA D 15 -13.57 -22.03 -14.96
N LYS D 16 -13.61 -20.95 -15.74
CA LYS D 16 -12.45 -20.52 -16.50
C LYS D 16 -11.55 -19.63 -15.64
N ALA D 17 -10.25 -19.93 -15.65
CA ALA D 17 -9.30 -19.21 -14.82
C ALA D 17 -9.10 -17.77 -15.28
N TYR D 18 -9.36 -17.51 -16.54
CA TYR D 18 -9.18 -16.18 -17.10
C TYR D 18 -10.37 -15.26 -16.83
N ASP D 19 -11.53 -15.84 -16.57
CA ASP D 19 -12.73 -15.06 -16.27
C ASP D 19 -12.61 -14.46 -14.87
N THR D 20 -12.78 -13.15 -14.78
CA THR D 20 -12.67 -12.46 -13.50
C THR D 20 -14.03 -12.31 -12.82
N GLU D 21 -15.05 -12.97 -13.36
CA GLU D 21 -16.34 -13.03 -12.70
C GLU D 21 -16.17 -13.84 -11.43
N VAL D 22 -16.61 -13.29 -10.30
CA VAL D 22 -16.30 -13.81 -8.97
C VAL D 22 -16.59 -15.29 -8.75
N HIS D 23 -17.66 -15.80 -9.36
CA HIS D 23 -18.00 -17.22 -9.22
C HIS D 23 -16.96 -18.09 -9.92
N ASN D 24 -16.56 -17.67 -11.12
CA ASN D 24 -15.52 -18.37 -11.86
C ASN D 24 -14.18 -18.33 -11.13
N VAL D 25 -13.97 -17.27 -10.35
CA VAL D 25 -12.74 -17.09 -9.60
C VAL D 25 -12.76 -17.93 -8.33
N TRP D 26 -13.91 -17.96 -7.66
CA TRP D 26 -14.07 -18.75 -6.45
C TRP D 26 -14.02 -20.24 -6.76
N ALA D 27 -14.56 -20.62 -7.91
CA ALA D 27 -14.63 -22.02 -8.31
C ALA D 27 -13.28 -22.52 -8.83
N THR D 28 -12.45 -21.61 -9.34
CA THR D 28 -11.10 -21.97 -9.75
C THR D 28 -10.18 -22.02 -8.54
N HIS D 29 -10.74 -21.76 -7.37
CA HIS D 29 -9.99 -21.76 -6.12
C HIS D 29 -10.47 -22.88 -5.18
N ALA D 30 -11.79 -23.03 -5.09
CA ALA D 30 -12.39 -23.96 -4.13
C ALA D 30 -12.99 -25.20 -4.78
N CYS D 31 -12.96 -25.27 -6.10
CA CYS D 31 -13.55 -26.40 -6.81
C CYS D 31 -12.57 -27.12 -7.74
N VAL D 32 -13.07 -28.12 -8.45
CA VAL D 32 -12.27 -28.91 -9.38
C VAL D 32 -12.99 -29.04 -10.71
N PRO D 33 -12.25 -29.29 -11.80
CA PRO D 33 -12.88 -29.52 -13.10
C PRO D 33 -13.80 -30.73 -13.08
N THR D 34 -15.01 -30.58 -13.63
CA THR D 34 -15.98 -31.66 -13.64
C THR D 34 -15.56 -32.82 -14.55
N ASP D 35 -16.23 -33.94 -14.41
CA ASP D 35 -15.98 -35.10 -15.25
C ASP D 35 -16.93 -35.07 -16.45
N PRO D 36 -16.36 -35.05 -17.67
CA PRO D 36 -17.15 -34.98 -18.90
C PRO D 36 -17.99 -36.24 -19.11
N ASN D 37 -17.66 -37.31 -18.41
CA ASN D 37 -18.42 -38.55 -18.50
C ASN D 37 -18.73 -39.15 -17.13
N PRO D 38 -19.69 -38.56 -16.41
CA PRO D 38 -20.07 -39.04 -15.08
C PRO D 38 -20.80 -40.39 -15.16
N GLN D 39 -20.40 -41.32 -14.31
CA GLN D 39 -20.97 -42.66 -14.34
C GLN D 39 -22.12 -42.83 -13.35
N GLU D 40 -23.34 -42.59 -13.81
CA GLU D 40 -24.52 -42.80 -12.99
C GLU D 40 -24.98 -44.25 -13.08
N VAL D 41 -24.89 -44.95 -11.96
CA VAL D 41 -25.25 -46.37 -11.92
C VAL D 41 -26.59 -46.57 -11.21
N LYS D 42 -27.60 -47.02 -11.95
CA LYS D 42 -28.91 -47.27 -11.38
C LYS D 42 -28.85 -48.51 -10.49
N LEU D 43 -29.41 -48.40 -9.28
CA LEU D 43 -29.41 -49.50 -8.33
C LEU D 43 -30.62 -50.40 -8.54
N GLU D 44 -30.37 -51.70 -8.66
CA GLU D 44 -31.43 -52.66 -8.95
C GLU D 44 -32.08 -53.20 -7.68
N ASN D 45 -33.41 -53.21 -7.67
CA ASN D 45 -34.19 -53.80 -6.59
C ASN D 45 -33.95 -53.16 -5.23
N VAL D 46 -33.56 -51.88 -5.22
CA VAL D 46 -33.25 -51.17 -3.99
C VAL D 46 -34.20 -50.00 -3.72
N THR D 47 -34.68 -49.91 -2.48
CA THR D 47 -35.50 -48.78 -2.06
C THR D 47 -34.90 -48.11 -0.83
N GLU D 48 -34.72 -46.79 -0.90
CA GLU D 48 -34.02 -46.05 0.14
C GLU D 48 -34.89 -44.92 0.71
N ASN D 49 -34.57 -44.50 1.93
CA ASN D 49 -35.25 -43.35 2.54
C ASN D 49 -34.53 -42.04 2.24
N PHE D 50 -35.28 -41.03 1.83
CA PHE D 50 -34.73 -39.71 1.58
C PHE D 50 -35.39 -38.65 2.46
N ASN D 51 -34.61 -37.67 2.88
CA ASN D 51 -35.14 -36.55 3.65
C ASN D 51 -34.43 -35.25 3.27
N MET D 52 -35.09 -34.45 2.44
CA MET D 52 -34.53 -33.18 1.97
C MET D 52 -34.49 -32.15 3.09
N TRP D 53 -35.36 -32.32 4.09
CA TRP D 53 -35.49 -31.34 5.15
C TRP D 53 -34.44 -31.53 6.25
N LYS D 54 -33.70 -32.61 6.17
CA LYS D 54 -32.61 -32.89 7.10
C LYS D 54 -31.36 -33.34 6.38
N ASN D 55 -31.11 -32.76 5.21
CA ASN D 55 -29.94 -33.09 4.40
C ASN D 55 -28.74 -32.23 4.78
N ASN D 56 -27.59 -32.86 4.93
CA ASN D 56 -26.37 -32.16 5.33
C ASN D 56 -25.75 -31.37 4.18
N MET D 57 -25.97 -31.84 2.96
CA MET D 57 -25.40 -31.20 1.78
C MET D 57 -25.94 -29.79 1.59
N VAL D 58 -27.16 -29.55 2.08
CA VAL D 58 -27.76 -28.23 2.03
C VAL D 58 -26.96 -27.28 2.91
N GLU D 59 -26.42 -27.82 4.02
CA GLU D 59 -25.64 -27.04 4.95
C GLU D 59 -24.27 -26.68 4.38
N GLN D 60 -23.54 -27.69 3.93
CA GLN D 60 -22.19 -27.48 3.40
C GLN D 60 -22.19 -26.61 2.15
N MET D 61 -23.26 -26.69 1.37
CA MET D 61 -23.42 -25.80 0.22
C MET D 61 -23.66 -24.39 0.73
N HIS D 62 -24.54 -24.27 1.71
CA HIS D 62 -24.90 -22.97 2.28
C HIS D 62 -23.69 -22.22 2.82
N GLU D 63 -22.82 -22.93 3.55
CA GLU D 63 -21.62 -22.34 4.09
C GLU D 63 -20.63 -21.98 2.99
N ASP D 64 -20.67 -22.74 1.90
CA ASP D 64 -19.80 -22.48 0.76
C ASP D 64 -20.25 -21.22 0.02
N ILE D 65 -21.56 -21.01 -0.06
CA ILE D 65 -22.10 -19.82 -0.70
C ILE D 65 -21.82 -18.59 0.16
N ILE D 66 -21.94 -18.75 1.47
CA ILE D 66 -21.62 -17.68 2.40
C ILE D 66 -20.15 -17.31 2.29
N SER D 67 -19.28 -18.32 2.32
CA SER D 67 -17.84 -18.11 2.19
C SER D 67 -17.52 -17.51 0.83
N LEU D 68 -18.30 -17.87 -0.18
CA LEU D 68 -18.15 -17.31 -1.52
C LEU D 68 -18.41 -15.80 -1.49
N TRP D 69 -19.57 -15.44 -0.94
CA TRP D 69 -19.98 -14.04 -0.86
C TRP D 69 -19.05 -13.17 -0.02
N ASP D 70 -18.42 -13.79 0.98
CA ASP D 70 -17.51 -13.07 1.87
C ASP D 70 -16.18 -12.76 1.20
N GLN D 71 -15.97 -13.34 0.02
CA GLN D 71 -14.76 -13.08 -0.76
C GLN D 71 -15.13 -12.36 -2.05
N SER D 72 -16.40 -12.48 -2.44
CA SER D 72 -16.87 -11.93 -3.70
C SER D 72 -17.50 -10.55 -3.53
N LEU D 73 -18.66 -10.50 -2.86
CA LEU D 73 -19.34 -9.24 -2.64
C LEU D 73 -18.91 -8.56 -1.35
N LYS D 74 -17.94 -7.67 -1.45
CA LYS D 74 -17.44 -6.92 -0.30
C LYS D 74 -18.28 -5.66 -0.07
N PRO D 75 -19.03 -5.63 1.03
CA PRO D 75 -19.86 -4.46 1.35
C PRO D 75 -19.05 -3.34 1.98
N CYS D 76 -19.47 -2.10 1.74
CA CYS D 76 -18.79 -0.92 2.28
C CYS D 76 -18.92 -0.87 3.81
N VAL D 77 -20.10 -1.23 4.29
CA VAL D 77 -20.36 -1.27 5.73
C VAL D 77 -21.15 -2.54 6.06
N LYS D 78 -20.61 -3.35 6.96
CA LYS D 78 -21.33 -4.52 7.45
C LYS D 78 -21.60 -4.37 8.95
N LEU D 79 -22.87 -4.48 9.32
CA LEU D 79 -23.27 -4.26 10.71
C LEU D 79 -23.97 -5.47 11.32
N THR D 80 -23.25 -6.20 12.15
CA THR D 80 -23.84 -7.29 12.93
C THR D 80 -23.98 -6.85 14.39
N GLY D 81 -24.80 -7.57 15.15
CA GLY D 81 -25.25 -7.16 16.47
C GLY D 81 -24.28 -6.50 17.45
N GLY D 82 -23.85 -5.28 17.12
CA GLY D 82 -22.99 -4.50 18.00
C GLY D 82 -21.61 -4.21 17.44
N SER D 83 -21.22 -4.96 16.40
CA SER D 83 -19.91 -4.78 15.80
C SER D 83 -20.01 -4.21 14.39
N VAL D 84 -19.07 -3.36 14.03
CA VAL D 84 -19.08 -2.68 12.74
C VAL D 84 -17.89 -3.06 11.88
N ILE D 85 -18.16 -3.50 10.65
CA ILE D 85 -17.10 -3.87 9.72
C ILE D 85 -17.16 -3.01 8.45
N THR D 86 -16.17 -2.15 8.27
CA THR D 86 -16.08 -1.32 7.08
C THR D 86 -14.84 -1.66 6.25
N GLN D 87 -15.00 -1.63 4.94
CA GLN D 87 -13.90 -1.97 4.04
C GLN D 87 -14.17 -1.46 2.62
N ALA D 88 -13.23 -1.73 1.72
CA ALA D 88 -13.39 -1.36 0.33
C ALA D 88 -14.54 -2.14 -0.31
N CYS D 89 -15.34 -1.46 -1.11
CA CYS D 89 -16.50 -2.09 -1.74
C CYS D 89 -16.51 -1.91 -3.26
N PRO D 90 -15.57 -2.58 -3.96
CA PRO D 90 -15.51 -2.46 -5.42
C PRO D 90 -16.55 -3.32 -6.11
N LYS D 91 -17.22 -2.75 -7.11
CA LYS D 91 -18.20 -3.49 -7.90
C LYS D 91 -17.50 -4.55 -8.74
N VAL D 92 -18.17 -5.67 -8.96
CA VAL D 92 -17.59 -6.76 -9.74
C VAL D 92 -18.59 -7.41 -10.69
N SER D 93 -18.11 -8.38 -11.45
CA SER D 93 -18.97 -9.14 -12.35
C SER D 93 -19.66 -10.25 -11.56
N PHE D 94 -20.99 -10.27 -11.59
CA PHE D 94 -21.74 -11.25 -10.83
C PHE D 94 -22.71 -12.04 -11.70
N GLU D 95 -22.32 -13.26 -12.06
CA GLU D 95 -23.16 -14.15 -12.84
C GLU D 95 -22.94 -15.59 -12.38
N PRO D 96 -23.90 -16.14 -11.62
CA PRO D 96 -23.82 -17.47 -11.01
C PRO D 96 -23.50 -18.58 -12.01
N ILE D 97 -22.49 -19.38 -11.69
CA ILE D 97 -22.12 -20.52 -12.51
C ILE D 97 -22.58 -21.81 -11.84
N PRO D 98 -22.91 -22.83 -12.65
CA PRO D 98 -23.34 -24.13 -12.12
C PRO D 98 -22.28 -24.79 -11.25
N ILE D 99 -22.64 -25.08 -10.00
CA ILE D 99 -21.73 -25.73 -9.07
C ILE D 99 -22.15 -27.18 -8.83
N HIS D 100 -21.25 -28.11 -9.16
CA HIS D 100 -21.50 -29.53 -8.95
C HIS D 100 -20.91 -29.95 -7.61
N TYR D 101 -21.69 -30.68 -6.82
CA TYR D 101 -21.19 -31.22 -5.55
C TYR D 101 -21.00 -32.73 -5.64
N CYS D 102 -19.89 -33.23 -5.11
CA CYS D 102 -19.53 -34.63 -5.24
C CYS D 102 -19.14 -35.25 -3.89
N ALA D 103 -18.96 -36.57 -3.90
CA ALA D 103 -18.62 -37.31 -2.68
C ALA D 103 -17.18 -37.82 -2.68
N PRO D 104 -16.53 -37.82 -1.51
CA PRO D 104 -15.14 -38.26 -1.38
C PRO D 104 -15.01 -39.78 -1.42
N ALA D 105 -13.77 -40.27 -1.29
CA ALA D 105 -13.50 -41.70 -1.35
C ALA D 105 -14.09 -42.45 -0.15
N GLY D 106 -14.79 -43.54 -0.43
CA GLY D 106 -15.47 -44.29 0.60
C GLY D 106 -16.91 -43.85 0.73
N PHE D 107 -17.28 -42.83 -0.03
CA PHE D 107 -18.63 -42.29 -0.02
C PHE D 107 -19.21 -42.23 -1.43
N ALA D 108 -20.53 -42.18 -1.52
CA ALA D 108 -21.22 -42.06 -2.80
C ALA D 108 -22.53 -41.30 -2.62
N ILE D 109 -23.06 -40.79 -3.72
CA ILE D 109 -24.30 -40.03 -3.68
C ILE D 109 -25.47 -40.80 -4.29
N LEU D 110 -26.55 -40.93 -3.53
CA LEU D 110 -27.76 -41.57 -4.03
C LEU D 110 -28.67 -40.54 -4.68
N LYS D 111 -29.41 -40.96 -5.69
CA LYS D 111 -30.30 -40.06 -6.42
C LYS D 111 -31.65 -40.71 -6.68
N CYS D 112 -32.70 -40.10 -6.14
CA CYS D 112 -34.06 -40.60 -6.37
C CYS D 112 -34.56 -40.18 -7.74
N ASN D 113 -35.05 -41.14 -8.51
CA ASN D 113 -35.52 -40.86 -9.86
C ASN D 113 -37.03 -40.98 -10.02
N ASP D 114 -37.75 -41.01 -8.90
CA ASP D 114 -39.20 -41.02 -8.93
C ASP D 114 -39.74 -39.72 -9.49
N LYS D 115 -40.73 -39.82 -10.37
CA LYS D 115 -41.26 -38.65 -11.07
C LYS D 115 -42.30 -37.90 -10.24
N LYS D 116 -42.66 -38.45 -9.08
CA LYS D 116 -43.69 -37.84 -8.24
C LYS D 116 -43.19 -37.60 -6.81
N PHE D 117 -41.89 -37.78 -6.61
CA PHE D 117 -41.28 -37.67 -5.28
C PHE D 117 -41.62 -36.37 -4.56
N ASN D 118 -42.20 -36.50 -3.37
CA ASN D 118 -42.70 -35.34 -2.63
C ASN D 118 -41.75 -34.78 -1.58
N GLY D 119 -40.50 -35.26 -1.60
CA GLY D 119 -39.49 -34.77 -0.69
C GLY D 119 -39.07 -35.75 0.38
N THR D 120 -40.04 -36.24 1.15
CA THR D 120 -39.78 -37.20 2.21
C THR D 120 -40.40 -38.56 1.90
N GLY D 121 -39.81 -39.61 2.45
CA GLY D 121 -40.32 -40.95 2.27
C GLY D 121 -39.39 -41.85 1.47
N PRO D 122 -39.93 -42.96 0.95
CA PRO D 122 -39.18 -43.96 0.19
C PRO D 122 -39.09 -43.63 -1.30
N CYS D 123 -38.24 -44.36 -2.01
CA CYS D 123 -38.06 -44.19 -3.45
C CYS D 123 -37.71 -45.52 -4.11
N THR D 124 -38.36 -45.82 -5.22
CA THR D 124 -38.16 -47.11 -5.89
C THR D 124 -37.18 -47.05 -7.06
N ASN D 125 -36.82 -45.84 -7.46
CA ASN D 125 -35.88 -45.66 -8.56
C ASN D 125 -34.64 -44.89 -8.11
N VAL D 126 -33.63 -45.62 -7.66
CA VAL D 126 -32.43 -45.01 -7.09
C VAL D 126 -31.18 -45.29 -7.92
N SER D 127 -30.36 -44.26 -8.14
CA SER D 127 -29.10 -44.40 -8.85
C SER D 127 -27.97 -43.81 -8.01
N THR D 128 -26.72 -44.07 -8.42
CA THR D 128 -25.57 -43.53 -7.72
C THR D 128 -24.61 -42.76 -8.64
N VAL D 129 -24.68 -41.43 -8.57
CA VAL D 129 -23.80 -40.57 -9.36
C VAL D 129 -22.65 -40.13 -8.47
N GLN D 130 -21.52 -39.75 -9.08
CA GLN D 130 -20.36 -39.29 -8.33
C GLN D 130 -20.52 -37.82 -7.95
N CYS D 131 -21.03 -37.02 -8.88
CA CYS D 131 -21.21 -35.59 -8.66
C CYS D 131 -22.64 -35.15 -8.96
N THR D 132 -23.16 -34.25 -8.15
CA THR D 132 -24.49 -33.69 -8.39
C THR D 132 -24.46 -32.79 -9.62
N HIS D 133 -25.63 -32.50 -10.17
CA HIS D 133 -25.71 -31.64 -11.36
C HIS D 133 -25.35 -30.20 -11.01
N GLY D 134 -25.08 -29.40 -12.05
CA GLY D 134 -24.66 -28.02 -11.85
C GLY D 134 -25.74 -27.16 -11.23
N ILE D 135 -25.57 -26.84 -9.94
CA ILE D 135 -26.53 -26.02 -9.23
C ILE D 135 -26.10 -24.56 -9.18
N ARG D 136 -26.82 -23.71 -9.90
CA ARG D 136 -26.57 -22.27 -9.86
C ARG D 136 -27.02 -21.73 -8.51
N PRO D 137 -26.08 -21.22 -7.71
CA PRO D 137 -26.37 -20.73 -6.36
C PRO D 137 -27.15 -19.43 -6.38
N VAL D 138 -28.32 -19.44 -7.00
CA VAL D 138 -29.12 -18.23 -7.15
C VAL D 138 -29.79 -17.82 -5.85
N VAL D 139 -29.38 -16.67 -5.32
CA VAL D 139 -29.98 -16.12 -4.12
C VAL D 139 -31.14 -15.19 -4.48
N SER D 140 -32.34 -15.59 -4.13
CA SER D 140 -33.53 -14.81 -4.44
C SER D 140 -34.64 -15.13 -3.45
N THR D 141 -35.70 -14.34 -3.49
CA THR D 141 -36.84 -14.55 -2.59
C THR D 141 -38.15 -14.57 -3.37
N GLN D 142 -39.17 -15.18 -2.79
CA GLN D 142 -40.49 -15.32 -3.40
C GLN D 142 -40.51 -16.18 -4.66
N LEU D 143 -39.56 -15.96 -5.56
CA LEU D 143 -39.46 -16.74 -6.78
C LEU D 143 -38.07 -17.36 -6.92
N LEU D 144 -38.03 -18.66 -7.22
CA LEU D 144 -36.76 -19.33 -7.50
C LEU D 144 -36.34 -19.06 -8.94
N LEU D 145 -35.05 -18.98 -9.19
CA LEU D 145 -34.54 -18.59 -10.51
C LEU D 145 -33.39 -19.47 -10.98
N ASN D 146 -33.23 -19.57 -12.30
CA ASN D 146 -32.15 -20.34 -12.93
C ASN D 146 -31.96 -21.75 -12.36
N GLY D 147 -33.07 -22.42 -12.04
CA GLY D 147 -32.99 -23.72 -11.40
C GLY D 147 -33.38 -24.88 -12.28
N SER D 148 -33.62 -26.04 -11.66
CA SER D 148 -34.00 -27.24 -12.40
C SER D 148 -35.50 -27.51 -12.31
N LEU D 149 -36.15 -27.55 -13.48
CA LEU D 149 -37.58 -27.80 -13.56
C LEU D 149 -37.92 -29.24 -13.22
N ALA D 150 -39.15 -29.48 -12.79
CA ALA D 150 -39.63 -30.83 -12.55
C ALA D 150 -39.86 -31.54 -13.88
N GLU D 151 -39.67 -32.85 -13.89
CA GLU D 151 -39.77 -33.63 -15.13
C GLU D 151 -41.21 -33.80 -15.61
N GLU D 152 -42.13 -34.00 -14.67
CA GLU D 152 -43.52 -34.24 -15.04
C GLU D 152 -44.41 -33.02 -14.78
N GLU D 153 -44.93 -32.92 -13.57
CA GLU D 153 -45.85 -31.83 -13.22
C GLU D 153 -45.29 -30.95 -12.13
N ILE D 154 -46.11 -30.01 -11.65
CA ILE D 154 -45.71 -29.09 -10.59
C ILE D 154 -45.67 -29.80 -9.24
N VAL D 155 -44.48 -30.15 -8.79
CA VAL D 155 -44.33 -30.91 -7.55
C VAL D 155 -44.14 -29.99 -6.34
N ILE D 156 -45.23 -29.60 -5.71
CA ILE D 156 -45.16 -28.79 -4.49
C ILE D 156 -44.67 -29.64 -3.32
N ARG D 157 -43.83 -29.06 -2.48
CA ARG D 157 -43.24 -29.79 -1.35
C ARG D 157 -43.17 -28.97 -0.08
N SER D 158 -43.65 -29.55 1.01
CA SER D 158 -43.54 -28.94 2.33
C SER D 158 -43.12 -29.97 3.37
N GLU D 159 -42.54 -29.50 4.47
CA GLU D 159 -42.13 -30.37 5.55
C GLU D 159 -43.35 -30.88 6.31
N ASN D 160 -44.37 -30.02 6.39
CA ASN D 160 -45.60 -30.33 7.09
C ASN D 160 -46.72 -29.43 6.58
N PHE D 161 -47.54 -29.93 5.66
CA PHE D 161 -48.57 -29.13 5.03
C PHE D 161 -49.63 -28.63 6.02
N THR D 162 -49.95 -29.45 7.02
CA THR D 162 -50.89 -29.06 8.05
C THR D 162 -50.32 -27.91 8.87
N ASN D 163 -48.99 -27.86 8.95
CA ASN D 163 -48.29 -26.75 9.59
C ASN D 163 -48.21 -25.57 8.63
N ASN D 164 -48.89 -24.48 8.97
CA ASN D 164 -48.93 -23.31 8.11
C ASN D 164 -47.66 -22.47 8.22
N ALA D 165 -46.82 -22.79 9.21
CA ALA D 165 -45.57 -22.07 9.41
C ALA D 165 -44.45 -22.64 8.55
N LYS D 166 -44.73 -23.75 7.87
CA LYS D 166 -43.73 -24.41 7.03
C LYS D 166 -43.84 -23.94 5.58
N THR D 167 -42.69 -23.63 4.98
CA THR D 167 -42.64 -23.13 3.61
C THR D 167 -42.84 -24.26 2.61
N ILE D 168 -43.79 -24.07 1.69
CA ILE D 168 -44.01 -25.02 0.62
C ILE D 168 -43.18 -24.63 -0.61
N ILE D 169 -42.19 -25.45 -0.93
CA ILE D 169 -41.30 -25.17 -2.05
C ILE D 169 -41.89 -25.72 -3.36
N VAL D 170 -42.37 -24.82 -4.20
CA VAL D 170 -43.00 -25.20 -5.46
C VAL D 170 -41.95 -25.41 -6.56
N GLN D 171 -42.02 -26.57 -7.22
CA GLN D 171 -41.11 -26.87 -8.32
C GLN D 171 -41.89 -26.98 -9.63
N LEU D 172 -41.75 -25.98 -10.49
CA LEU D 172 -42.51 -25.93 -11.74
C LEU D 172 -42.00 -26.93 -12.78
N ASN D 173 -42.86 -27.31 -13.71
CA ASN D 173 -42.47 -28.18 -14.81
C ASN D 173 -42.31 -27.39 -16.12
N GLU D 174 -42.70 -26.12 -16.07
CA GLU D 174 -42.47 -25.19 -17.17
C GLU D 174 -42.01 -23.85 -16.62
N SER D 175 -41.02 -23.24 -17.26
CA SER D 175 -40.42 -22.01 -16.76
C SER D 175 -41.04 -20.75 -17.37
N VAL D 176 -40.98 -19.65 -16.62
CA VAL D 176 -41.44 -18.37 -17.09
C VAL D 176 -40.27 -17.39 -17.09
N VAL D 177 -39.99 -16.80 -18.25
CA VAL D 177 -38.84 -15.90 -18.40
C VAL D 177 -39.20 -14.46 -18.02
N ILE D 178 -38.48 -13.93 -17.03
CA ILE D 178 -38.66 -12.55 -16.58
C ILE D 178 -37.43 -11.72 -16.88
N ASN D 179 -37.62 -10.64 -17.63
CA ASN D 179 -36.49 -9.81 -18.08
C ASN D 179 -36.37 -8.50 -17.28
N CYS D 180 -35.37 -8.43 -16.42
CA CYS D 180 -35.18 -7.29 -15.52
C CYS D 180 -34.19 -6.31 -16.09
N THR D 181 -34.50 -5.02 -15.97
CA THR D 181 -33.71 -3.98 -16.63
C THR D 181 -33.57 -2.68 -15.84
N ARG D 182 -32.33 -2.22 -15.71
CA ARG D 182 -32.05 -0.88 -15.21
C ARG D 182 -31.70 -0.02 -16.41
N PRO D 183 -32.70 0.72 -16.93
CA PRO D 183 -32.53 1.56 -18.12
C PRO D 183 -31.34 2.50 -18.00
N ASN D 184 -30.55 2.62 -19.07
CA ASN D 184 -29.36 3.45 -19.07
C ASN D 184 -29.66 4.90 -18.67
N ASN D 185 -30.21 5.66 -19.60
CA ASN D 185 -30.62 7.04 -19.35
C ASN D 185 -29.51 7.91 -18.78
N GLY D 192 -32.78 9.15 -15.50
CA GLY D 192 -33.35 10.08 -14.54
C GLY D 192 -33.15 9.62 -13.11
N ASP D 193 -33.46 8.36 -12.87
CA ASP D 193 -33.29 7.76 -11.55
C ASP D 193 -32.43 6.51 -11.64
N ILE D 194 -31.21 6.59 -11.12
CA ILE D 194 -30.22 5.53 -11.25
C ILE D 194 -30.55 4.29 -10.41
N ARG D 195 -31.53 4.41 -9.52
CA ARG D 195 -31.96 3.29 -8.71
C ARG D 195 -33.22 2.65 -9.26
N GLN D 196 -33.96 3.42 -10.07
CA GLN D 196 -35.21 2.93 -10.64
C GLN D 196 -34.96 1.89 -11.73
N ALA D 197 -35.64 0.76 -11.61
CA ALA D 197 -35.55 -0.31 -12.59
C ALA D 197 -36.89 -1.01 -12.73
N HIS D 198 -36.95 -2.03 -13.57
CA HIS D 198 -38.18 -2.78 -13.78
C HIS D 198 -37.92 -4.17 -14.37
N CYS D 199 -38.97 -4.98 -14.41
CA CYS D 199 -38.88 -6.32 -14.98
C CYS D 199 -40.13 -6.66 -15.77
N ASN D 200 -39.97 -7.38 -16.87
CA ASN D 200 -41.10 -7.76 -17.71
C ASN D 200 -41.24 -9.27 -17.88
N LEU D 201 -42.48 -9.75 -17.80
CA LEU D 201 -42.77 -11.16 -18.05
C LEU D 201 -44.14 -11.29 -18.71
N SER D 202 -44.40 -12.44 -19.32
CA SER D 202 -45.66 -12.67 -20.00
C SER D 202 -46.83 -12.75 -19.02
N LYS D 203 -47.82 -11.88 -19.22
CA LYS D 203 -48.96 -11.79 -18.32
C LYS D 203 -49.84 -13.03 -18.38
N THR D 204 -50.04 -13.56 -19.59
CA THR D 204 -50.89 -14.73 -19.77
C THR D 204 -50.17 -16.01 -19.38
N GLN D 205 -48.87 -16.08 -19.65
CA GLN D 205 -48.08 -17.21 -19.21
C GLN D 205 -48.04 -17.29 -17.69
N TRP D 206 -48.11 -16.14 -17.03
CA TRP D 206 -48.05 -16.12 -15.56
C TRP D 206 -49.36 -16.53 -14.91
N GLU D 207 -50.48 -16.16 -15.52
CA GLU D 207 -51.78 -16.49 -14.97
C GLU D 207 -52.09 -17.97 -15.12
N ASN D 208 -51.42 -18.61 -16.08
CA ASN D 208 -51.55 -20.06 -16.24
C ASN D 208 -50.81 -20.81 -15.13
N THR D 209 -49.69 -20.26 -14.66
CA THR D 209 -48.95 -20.87 -13.56
C THR D 209 -49.75 -20.81 -12.27
N LEU D 210 -50.32 -19.65 -11.98
CA LEU D 210 -51.11 -19.45 -10.78
C LEU D 210 -52.34 -20.36 -10.77
N GLU D 211 -52.81 -20.72 -11.97
CA GLU D 211 -53.97 -21.59 -12.11
C GLU D 211 -53.58 -23.06 -11.93
N GLN D 212 -52.46 -23.46 -12.52
CA GLN D 212 -52.00 -24.84 -12.44
C GLN D 212 -51.49 -25.18 -11.03
N ILE D 213 -50.95 -24.18 -10.34
CA ILE D 213 -50.50 -24.38 -8.97
C ILE D 213 -51.71 -24.54 -8.04
N ALA D 214 -52.74 -23.75 -8.28
CA ALA D 214 -53.95 -23.77 -7.47
C ALA D 214 -54.72 -25.09 -7.59
N ILE D 215 -54.30 -25.94 -8.51
CA ILE D 215 -54.87 -27.28 -8.65
C ILE D 215 -54.11 -28.27 -7.77
N LYS D 216 -52.79 -28.12 -7.74
CA LYS D 216 -51.94 -28.93 -6.88
C LYS D 216 -52.18 -28.59 -5.41
N LEU D 217 -52.74 -27.41 -5.18
CA LEU D 217 -53.07 -26.98 -3.82
C LEU D 217 -54.45 -27.49 -3.40
N LYS D 218 -55.25 -27.91 -4.38
CA LYS D 218 -56.53 -28.54 -4.10
C LYS D 218 -56.38 -30.05 -4.00
N GLU D 219 -55.17 -30.53 -4.24
CA GLU D 219 -54.86 -31.95 -4.13
C GLU D 219 -54.17 -32.24 -2.80
N GLN D 220 -53.90 -31.19 -2.03
CA GLN D 220 -53.18 -31.31 -0.78
C GLN D 220 -54.02 -30.85 0.41
N PHE D 221 -55.04 -30.04 0.13
CA PHE D 221 -55.88 -29.49 1.19
C PHE D 221 -57.37 -29.79 0.98
N GLY D 222 -57.69 -30.43 -0.14
CA GLY D 222 -59.06 -30.78 -0.43
C GLY D 222 -59.62 -30.09 -1.65
N ASN D 223 -60.64 -30.68 -2.26
CA ASN D 223 -61.26 -30.13 -3.46
C ASN D 223 -62.44 -29.22 -3.14
N ASN D 224 -62.72 -29.05 -1.85
CA ASN D 224 -63.74 -28.11 -1.40
C ASN D 224 -63.12 -26.77 -1.07
N LYS D 225 -61.81 -26.67 -1.26
CA LYS D 225 -61.06 -25.46 -0.93
C LYS D 225 -61.01 -24.49 -2.09
N THR D 226 -61.02 -23.19 -1.78
CA THR D 226 -60.87 -22.15 -2.79
C THR D 226 -59.52 -21.46 -2.65
N ILE D 227 -58.61 -21.74 -3.58
CA ILE D 227 -57.25 -21.23 -3.50
C ILE D 227 -57.13 -19.76 -3.91
N ILE D 228 -56.59 -18.95 -3.02
CA ILE D 228 -56.40 -17.53 -3.27
C ILE D 228 -54.95 -17.12 -3.01
N PHE D 229 -54.40 -16.30 -3.91
CA PHE D 229 -53.04 -15.80 -3.76
C PHE D 229 -53.00 -14.33 -3.37
N ASN D 230 -52.34 -14.03 -2.26
CA ASN D 230 -52.22 -12.66 -1.76
C ASN D 230 -50.76 -12.25 -1.61
N PRO D 231 -50.47 -10.93 -1.62
CA PRO D 231 -49.09 -10.46 -1.47
C PRO D 231 -48.49 -10.79 -0.11
N SER D 232 -47.24 -10.39 0.11
CA SER D 232 -46.57 -10.61 1.38
C SER D 232 -47.25 -9.81 2.49
N SER D 233 -47.40 -10.44 3.66
CA SER D 233 -48.03 -9.78 4.80
C SER D 233 -47.22 -8.58 5.28
N GLY D 234 -45.96 -8.83 5.62
CA GLY D 234 -45.07 -7.78 6.09
C GLY D 234 -43.70 -8.30 6.46
N GLY D 235 -42.83 -7.40 6.90
CA GLY D 235 -41.48 -7.76 7.28
C GLY D 235 -40.44 -6.99 6.51
N ASP D 236 -39.23 -7.55 6.44
CA ASP D 236 -38.14 -6.94 5.69
C ASP D 236 -38.46 -6.97 4.19
N PRO D 237 -38.03 -5.94 3.46
CA PRO D 237 -38.32 -5.83 2.02
C PRO D 237 -37.74 -6.98 1.20
N GLU D 238 -36.82 -7.73 1.78
CA GLU D 238 -36.24 -8.90 1.11
C GLU D 238 -37.32 -9.96 0.88
N ILE D 239 -38.20 -10.11 1.84
CA ILE D 239 -39.28 -11.09 1.74
C ILE D 239 -40.63 -10.44 1.40
N VAL D 240 -40.67 -9.11 1.44
CA VAL D 240 -41.87 -8.37 1.07
C VAL D 240 -41.93 -8.22 -0.46
N THR D 241 -40.78 -7.93 -1.06
CA THR D 241 -40.68 -7.83 -2.50
C THR D 241 -39.92 -9.03 -3.06
N HIS D 242 -39.91 -9.16 -4.38
CA HIS D 242 -39.09 -10.18 -5.02
C HIS D 242 -37.66 -9.69 -5.11
N SER D 243 -36.88 -9.95 -4.07
CA SER D 243 -35.49 -9.50 -4.02
C SER D 243 -34.57 -10.52 -4.67
N PHE D 244 -33.57 -10.03 -5.39
CA PHE D 244 -32.56 -10.89 -6.01
C PHE D 244 -31.33 -10.08 -6.36
N ASN D 245 -30.39 -10.71 -7.07
CA ASN D 245 -29.16 -10.03 -7.46
C ASN D 245 -28.86 -10.17 -8.95
N CYS D 246 -29.07 -9.08 -9.70
CA CYS D 246 -28.81 -9.06 -11.12
C CYS D 246 -27.69 -8.09 -11.48
N GLY D 247 -26.62 -8.63 -12.06
CA GLY D 247 -25.49 -7.81 -12.48
C GLY D 247 -24.76 -7.16 -11.32
N GLY D 248 -24.66 -7.88 -10.21
CA GLY D 248 -23.98 -7.37 -9.03
C GLY D 248 -24.79 -6.34 -8.27
N GLU D 249 -26.05 -6.17 -8.66
CA GLU D 249 -26.93 -5.22 -8.02
C GLU D 249 -28.12 -5.92 -7.37
N PHE D 250 -28.52 -5.44 -6.20
CA PHE D 250 -29.62 -6.06 -5.47
C PHE D 250 -30.95 -5.42 -5.83
N PHE D 251 -31.74 -6.13 -6.62
CA PHE D 251 -33.05 -5.66 -7.06
C PHE D 251 -34.10 -5.97 -6.00
N TYR D 252 -35.11 -5.11 -5.91
CA TYR D 252 -36.21 -5.31 -4.98
C TYR D 252 -37.53 -5.13 -5.71
N CYS D 253 -37.88 -6.11 -6.55
CA CYS D 253 -39.07 -6.02 -7.39
C CYS D 253 -40.36 -6.25 -6.61
N ASN D 254 -41.17 -5.19 -6.54
CA ASN D 254 -42.50 -5.29 -5.93
C ASN D 254 -43.38 -6.26 -6.70
N SER D 255 -43.63 -7.43 -6.12
CA SER D 255 -44.40 -8.47 -6.78
C SER D 255 -45.86 -8.50 -6.33
N THR D 256 -46.49 -7.33 -6.32
CA THR D 256 -47.91 -7.24 -5.96
C THR D 256 -48.78 -7.80 -7.08
N GLN D 257 -48.40 -7.50 -8.31
CA GLN D 257 -49.14 -7.95 -9.47
C GLN D 257 -48.94 -9.45 -9.73
N LEU D 258 -47.87 -10.00 -9.17
CA LEU D 258 -47.59 -11.42 -9.29
C LEU D 258 -48.43 -12.24 -8.31
N PHE D 259 -48.81 -11.63 -7.20
CA PHE D 259 -49.54 -12.34 -6.15
C PHE D 259 -50.87 -11.70 -5.79
N THR D 260 -51.70 -11.47 -6.79
CA THR D 260 -53.09 -11.08 -6.59
C THR D 260 -53.94 -11.87 -7.58
N TRP D 261 -54.43 -13.03 -7.14
CA TRP D 261 -55.06 -13.96 -8.07
C TRP D 261 -56.26 -14.70 -7.48
N ASN D 262 -57.21 -14.99 -8.35
CA ASN D 262 -58.36 -15.84 -8.03
C ASN D 262 -58.89 -16.52 -9.28
N ASP D 263 -59.45 -17.71 -9.13
CA ASP D 263 -59.95 -18.47 -10.27
C ASP D 263 -61.13 -17.79 -10.95
N THR D 264 -61.77 -16.85 -10.25
CA THR D 264 -62.89 -16.09 -10.79
C THR D 264 -62.41 -14.75 -11.35
N GLY D 271 -53.73 -5.56 -21.13
CA GLY D 271 -52.36 -5.69 -21.56
C GLY D 271 -51.95 -7.12 -21.83
N ARG D 272 -50.65 -7.38 -21.87
CA ARG D 272 -50.12 -8.72 -22.12
C ARG D 272 -48.78 -8.90 -21.44
N ASN D 273 -48.23 -7.80 -20.91
CA ASN D 273 -46.97 -7.84 -20.18
C ASN D 273 -47.12 -7.35 -18.74
N ILE D 274 -46.46 -8.05 -17.82
CA ILE D 274 -46.44 -7.65 -16.42
C ILE D 274 -45.14 -6.91 -16.11
N THR D 275 -45.26 -5.63 -15.79
CA THR D 275 -44.11 -4.80 -15.45
C THR D 275 -44.01 -4.58 -13.94
N LEU D 276 -42.98 -5.17 -13.34
CA LEU D 276 -42.75 -5.02 -11.91
C LEU D 276 -41.86 -3.81 -11.64
N PRO D 277 -42.35 -2.86 -10.84
CA PRO D 277 -41.53 -1.71 -10.44
C PRO D 277 -40.40 -2.17 -9.51
N CYS D 278 -39.16 -1.91 -9.91
CA CYS D 278 -38.01 -2.37 -9.15
C CYS D 278 -37.20 -1.22 -8.56
N ARG D 279 -36.38 -1.53 -7.57
CA ARG D 279 -35.54 -0.54 -6.91
C ARG D 279 -34.18 -1.10 -6.53
N ILE D 280 -33.12 -0.55 -7.10
CA ILE D 280 -31.77 -0.92 -6.71
C ILE D 280 -31.45 -0.32 -5.35
N LYS D 281 -31.28 -1.17 -4.35
CA LYS D 281 -31.02 -0.72 -2.98
C LYS D 281 -29.57 -0.89 -2.59
N GLN D 282 -29.04 0.09 -1.86
CA GLN D 282 -27.67 0.02 -1.36
C GLN D 282 -27.59 -0.77 -0.06
N ILE D 283 -28.53 -0.51 0.85
CA ILE D 283 -28.55 -1.20 2.14
C ILE D 283 -29.29 -2.52 2.06
N ILE D 284 -28.62 -3.61 2.41
CA ILE D 284 -29.21 -4.93 2.29
C ILE D 284 -29.29 -5.61 3.66
N ASN D 285 -30.39 -6.28 3.92
CA ASN D 285 -30.51 -7.17 5.07
C ASN D 285 -29.89 -8.51 4.73
N MET D 286 -28.71 -8.79 5.29
CA MET D 286 -27.95 -9.99 4.94
C MET D 286 -28.72 -11.28 5.19
N TRP D 287 -28.41 -12.29 4.39
CA TRP D 287 -29.05 -13.60 4.51
C TRP D 287 -28.11 -14.60 5.16
N GLN D 288 -26.81 -14.34 5.06
CA GLN D 288 -25.81 -15.21 5.69
C GLN D 288 -26.02 -15.22 7.21
N GLU D 289 -26.21 -14.03 7.77
CA GLU D 289 -26.45 -13.89 9.19
C GLU D 289 -27.34 -12.68 9.44
N VAL D 290 -27.77 -12.51 10.69
CA VAL D 290 -28.62 -11.38 11.04
C VAL D 290 -27.81 -10.09 11.09
N GLY D 291 -28.18 -9.13 10.25
CA GLY D 291 -27.49 -7.86 10.20
C GLY D 291 -27.78 -7.07 8.94
N LYS D 292 -27.03 -6.00 8.72
CA LYS D 292 -27.22 -5.14 7.57
C LYS D 292 -25.91 -4.87 6.84
N ALA D 293 -26.00 -4.71 5.52
CA ALA D 293 -24.81 -4.48 4.70
C ALA D 293 -25.02 -3.31 3.74
N MET D 294 -23.95 -2.56 3.49
CA MET D 294 -24.01 -1.42 2.59
C MET D 294 -23.07 -1.58 1.42
N TYR D 295 -23.57 -1.31 0.22
CA TYR D 295 -22.76 -1.39 -0.99
C TYR D 295 -22.76 -0.05 -1.71
N ALA D 296 -21.79 0.13 -2.61
CA ALA D 296 -21.66 1.35 -3.39
C ALA D 296 -22.90 1.63 -4.23
N PRO D 297 -23.13 2.91 -4.60
CA PRO D 297 -24.24 3.27 -5.48
C PRO D 297 -24.19 2.50 -6.81
N PRO D 298 -25.36 2.21 -7.40
CA PRO D 298 -25.47 1.43 -8.64
C PRO D 298 -24.56 1.92 -9.76
N ILE D 299 -24.09 0.99 -10.58
CA ILE D 299 -23.12 1.30 -11.63
C ILE D 299 -23.76 2.03 -12.81
N ARG D 300 -22.94 2.30 -13.83
CA ARG D 300 -23.40 3.01 -15.02
C ARG D 300 -23.74 2.08 -16.17
N GLY D 301 -24.52 2.59 -17.12
CA GLY D 301 -24.94 1.80 -18.25
C GLY D 301 -26.21 1.01 -17.95
N GLN D 302 -26.50 0.01 -18.77
CA GLN D 302 -27.69 -0.81 -18.58
C GLN D 302 -27.34 -2.12 -17.89
N ILE D 303 -27.96 -2.33 -16.73
CA ILE D 303 -27.82 -3.60 -16.02
C ILE D 303 -29.03 -4.46 -16.35
N ARG D 304 -28.78 -5.63 -16.93
CA ARG D 304 -29.87 -6.46 -17.43
C ARG D 304 -29.46 -7.94 -17.51
N CYS D 305 -30.36 -8.83 -17.13
CA CYS D 305 -30.13 -10.27 -17.17
C CYS D 305 -31.45 -11.06 -17.19
N SER D 306 -31.66 -11.81 -18.28
CA SER D 306 -32.81 -12.70 -18.41
C SER D 306 -32.76 -13.92 -17.49
N SER D 307 -33.80 -14.11 -16.69
CA SER D 307 -33.85 -15.21 -15.75
C SER D 307 -35.02 -16.15 -15.94
N ASN D 308 -34.87 -17.41 -15.52
CA ASN D 308 -35.94 -18.41 -15.65
C ASN D 308 -36.55 -18.76 -14.30
N ILE D 309 -37.82 -18.39 -14.11
CA ILE D 309 -38.55 -18.72 -12.88
C ILE D 309 -38.93 -20.20 -12.90
N THR D 310 -38.11 -21.03 -12.24
CA THR D 310 -38.31 -22.47 -12.26
C THR D 310 -38.98 -22.99 -11.00
N GLY D 311 -39.14 -22.12 -10.01
CA GLY D 311 -39.74 -22.53 -8.74
C GLY D 311 -40.24 -21.38 -7.90
N LEU D 312 -40.94 -21.70 -6.81
CA LEU D 312 -41.49 -20.69 -5.92
C LEU D 312 -41.23 -21.00 -4.45
N LEU D 313 -41.50 -20.02 -3.60
CA LEU D 313 -41.40 -20.17 -2.15
C LEU D 313 -42.57 -19.44 -1.48
N LEU D 314 -43.67 -20.16 -1.27
CA LEU D 314 -44.87 -19.58 -0.69
C LEU D 314 -45.06 -20.06 0.75
N THR D 315 -46.10 -19.56 1.39
CA THR D 315 -46.52 -20.03 2.71
C THR D 315 -48.04 -20.06 2.79
N ARG D 316 -48.56 -20.67 3.85
CA ARG D 316 -50.01 -20.73 4.04
C ARG D 316 -50.40 -20.02 5.34
N ASP D 317 -51.54 -19.33 5.32
CA ASP D 317 -52.02 -18.64 6.50
C ASP D 317 -52.63 -19.62 7.50
N GLY D 318 -53.74 -20.24 7.14
CA GLY D 318 -54.42 -21.19 8.00
C GLY D 318 -55.06 -20.51 9.21
N GLY D 319 -55.05 -21.21 10.33
CA GLY D 319 -55.62 -20.69 11.56
C GLY D 319 -57.14 -20.64 11.51
N ASN D 323 -61.80 -21.26 7.36
CA ASN D 323 -62.29 -22.54 6.86
C ASN D 323 -62.82 -22.43 5.43
N GLY D 324 -62.36 -23.34 4.57
CA GLY D 324 -62.77 -23.36 3.17
C GLY D 324 -61.86 -22.55 2.27
N THR D 325 -61.63 -21.29 2.63
CA THR D 325 -60.78 -20.41 1.83
C THR D 325 -59.33 -20.44 2.30
N GLU D 326 -58.44 -20.88 1.41
CA GLU D 326 -57.02 -20.95 1.73
C GLU D 326 -56.25 -19.85 1.03
N ILE D 327 -55.56 -19.02 1.81
CA ILE D 327 -54.77 -17.92 1.27
C ILE D 327 -53.28 -18.23 1.29
N PHE D 328 -52.63 -18.07 0.15
CA PHE D 328 -51.21 -18.33 0.03
C PHE D 328 -50.43 -17.08 -0.36
N ARG D 329 -49.38 -16.79 0.41
CA ARG D 329 -48.58 -15.59 0.21
C ARG D 329 -47.12 -15.96 -0.07
N PRO D 330 -46.39 -15.10 -0.79
CA PRO D 330 -44.99 -15.38 -1.09
C PRO D 330 -44.13 -15.35 0.16
N GLY D 331 -43.23 -16.33 0.29
CA GLY D 331 -42.35 -16.41 1.45
C GLY D 331 -40.89 -16.18 1.10
N GLY D 332 -40.02 -16.99 1.68
CA GLY D 332 -38.60 -16.87 1.45
C GLY D 332 -37.86 -16.47 2.73
N GLY D 333 -36.59 -16.13 2.59
CA GLY D 333 -35.78 -15.73 3.72
C GLY D 333 -34.65 -16.70 3.99
N ASP D 334 -35.00 -17.96 4.25
CA ASP D 334 -34.01 -18.99 4.51
C ASP D 334 -33.46 -19.54 3.20
N MET D 335 -32.23 -19.17 2.87
CA MET D 335 -31.62 -19.57 1.61
C MET D 335 -31.29 -21.05 1.53
N ARG D 336 -31.50 -21.76 2.64
CA ARG D 336 -31.38 -23.22 2.67
C ARG D 336 -32.50 -23.79 1.82
N ASP D 337 -33.67 -23.15 1.86
CA ASP D 337 -34.79 -23.56 1.03
C ASP D 337 -34.44 -23.47 -0.45
N ASN D 338 -33.61 -22.49 -0.79
CA ASN D 338 -33.12 -22.35 -2.15
C ASN D 338 -32.26 -23.54 -2.59
N TRP D 339 -31.48 -24.07 -1.66
CA TRP D 339 -30.61 -25.20 -1.97
C TRP D 339 -31.39 -26.52 -1.99
N ARG D 340 -32.41 -26.62 -1.13
CA ARG D 340 -33.18 -27.85 -1.01
C ARG D 340 -33.99 -28.18 -2.27
N SER D 341 -34.46 -27.15 -2.97
CA SER D 341 -35.21 -27.33 -4.20
C SER D 341 -34.34 -27.92 -5.32
N GLU D 342 -33.02 -27.92 -5.09
CA GLU D 342 -32.08 -28.52 -6.02
C GLU D 342 -31.44 -29.75 -5.41
N LEU D 343 -31.26 -29.72 -4.09
CA LEU D 343 -30.61 -30.83 -3.38
C LEU D 343 -31.60 -31.72 -2.62
N TYR D 344 -32.76 -31.98 -3.22
CA TYR D 344 -33.75 -32.83 -2.58
C TYR D 344 -33.62 -34.29 -3.04
N LYS D 345 -33.31 -34.48 -4.32
CA LYS D 345 -33.19 -35.82 -4.88
C LYS D 345 -31.79 -36.38 -4.71
N TYR D 346 -31.19 -36.13 -3.54
CA TYR D 346 -29.82 -36.56 -3.27
C TYR D 346 -29.59 -36.86 -1.79
N LYS D 347 -28.55 -37.65 -1.53
CA LYS D 347 -28.07 -37.91 -0.16
C LYS D 347 -26.68 -38.52 -0.21
N VAL D 348 -25.92 -38.36 0.87
CA VAL D 348 -24.58 -38.94 0.96
C VAL D 348 -24.61 -40.23 1.78
N VAL D 349 -24.04 -41.29 1.21
CA VAL D 349 -23.94 -42.56 1.93
C VAL D 349 -22.50 -43.06 1.95
N LYS D 350 -22.15 -43.78 3.00
CA LYS D 350 -20.81 -44.34 3.13
C LYS D 350 -20.78 -45.79 2.69
N ILE D 351 -19.98 -46.09 1.66
CA ILE D 351 -19.87 -47.44 1.15
C ILE D 351 -18.96 -48.29 2.04
N GLU D 352 -19.56 -48.96 3.01
CA GLU D 352 -18.84 -49.85 3.93
C GLU D 352 -17.76 -49.14 4.76
#